data_6JTJ
#
_entry.id   6JTJ
#
_cell.length_a   102.184
_cell.length_b   125.307
_cell.length_c   190.614
_cell.angle_alpha   90.00
_cell.angle_beta   90.00
_cell.angle_gamma   90.00
#
_symmetry.space_group_name_H-M   'P 21 21 21'
#
loop_
_entity.id
_entity.type
_entity.pdbx_description
1 polymer Beta-hexosaminidase
2 non-polymer 2-acetamido-2-deoxy-beta-D-glucopyranose
3 water water
#
_entity_poly.entity_id   1
_entity_poly.type   'polypeptide(L)'
_entity_poly.pdbx_seq_one_letter_code
;MGSSHHHHHHSSGLVPRGSHMASMTGGQQMGRGSEFMTVPHIPRGPVMADIAAFRLTEEEKQRLLDPAIGGIILFRRNFQ
NIEQLKTLTAEIKALRTPELIIAVDHEGGRVQRFIEGFTRLPAMNVLGQIWDKDGASAAETAAGQVGRVLATELSACGID
LSFTPVLDLDWGNCAVIGNRSFHRNPEAVARLALALQKGLAKGGMKSCGKHFPGHGFVEGDSHLVLPEDGRSLDELEAAD
LAPFRIMSREGMAAVMPAHVVYPQVDTKPAGFSEIWLKQILRRDIGFKGVIFSDDLTMEGACGAGGIKERARISFEAGCD
IVLVCNRPDLVDELRDGFTIPDNQDLAGRWQYMENSLGHEAVQAVMQTMGFQAAQAFVAGLASPQDTAGGVKVGEAF
;
_entity_poly.pdbx_strand_id   A,B,C,D,E,F
#
loop_
_chem_comp.id
_chem_comp.type
_chem_comp.name
_chem_comp.formula
NAG D-saccharide, beta linking 2-acetamido-2-deoxy-beta-D-glucopyranose 'C8 H15 N O6'
#
# COMPACT_ATOMS: atom_id res chain seq x y z
N VAL A 39 -19.98 -16.73 -41.34
CA VAL A 39 -18.68 -16.57 -40.61
C VAL A 39 -18.84 -15.61 -39.42
N PRO A 40 -18.99 -16.16 -38.20
CA PRO A 40 -19.32 -15.30 -37.06
C PRO A 40 -18.27 -14.22 -36.76
N HIS A 41 -18.74 -13.04 -36.36
CA HIS A 41 -17.85 -11.98 -35.93
C HIS A 41 -17.79 -11.95 -34.42
N ILE A 42 -16.64 -12.37 -33.88
CA ILE A 42 -16.43 -12.47 -32.44
C ILE A 42 -15.09 -11.84 -32.09
N PRO A 43 -15.06 -10.94 -31.10
CA PRO A 43 -13.73 -10.43 -30.73
C PRO A 43 -12.77 -11.57 -30.30
N ARG A 44 -11.49 -11.35 -30.54
CA ARG A 44 -10.47 -12.35 -30.15
C ARG A 44 -10.42 -12.37 -28.64
N GLY A 45 -10.64 -13.56 -28.07
CA GLY A 45 -10.59 -13.73 -26.63
C GLY A 45 -9.17 -13.71 -26.09
N PRO A 46 -9.01 -13.74 -24.76
CA PRO A 46 -7.70 -13.63 -24.13
C PRO A 46 -7.00 -14.98 -23.89
N VAL A 47 -7.41 -16.04 -24.57
CA VAL A 47 -6.79 -17.36 -24.37
C VAL A 47 -6.17 -17.78 -25.69
N MET A 48 -4.93 -18.24 -25.63
CA MET A 48 -4.30 -18.85 -26.78
C MET A 48 -4.25 -20.35 -26.52
N ALA A 49 -4.89 -21.12 -27.38
CA ALA A 49 -5.00 -22.56 -27.19
C ALA A 49 -4.20 -23.24 -28.27
N ASP A 50 -4.41 -24.54 -28.47
CA ASP A 50 -3.67 -25.29 -29.49
C ASP A 50 -4.50 -26.46 -29.99
N ILE A 51 -3.93 -27.31 -30.84
CA ILE A 51 -4.69 -28.36 -31.50
C ILE A 51 -3.86 -29.63 -31.58
N ALA A 52 -4.53 -30.76 -31.81
CA ALA A 52 -3.93 -32.06 -31.62
C ALA A 52 -3.03 -32.50 -32.76
N ALA A 53 -3.46 -32.34 -34.00
CA ALA A 53 -2.77 -32.95 -35.12
C ALA A 53 -2.80 -32.09 -36.39
N PHE A 54 -2.94 -32.73 -37.56
CA PHE A 54 -2.70 -32.05 -38.84
C PHE A 54 -3.89 -31.27 -39.38
N ARG A 55 -5.11 -31.65 -38.95
CA ARG A 55 -6.34 -31.04 -39.44
C ARG A 55 -7.30 -30.91 -38.27
N LEU A 56 -8.12 -29.88 -38.28
CA LEU A 56 -9.05 -29.67 -37.18
C LEU A 56 -10.10 -30.78 -37.13
N THR A 57 -10.40 -31.25 -35.93
CA THR A 57 -11.54 -32.11 -35.70
C THR A 57 -12.72 -31.22 -35.47
N GLU A 58 -13.90 -31.82 -35.48
CA GLU A 58 -15.11 -31.07 -35.26
C GLU A 58 -15.16 -30.51 -33.84
N GLU A 59 -14.66 -31.29 -32.89
CA GLU A 59 -14.57 -30.86 -31.50
C GLU A 59 -13.70 -29.59 -31.39
N GLU A 60 -12.57 -29.61 -32.10
CA GLU A 60 -11.63 -28.49 -32.08
C GLU A 60 -12.27 -27.26 -32.69
N LYS A 61 -12.98 -27.44 -33.79
CA LYS A 61 -13.70 -26.34 -34.42
C LYS A 61 -14.63 -25.67 -33.42
N GLN A 62 -15.38 -26.47 -32.67
CA GLN A 62 -16.31 -25.93 -31.69
C GLN A 62 -15.55 -25.22 -30.59
N ARG A 63 -14.47 -25.83 -30.12
CA ARG A 63 -13.62 -25.18 -29.10
C ARG A 63 -13.10 -23.83 -29.57
N LEU A 64 -12.61 -23.75 -30.81
CA LEU A 64 -12.00 -22.51 -31.30
C LEU A 64 -13.02 -21.40 -31.58
N LEU A 65 -14.31 -21.75 -31.57
CA LEU A 65 -15.37 -20.76 -31.73
C LEU A 65 -15.71 -20.07 -30.42
N ASP A 66 -15.22 -20.60 -29.31
CA ASP A 66 -15.52 -20.05 -28.01
C ASP A 66 -14.95 -18.63 -27.90
N PRO A 67 -15.76 -17.68 -27.38
CA PRO A 67 -15.30 -16.28 -27.33
C PRO A 67 -14.09 -16.07 -26.41
N ALA A 68 -13.80 -17.05 -25.54
CA ALA A 68 -12.61 -16.99 -24.69
C ALA A 68 -11.30 -17.08 -25.50
N ILE A 69 -11.37 -17.68 -26.67
CA ILE A 69 -10.19 -17.94 -27.46
C ILE A 69 -9.92 -16.81 -28.45
N GLY A 70 -8.66 -16.39 -28.52
CA GLY A 70 -8.21 -15.38 -29.49
C GLY A 70 -7.11 -15.82 -30.45
N GLY A 71 -6.44 -16.95 -30.17
CA GLY A 71 -5.35 -17.40 -31.01
C GLY A 71 -4.94 -18.83 -30.73
N ILE A 72 -3.98 -19.31 -31.53
CA ILE A 72 -3.56 -20.71 -31.52
C ILE A 72 -2.05 -20.76 -31.66
N ILE A 73 -1.41 -21.63 -30.89
CA ILE A 73 0.01 -21.90 -31.04
C ILE A 73 0.13 -23.29 -31.65
N LEU A 74 0.98 -23.42 -32.67
CA LEU A 74 1.22 -24.70 -33.32
C LEU A 74 2.55 -25.31 -32.88
N PHE A 75 2.63 -26.62 -33.01
CA PHE A 75 3.78 -27.42 -32.63
C PHE A 75 4.12 -28.40 -33.75
N ARG A 76 5.21 -29.16 -33.57
CA ARG A 76 5.64 -30.10 -34.60
C ARG A 76 4.59 -31.14 -34.94
N ARG A 77 3.81 -31.54 -33.94
CA ARG A 77 2.74 -32.53 -34.15
C ARG A 77 1.66 -32.03 -35.08
N ASN A 78 1.63 -30.73 -35.33
CA ASN A 78 0.67 -30.15 -36.27
C ASN A 78 1.20 -30.05 -37.70
N PHE A 79 2.39 -30.59 -37.96
CA PHE A 79 3.05 -30.33 -39.22
C PHE A 79 3.42 -31.62 -39.94
N GLN A 80 2.92 -31.72 -41.16
CA GLN A 80 3.18 -32.81 -42.08
C GLN A 80 4.03 -32.29 -43.24
N ASN A 81 3.54 -31.24 -43.88
CA ASN A 81 4.25 -30.60 -44.97
C ASN A 81 3.59 -29.24 -45.20
N ILE A 82 4.20 -28.45 -46.07
CA ILE A 82 3.76 -27.08 -46.32
C ILE A 82 2.31 -26.97 -46.81
N GLU A 83 1.90 -27.87 -47.68
CA GLU A 83 0.54 -27.80 -48.23
C GLU A 83 -0.51 -28.16 -47.16
N GLN A 84 -0.23 -29.18 -46.36
CA GLN A 84 -1.11 -29.50 -45.23
C GLN A 84 -1.18 -28.31 -44.25
N LEU A 85 -0.04 -27.68 -43.97
CA LEU A 85 0.00 -26.57 -43.01
C LEU A 85 -0.86 -25.41 -43.51
N LYS A 86 -0.77 -25.12 -44.79
CA LYS A 86 -1.58 -24.05 -45.40
C LYS A 86 -3.07 -24.33 -45.27
N THR A 87 -3.44 -25.59 -45.47
CA THR A 87 -4.84 -26.02 -45.30
C THR A 87 -5.27 -25.84 -43.86
N LEU A 88 -4.39 -26.23 -42.94
CA LEU A 88 -4.68 -26.11 -41.51
C LEU A 88 -4.87 -24.66 -41.11
N THR A 89 -3.96 -23.78 -41.52
CA THR A 89 -4.05 -22.39 -41.10
C THR A 89 -5.26 -21.75 -41.72
N ALA A 90 -5.57 -22.13 -42.95
CA ALA A 90 -6.73 -21.56 -43.64
C ALA A 90 -8.02 -21.93 -42.91
N GLU A 91 -8.17 -23.20 -42.55
CA GLU A 91 -9.39 -23.63 -41.87
C GLU A 91 -9.49 -23.04 -40.45
N ILE A 92 -8.37 -22.80 -39.80
CA ILE A 92 -8.40 -22.07 -38.52
C ILE A 92 -8.89 -20.65 -38.70
N LYS A 93 -8.38 -19.98 -39.73
CA LYS A 93 -8.74 -18.59 -40.01
C LYS A 93 -10.20 -18.44 -40.47
N ALA A 94 -10.70 -19.44 -41.18
CA ALA A 94 -12.07 -19.42 -41.70
C ALA A 94 -13.16 -19.47 -40.60
N LEU A 95 -12.82 -19.90 -39.39
CA LEU A 95 -13.83 -20.10 -38.35
C LEU A 95 -14.51 -18.84 -37.89
N ARG A 96 -13.79 -17.73 -37.90
CA ARG A 96 -14.31 -16.51 -37.30
C ARG A 96 -13.52 -15.31 -37.73
N THR A 97 -14.05 -14.14 -37.40
CA THR A 97 -13.41 -12.86 -37.67
C THR A 97 -13.54 -11.97 -36.43
N PRO A 98 -12.51 -11.19 -36.08
CA PRO A 98 -11.16 -11.19 -36.65
C PRO A 98 -10.53 -12.58 -36.54
N GLU A 99 -9.74 -12.94 -37.53
CA GLU A 99 -9.21 -14.28 -37.64
C GLU A 99 -8.29 -14.56 -36.45
N LEU A 100 -8.41 -15.77 -35.93
CA LEU A 100 -7.57 -16.22 -34.83
C LEU A 100 -6.10 -16.03 -35.23
N ILE A 101 -5.33 -15.41 -34.35
CA ILE A 101 -3.88 -15.23 -34.52
C ILE A 101 -3.17 -16.57 -34.34
N ILE A 102 -2.28 -16.91 -35.26
CA ILE A 102 -1.58 -18.19 -35.25
C ILE A 102 -0.09 -17.97 -35.02
N ALA A 103 0.46 -18.63 -34.00
CA ALA A 103 1.87 -18.49 -33.65
C ALA A 103 2.59 -19.84 -33.60
N VAL A 104 3.91 -19.78 -33.62
CA VAL A 104 4.76 -20.98 -33.54
C VAL A 104 6.10 -20.57 -32.94
N ASP A 105 6.79 -21.54 -32.35
CA ASP A 105 8.15 -21.33 -31.84
C ASP A 105 9.18 -21.68 -32.92
N HIS A 106 9.49 -20.71 -33.78
CA HIS A 106 10.66 -20.83 -34.67
C HIS A 106 11.70 -19.88 -34.18
N GLU A 107 12.62 -20.41 -33.37
CA GLU A 107 13.75 -19.64 -32.87
C GLU A 107 14.95 -19.94 -33.74
N GLY A 108 15.22 -21.23 -33.94
CA GLY A 108 16.39 -21.71 -34.66
C GLY A 108 17.07 -22.83 -33.90
N GLY A 109 17.88 -23.60 -34.62
CA GLY A 109 18.63 -24.71 -34.02
C GLY A 109 17.72 -25.78 -33.52
N ARG A 110 17.81 -26.09 -32.24
CA ARG A 110 16.99 -27.14 -31.65
C ARG A 110 15.58 -26.68 -31.30
N VAL A 111 15.22 -25.41 -31.60
CA VAL A 111 13.85 -24.94 -31.47
C VAL A 111 13.38 -24.46 -32.84
N GLN A 112 12.89 -25.41 -33.63
CA GLN A 112 12.26 -25.14 -34.92
C GLN A 112 11.27 -26.24 -35.19
N ARG A 113 9.99 -25.93 -35.06
CA ARG A 113 8.95 -26.95 -35.11
C ARG A 113 8.86 -27.61 -36.47
N PHE A 114 8.91 -26.80 -37.51
CA PHE A 114 8.62 -27.23 -38.88
C PHE A 114 9.90 -27.35 -39.67
N ILE A 115 10.24 -28.56 -40.07
CA ILE A 115 11.53 -28.81 -40.67
C ILE A 115 11.43 -29.00 -42.19
N GLU A 116 10.73 -30.03 -42.63
CA GLU A 116 10.69 -30.38 -44.05
C GLU A 116 10.04 -29.28 -44.87
N GLY A 117 10.76 -28.82 -45.89
CA GLY A 117 10.28 -27.76 -46.78
C GLY A 117 10.67 -26.38 -46.31
N PHE A 118 11.32 -26.28 -45.16
CA PHE A 118 11.73 -24.99 -44.61
C PHE A 118 13.23 -24.95 -44.66
N THR A 119 13.77 -23.76 -44.76
CA THR A 119 15.20 -23.59 -44.54
C THR A 119 15.47 -23.97 -43.09
N ARG A 120 16.49 -24.78 -42.86
CA ARG A 120 16.92 -25.11 -41.50
C ARG A 120 17.60 -23.89 -40.88
N LEU A 121 17.14 -23.47 -39.71
CA LEU A 121 17.61 -22.25 -39.07
C LEU A 121 18.71 -22.55 -38.09
N PRO A 122 19.71 -21.69 -38.05
CA PRO A 122 20.76 -21.88 -37.06
C PRO A 122 20.30 -21.48 -35.65
N ALA A 123 20.90 -22.05 -34.61
CA ALA A 123 20.64 -21.60 -33.24
C ALA A 123 21.08 -20.16 -33.12
N MET A 124 20.44 -19.38 -32.25
CA MET A 124 20.80 -17.98 -32.09
C MET A 124 22.22 -17.74 -31.60
N ASN A 125 22.80 -18.67 -30.83
CA ASN A 125 24.18 -18.46 -30.39
C ASN A 125 25.18 -18.47 -31.57
N VAL A 126 24.81 -19.07 -32.69
CA VAL A 126 25.63 -19.03 -33.90
C VAL A 126 25.84 -17.60 -34.30
N LEU A 127 24.82 -16.78 -34.15
CA LEU A 127 24.94 -15.37 -34.52
C LEU A 127 25.89 -14.65 -33.58
N GLY A 128 25.85 -15.02 -32.31
CA GLY A 128 26.76 -14.44 -31.34
C GLY A 128 28.20 -14.90 -31.57
N GLN A 129 28.37 -16.09 -32.14
CA GLN A 129 29.72 -16.57 -32.49
C GLN A 129 30.28 -15.81 -33.69
N ILE A 130 29.43 -15.49 -34.65
CA ILE A 130 29.82 -14.60 -35.72
C ILE A 130 30.22 -13.23 -35.16
N TRP A 131 29.48 -12.73 -34.18
CA TRP A 131 29.80 -11.44 -33.56
C TRP A 131 31.23 -11.48 -33.01
N ASP A 132 31.54 -12.53 -32.26
CA ASP A 132 32.86 -12.67 -31.66
C ASP A 132 33.98 -12.85 -32.68
N LYS A 133 33.70 -13.58 -33.76
CA LYS A 133 34.71 -13.94 -34.74
C LYS A 133 34.88 -12.95 -35.87
N ASP A 134 33.78 -12.53 -36.50
CA ASP A 134 33.82 -11.62 -37.65
C ASP A 134 33.34 -10.21 -37.35
N GLY A 135 32.92 -9.94 -36.11
CA GLY A 135 32.50 -8.60 -35.71
C GLY A 135 31.02 -8.30 -35.83
N ALA A 136 30.62 -7.18 -35.23
CA ALA A 136 29.22 -6.81 -35.08
C ALA A 136 28.50 -6.64 -36.40
N SER A 137 29.16 -6.01 -37.35
CA SER A 137 28.50 -5.68 -38.57
C SER A 137 28.12 -6.96 -39.35
N ALA A 138 29.05 -7.92 -39.40
CA ALA A 138 28.79 -9.18 -40.09
C ALA A 138 27.67 -9.96 -39.37
N ALA A 139 27.68 -9.90 -38.04
CA ALA A 139 26.70 -10.60 -37.24
C ALA A 139 25.30 -10.00 -37.39
N GLU A 140 25.18 -8.67 -37.37
CA GLU A 140 23.89 -8.02 -37.58
C GLU A 140 23.32 -8.33 -38.95
N THR A 141 24.16 -8.29 -39.97
CA THR A 141 23.73 -8.61 -41.31
C THR A 141 23.20 -10.04 -41.35
N ALA A 142 23.93 -10.95 -40.72
CA ALA A 142 23.53 -12.35 -40.70
C ALA A 142 22.19 -12.51 -39.95
N ALA A 143 22.06 -11.84 -38.80
CA ALA A 143 20.80 -11.86 -38.04
C ALA A 143 19.60 -11.38 -38.86
N GLY A 144 19.77 -10.28 -39.60
CA GLY A 144 18.71 -9.76 -40.44
C GLY A 144 18.22 -10.77 -41.46
N GLN A 145 19.17 -11.48 -42.06
CA GLN A 145 18.83 -12.47 -43.04
C GLN A 145 18.12 -13.65 -42.39
N VAL A 146 18.58 -14.06 -41.21
CA VAL A 146 17.92 -15.16 -40.51
C VAL A 146 16.47 -14.78 -40.22
N GLY A 147 16.26 -13.57 -39.70
CA GLY A 147 14.91 -13.11 -39.41
C GLY A 147 14.01 -13.08 -40.63
N ARG A 148 14.55 -12.57 -41.72
CA ARG A 148 13.81 -12.48 -42.94
C ARG A 148 13.38 -13.84 -43.47
N VAL A 149 14.32 -14.78 -43.51
CA VAL A 149 14.00 -16.11 -44.01
C VAL A 149 12.99 -16.81 -43.08
N LEU A 150 13.28 -16.77 -41.80
CA LEU A 150 12.43 -17.37 -40.78
C LEU A 150 10.98 -16.91 -40.96
N ALA A 151 10.80 -15.61 -41.00
CA ALA A 151 9.45 -15.04 -41.02
C ALA A 151 8.76 -15.28 -42.35
N THR A 152 9.47 -15.03 -43.45
CA THR A 152 8.86 -15.10 -44.75
C THR A 152 8.32 -16.49 -45.03
N GLU A 153 9.10 -17.52 -44.73
CA GLU A 153 8.68 -18.88 -45.02
C GLU A 153 7.44 -19.27 -44.19
N LEU A 154 7.36 -18.78 -42.95
CA LEU A 154 6.19 -19.02 -42.13
C LEU A 154 5.00 -18.21 -42.64
N SER A 155 5.25 -16.97 -43.05
CA SER A 155 4.19 -16.10 -43.57
C SER A 155 3.49 -16.69 -44.78
N ALA A 156 4.25 -17.35 -45.64
CA ALA A 156 3.70 -18.06 -46.77
C ALA A 156 2.73 -19.18 -46.40
N CYS A 157 2.81 -19.68 -45.16
CA CYS A 157 1.95 -20.78 -44.71
C CYS A 157 0.77 -20.32 -43.87
N GLY A 158 0.62 -19.01 -43.71
CA GLY A 158 -0.51 -18.46 -42.98
C GLY A 158 -0.29 -18.24 -41.48
N ILE A 159 0.98 -18.25 -41.06
CA ILE A 159 1.36 -18.05 -39.67
C ILE A 159 1.47 -16.54 -39.46
N ASP A 160 1.07 -16.05 -38.31
CA ASP A 160 1.18 -14.62 -38.02
C ASP A 160 2.53 -14.22 -37.40
N LEU A 161 3.01 -15.04 -36.48
CA LEU A 161 4.08 -14.65 -35.56
C LEU A 161 4.90 -15.87 -35.13
N SER A 162 6.21 -15.72 -35.07
CA SER A 162 7.07 -16.65 -34.36
C SER A 162 7.41 -16.05 -32.99
N PHE A 163 7.37 -16.89 -31.96
CA PHE A 163 7.74 -16.45 -30.61
C PHE A 163 9.27 -16.38 -30.51
N THR A 164 9.82 -15.28 -31.02
CA THR A 164 11.25 -15.07 -31.06
C THR A 164 11.41 -13.54 -31.13
N PRO A 165 12.54 -13.00 -30.60
CA PRO A 165 13.73 -13.68 -30.11
C PRO A 165 13.86 -13.86 -28.62
N VAL A 166 14.64 -14.84 -28.25
CA VAL A 166 15.16 -14.98 -26.92
C VAL A 166 16.14 -13.84 -26.64
N LEU A 167 15.90 -13.12 -25.55
CA LEU A 167 16.72 -11.98 -25.13
C LEU A 167 17.49 -12.30 -23.85
N ASP A 168 17.32 -13.52 -23.36
CA ASP A 168 18.02 -13.98 -22.19
C ASP A 168 19.53 -13.95 -22.48
N LEU A 169 20.32 -13.60 -21.47
CA LEU A 169 21.77 -13.53 -21.62
C LEU A 169 22.37 -14.91 -21.29
N ASP A 170 23.39 -15.28 -22.04
CA ASP A 170 24.08 -16.51 -21.78
C ASP A 170 25.11 -16.34 -20.67
N TRP A 171 24.62 -16.45 -19.43
CA TRP A 171 25.49 -16.43 -18.27
C TRP A 171 26.22 -17.77 -18.08
N GLY A 172 25.91 -18.80 -18.88
CA GLY A 172 26.54 -20.11 -18.74
C GLY A 172 25.92 -20.90 -17.60
N ASN A 173 24.72 -20.54 -17.20
CA ASN A 173 24.05 -21.18 -16.08
C ASN A 173 22.83 -22.02 -16.42
N CYS A 174 22.12 -21.69 -17.49
CA CYS A 174 20.75 -22.21 -17.70
C CYS A 174 20.63 -23.12 -18.93
N ALA A 175 20.53 -24.43 -18.70
CA ALA A 175 20.52 -25.42 -19.80
C ALA A 175 19.27 -25.29 -20.69
N VAL A 176 18.13 -25.02 -20.09
CA VAL A 176 16.91 -24.94 -20.85
C VAL A 176 16.91 -23.77 -21.84
N ILE A 177 17.65 -22.71 -21.54
CA ILE A 177 17.94 -21.66 -22.52
C ILE A 177 19.08 -22.15 -23.40
N GLY A 178 20.21 -22.44 -22.81
CA GLY A 178 21.32 -22.98 -23.54
C GLY A 178 21.74 -22.14 -24.75
N ASN A 179 21.81 -22.79 -25.93
CA ASN A 179 22.21 -22.11 -27.16
C ASN A 179 21.14 -21.26 -27.81
N ARG A 180 20.00 -21.18 -27.14
CA ARG A 180 18.93 -20.34 -27.61
C ARG A 180 19.21 -18.87 -27.39
N SER A 181 20.16 -18.57 -26.52
CA SER A 181 20.60 -17.20 -26.28
C SER A 181 21.66 -16.78 -27.30
N PHE A 182 21.56 -15.53 -27.77
CA PHE A 182 22.51 -14.98 -28.72
C PHE A 182 23.94 -14.97 -28.17
N HIS A 183 24.09 -14.56 -26.92
CA HIS A 183 25.39 -14.13 -26.42
C HIS A 183 25.31 -13.84 -24.92
N ARG A 184 26.47 -13.80 -24.27
CA ARG A 184 26.58 -13.39 -22.88
C ARG A 184 26.34 -11.89 -22.65
N ASN A 185 26.72 -11.08 -23.62
CA ASN A 185 26.88 -9.65 -23.44
C ASN A 185 25.60 -8.95 -23.82
N PRO A 186 25.03 -8.16 -22.90
CA PRO A 186 23.76 -7.47 -23.22
C PRO A 186 23.76 -6.62 -24.47
N GLU A 187 24.88 -5.97 -24.77
CA GLU A 187 24.95 -5.16 -25.97
C GLU A 187 24.87 -6.02 -27.21
N ALA A 188 25.57 -7.15 -27.21
CA ALA A 188 25.51 -8.07 -28.34
C ALA A 188 24.08 -8.61 -28.50
N VAL A 189 23.47 -8.98 -27.39
CA VAL A 189 22.10 -9.53 -27.45
C VAL A 189 21.14 -8.49 -28.02
N ALA A 190 21.19 -7.27 -27.48
CA ALA A 190 20.29 -6.21 -27.93
C ALA A 190 20.45 -5.97 -29.41
N ARG A 191 21.68 -5.85 -29.86
CA ARG A 191 21.90 -5.48 -31.23
C ARG A 191 21.57 -6.60 -32.17
N LEU A 192 21.90 -7.83 -31.82
CA LEU A 192 21.52 -8.97 -32.67
C LEU A 192 19.99 -9.15 -32.70
N ALA A 193 19.33 -8.94 -31.56
CA ALA A 193 17.88 -9.02 -31.50
C ALA A 193 17.23 -7.94 -32.39
N LEU A 194 17.70 -6.70 -32.31
CA LEU A 194 17.16 -5.64 -33.16
C LEU A 194 17.32 -5.94 -34.62
N ALA A 195 18.46 -6.48 -34.99
CA ALA A 195 18.71 -6.84 -36.37
C ALA A 195 17.81 -7.98 -36.80
N LEU A 196 17.64 -8.97 -35.92
CA LEU A 196 16.72 -10.06 -36.24
C LEU A 196 15.30 -9.50 -36.42
N GLN A 197 14.92 -8.59 -35.53
CA GLN A 197 13.58 -7.99 -35.56
C GLN A 197 13.28 -7.29 -36.88
N LYS A 198 14.25 -6.55 -37.41
CA LYS A 198 14.10 -5.90 -38.73
C LYS A 198 13.90 -6.93 -39.79
N GLY A 199 14.66 -8.02 -39.71
CA GLY A 199 14.50 -9.13 -40.63
C GLY A 199 13.11 -9.75 -40.56
N LEU A 200 12.62 -9.98 -39.35
CA LEU A 200 11.26 -10.54 -39.15
C LEU A 200 10.18 -9.65 -39.77
N ALA A 201 10.29 -8.34 -39.55
CA ALA A 201 9.36 -7.37 -40.11
C ALA A 201 9.36 -7.37 -41.64
N LYS A 202 10.52 -7.55 -42.26
CA LYS A 202 10.56 -7.73 -43.71
C LYS A 202 9.74 -8.93 -44.12
N GLY A 203 9.78 -9.99 -43.31
CA GLY A 203 8.98 -11.21 -43.59
C GLY A 203 7.55 -11.14 -43.09
N GLY A 204 7.10 -9.98 -42.63
CA GLY A 204 5.70 -9.75 -42.28
C GLY A 204 5.37 -9.87 -40.82
N MET A 205 6.37 -10.10 -39.99
CA MET A 205 6.11 -10.47 -38.60
C MET A 205 6.66 -9.48 -37.59
N LYS A 206 5.94 -9.36 -36.49
CA LYS A 206 6.43 -8.70 -35.31
C LYS A 206 7.30 -9.66 -34.47
N SER A 207 7.82 -9.18 -33.36
CA SER A 207 8.69 -9.97 -32.50
C SER A 207 8.06 -10.20 -31.14
N CYS A 208 8.53 -11.24 -30.46
CA CYS A 208 8.16 -11.52 -29.11
C CYS A 208 9.42 -11.83 -28.30
N GLY A 209 9.79 -10.93 -27.40
CA GLY A 209 10.96 -11.10 -26.54
C GLY A 209 10.72 -12.08 -25.41
N LYS A 210 11.69 -12.95 -25.14
CA LYS A 210 11.56 -13.98 -24.11
C LYS A 210 12.87 -14.07 -23.34
N HIS A 211 12.87 -14.33 -22.03
CA HIS A 211 11.72 -14.50 -21.14
C HIS A 211 11.84 -13.42 -20.05
N PHE A 212 10.98 -12.42 -20.12
CA PHE A 212 11.07 -11.22 -19.27
C PHE A 212 10.98 -11.57 -17.80
N PRO A 213 11.88 -11.02 -16.96
CA PRO A 213 12.91 -10.01 -17.19
C PRO A 213 14.31 -10.56 -17.45
N GLY A 214 14.42 -11.86 -17.70
CA GLY A 214 15.71 -12.48 -18.00
C GLY A 214 15.84 -13.83 -17.34
N HIS A 215 15.91 -14.88 -18.16
CA HIS A 215 15.99 -16.27 -17.69
C HIS A 215 17.42 -16.81 -17.67
N GLY A 216 18.37 -16.00 -18.10
CA GLY A 216 19.72 -16.50 -18.34
C GLY A 216 20.56 -16.87 -17.13
N PHE A 217 20.26 -16.28 -15.96
CA PHE A 217 21.16 -16.38 -14.81
C PHE A 217 20.85 -17.60 -13.94
N VAL A 218 19.59 -17.99 -13.88
CA VAL A 218 19.23 -19.13 -13.07
C VAL A 218 19.76 -20.41 -13.68
N GLU A 219 19.84 -21.46 -12.86
CA GLU A 219 20.10 -22.77 -13.38
C GLU A 219 18.75 -23.39 -13.70
N GLY A 220 18.68 -24.18 -14.76
CA GLY A 220 17.41 -24.73 -15.21
C GLY A 220 17.66 -25.95 -16.05
N ASP A 221 17.59 -27.13 -15.41
CA ASP A 221 17.86 -28.40 -16.08
C ASP A 221 17.05 -29.59 -15.55
N VAL A 225 10.45 -27.53 -11.81
CA VAL A 225 10.86 -26.65 -10.70
C VAL A 225 10.81 -25.15 -11.01
N LEU A 226 10.72 -24.37 -9.95
CA LEU A 226 10.65 -22.92 -10.03
C LEU A 226 12.00 -22.29 -9.61
N PRO A 227 12.82 -21.89 -10.59
CA PRO A 227 14.16 -21.40 -10.21
C PRO A 227 14.13 -20.03 -9.53
N GLU A 228 15.20 -19.73 -8.82
CA GLU A 228 15.30 -18.50 -8.04
C GLU A 228 16.53 -17.70 -8.46
N ASP A 229 16.31 -16.45 -8.84
CA ASP A 229 17.39 -15.54 -9.25
C ASP A 229 17.53 -14.52 -8.12
N GLY A 230 18.61 -14.64 -7.35
CA GLY A 230 18.78 -13.84 -6.12
C GLY A 230 19.31 -12.42 -6.33
N ARG A 231 19.45 -11.97 -7.57
CA ARG A 231 20.08 -10.69 -7.83
C ARG A 231 19.15 -9.50 -7.57
N SER A 232 19.75 -8.33 -7.47
CA SER A 232 19.02 -7.09 -7.21
C SER A 232 18.53 -6.54 -8.53
N LEU A 233 17.53 -5.67 -8.43
CA LEU A 233 17.00 -4.99 -9.60
C LEU A 233 18.08 -4.22 -10.36
N ASP A 234 18.98 -3.57 -9.61
CA ASP A 234 20.06 -2.81 -10.25
C ASP A 234 20.96 -3.72 -11.09
N GLU A 235 21.27 -4.89 -10.56
CA GLU A 235 22.06 -5.86 -11.33
C GLU A 235 21.35 -6.25 -12.62
N LEU A 236 20.03 -6.45 -12.56
CA LEU A 236 19.26 -6.76 -13.75
C LEU A 236 19.18 -5.60 -14.71
N GLU A 237 19.01 -4.38 -14.18
CA GLU A 237 18.97 -3.20 -15.05
C GLU A 237 20.30 -3.03 -15.79
N ALA A 238 21.40 -3.36 -15.13
CA ALA A 238 22.71 -3.22 -15.72
C ALA A 238 22.98 -4.23 -16.83
N ALA A 239 22.21 -5.31 -16.89
CA ALA A 239 22.46 -6.35 -17.88
C ALA A 239 21.18 -6.94 -18.50
N ASP A 240 20.56 -7.87 -17.78
CA ASP A 240 19.50 -8.71 -18.39
C ASP A 240 18.30 -7.91 -18.92
N LEU A 241 17.95 -6.82 -18.24
CA LEU A 241 16.79 -6.01 -18.66
C LEU A 241 17.06 -5.12 -19.84
N ALA A 242 18.31 -4.80 -20.09
CA ALA A 242 18.60 -3.81 -21.12
C ALA A 242 18.08 -4.20 -22.49
N PRO A 243 18.24 -5.49 -22.91
CA PRO A 243 17.71 -5.85 -24.23
C PRO A 243 16.19 -5.71 -24.33
N PHE A 244 15.49 -5.98 -23.25
CA PHE A 244 14.05 -5.81 -23.23
C PHE A 244 13.67 -4.33 -23.41
N ARG A 245 14.35 -3.43 -22.68
CA ARG A 245 14.06 -1.98 -22.79
C ARG A 245 14.25 -1.50 -24.19
N ILE A 246 15.39 -1.87 -24.77
CA ILE A 246 15.74 -1.45 -26.10
C ILE A 246 14.78 -2.03 -27.16
N MET A 247 14.46 -3.31 -27.08
CA MET A 247 13.48 -3.90 -27.99
C MET A 247 12.08 -3.24 -27.85
N SER A 248 11.68 -2.99 -26.61
CA SER A 248 10.40 -2.33 -26.35
C SER A 248 10.37 -0.99 -27.07
N ARG A 249 11.41 -0.21 -26.88
CA ARG A 249 11.52 1.07 -27.53
C ARG A 249 11.41 0.96 -29.03
N GLU A 250 11.99 -0.08 -29.60
CA GLU A 250 12.01 -0.26 -31.05
C GLU A 250 10.84 -1.09 -31.62
N GLY A 251 9.74 -1.25 -30.88
CA GLY A 251 8.49 -1.79 -31.46
C GLY A 251 8.14 -3.25 -31.23
N MET A 252 8.85 -3.91 -30.31
CA MET A 252 8.55 -5.29 -29.99
C MET A 252 7.05 -5.46 -29.66
N ALA A 253 6.40 -6.48 -30.22
CA ALA A 253 4.94 -6.67 -30.08
C ALA A 253 4.51 -7.36 -28.83
N ALA A 254 5.38 -8.20 -28.30
CA ALA A 254 5.00 -9.06 -27.21
C ALA A 254 6.18 -9.46 -26.38
N VAL A 255 5.86 -9.99 -25.21
CA VAL A 255 6.81 -10.52 -24.30
C VAL A 255 6.25 -11.78 -23.68
N MET A 256 7.14 -12.73 -23.42
CA MET A 256 6.82 -13.89 -22.64
C MET A 256 7.61 -13.84 -21.35
N PRO A 257 6.99 -14.12 -20.19
CA PRO A 257 7.67 -13.93 -18.93
C PRO A 257 8.42 -15.18 -18.53
N ALA A 258 9.42 -15.00 -17.70
CA ALA A 258 10.13 -16.10 -17.15
C ALA A 258 9.34 -16.70 -16.00
N HIS A 259 9.30 -18.03 -15.94
CA HIS A 259 8.81 -18.74 -14.76
C HIS A 259 9.93 -18.82 -13.73
N VAL A 260 10.22 -17.68 -13.12
CA VAL A 260 11.38 -17.51 -12.27
C VAL A 260 11.01 -16.52 -11.19
N VAL A 261 11.45 -16.78 -9.96
CA VAL A 261 11.25 -15.85 -8.85
C VAL A 261 12.52 -15.03 -8.65
N TYR A 262 12.33 -13.72 -8.49
CA TYR A 262 13.42 -12.79 -8.24
C TYR A 262 13.15 -12.15 -6.87
N PRO A 263 13.52 -12.83 -5.77
CA PRO A 263 13.05 -12.45 -4.43
C PRO A 263 13.37 -11.03 -4.00
N GLN A 264 14.46 -10.45 -4.47
CA GLN A 264 14.76 -9.07 -4.13
C GLN A 264 13.78 -8.07 -4.74
N VAL A 265 13.00 -8.49 -5.73
CA VAL A 265 11.98 -7.63 -6.34
C VAL A 265 10.58 -8.08 -5.97
N ASP A 266 10.32 -9.37 -5.96
CA ASP A 266 9.01 -9.89 -5.61
C ASP A 266 9.11 -11.36 -5.29
N THR A 267 8.24 -11.81 -4.40
CA THR A 267 8.21 -13.20 -3.97
C THR A 267 7.48 -14.07 -4.98
N LYS A 268 6.77 -13.44 -5.90
CA LYS A 268 6.04 -14.17 -6.94
C LYS A 268 6.83 -14.29 -8.25
N PRO A 269 6.62 -15.39 -8.99
CA PRO A 269 7.25 -15.52 -10.30
C PRO A 269 6.82 -14.37 -11.17
N ALA A 270 7.71 -13.95 -12.08
CA ALA A 270 7.48 -12.78 -12.91
C ALA A 270 6.13 -12.77 -13.61
N GLY A 271 5.70 -13.92 -14.12
CA GLY A 271 4.47 -14.02 -14.88
C GLY A 271 3.20 -13.88 -14.05
N PHE A 272 3.36 -13.90 -12.72
CA PHE A 272 2.28 -13.69 -11.79
C PHE A 272 2.55 -12.47 -10.90
N SER A 273 3.40 -11.55 -11.34
CA SER A 273 3.82 -10.44 -10.50
C SER A 273 3.40 -9.09 -11.05
N GLU A 274 2.52 -8.41 -10.32
CA GLU A 274 2.15 -7.04 -10.64
C GLU A 274 3.35 -6.12 -10.68
N ILE A 275 4.29 -6.35 -9.77
CA ILE A 275 5.49 -5.52 -9.70
C ILE A 275 6.26 -5.64 -11.02
N TRP A 276 6.55 -6.88 -11.44
CA TRP A 276 7.29 -7.08 -12.70
C TRP A 276 6.52 -6.59 -13.90
N LEU A 277 5.24 -6.93 -13.99
CA LEU A 277 4.47 -6.69 -15.21
C LEU A 277 3.84 -5.30 -15.29
N LYS A 278 3.31 -4.78 -14.19
CA LYS A 278 2.66 -3.46 -14.24
C LYS A 278 3.64 -2.36 -13.90
N GLN A 279 4.28 -2.49 -12.76
CA GLN A 279 5.16 -1.43 -12.27
C GLN A 279 6.42 -1.32 -13.13
N ILE A 280 7.09 -2.44 -13.42
CA ILE A 280 8.35 -2.37 -14.15
C ILE A 280 8.14 -2.35 -15.65
N LEU A 281 7.48 -3.39 -16.19
CA LEU A 281 7.34 -3.49 -17.65
C LEU A 281 6.41 -2.43 -18.27
N ARG A 282 5.21 -2.25 -17.72
CA ARG A 282 4.27 -1.24 -18.25
C ARG A 282 4.74 0.18 -17.88
N ARG A 283 4.81 0.45 -16.58
CA ARG A 283 5.04 1.81 -16.09
C ARG A 283 6.47 2.35 -16.30
N ASP A 284 7.46 1.61 -15.81
CA ASP A 284 8.86 2.03 -15.92
C ASP A 284 9.43 1.90 -17.34
N ILE A 285 9.18 0.78 -18.02
CA ILE A 285 9.75 0.55 -19.35
C ILE A 285 8.88 1.17 -20.44
N GLY A 286 7.58 1.29 -20.20
CA GLY A 286 6.67 1.88 -21.21
C GLY A 286 6.15 0.93 -22.27
N PHE A 287 6.24 -0.38 -22.01
CA PHE A 287 5.85 -1.38 -23.01
C PHE A 287 4.33 -1.38 -23.21
N LYS A 288 3.88 -1.30 -24.46
CA LYS A 288 2.43 -1.29 -24.77
C LYS A 288 1.89 -2.55 -25.48
N GLY A 289 2.75 -3.55 -25.68
CA GLY A 289 2.35 -4.74 -26.42
C GLY A 289 1.74 -5.79 -25.55
N VAL A 290 1.68 -7.00 -26.08
CA VAL A 290 1.12 -8.15 -25.39
C VAL A 290 2.04 -8.67 -24.32
N ILE A 291 1.49 -8.93 -23.15
CA ILE A 291 2.15 -9.74 -22.19
C ILE A 291 1.43 -11.09 -22.19
N PHE A 292 2.10 -12.13 -22.70
CA PHE A 292 1.62 -13.51 -22.59
C PHE A 292 1.87 -14.06 -21.20
N SER A 293 1.09 -15.05 -20.80
CA SER A 293 1.33 -15.71 -19.50
C SER A 293 2.37 -16.84 -19.70
N ASP A 294 2.75 -17.49 -18.59
CA ASP A 294 3.42 -18.83 -18.61
C ASP A 294 2.47 -19.78 -19.28
N ASP A 295 2.92 -20.92 -19.84
CA ASP A 295 2.01 -22.06 -20.07
C ASP A 295 1.48 -22.41 -18.67
N LEU A 296 0.18 -22.21 -18.45
CA LEU A 296 -0.52 -22.37 -17.16
C LEU A 296 -0.77 -23.82 -16.81
N THR A 297 -0.53 -24.71 -17.75
CA THR A 297 -0.59 -26.12 -17.50
C THR A 297 0.50 -26.52 -16.53
N GLY A 306 -8.27 -24.35 -9.76
CA GLY A 306 -7.58 -25.07 -10.86
C GLY A 306 -7.06 -24.07 -11.89
N ILE A 307 -7.30 -24.41 -13.15
CA ILE A 307 -6.89 -23.59 -14.28
C ILE A 307 -7.55 -22.22 -14.21
N LYS A 308 -8.82 -22.17 -13.80
CA LYS A 308 -9.54 -20.90 -13.70
C LYS A 308 -8.84 -19.94 -12.76
N GLU A 309 -8.42 -20.47 -11.63
CA GLU A 309 -7.75 -19.64 -10.63
C GLU A 309 -6.38 -19.19 -11.14
N ARG A 310 -5.66 -20.11 -11.79
CA ARG A 310 -4.34 -19.82 -12.32
C ARG A 310 -4.42 -18.72 -13.40
N ALA A 311 -5.40 -18.84 -14.29
CA ALA A 311 -5.66 -17.77 -15.27
C ALA A 311 -6.02 -16.44 -14.58
N ARG A 312 -6.90 -16.50 -13.58
CA ARG A 312 -7.34 -15.28 -12.88
C ARG A 312 -6.16 -14.51 -12.33
N ILE A 313 -5.25 -15.21 -11.67
CA ILE A 313 -4.11 -14.55 -11.06
C ILE A 313 -3.17 -14.02 -12.14
N SER A 314 -3.10 -14.70 -13.28
CA SER A 314 -2.31 -14.21 -14.42
C SER A 314 -2.83 -12.88 -14.96
N PHE A 315 -4.11 -12.83 -15.25
CA PHE A 315 -4.73 -11.59 -15.71
C PHE A 315 -4.59 -10.46 -14.70
N GLU A 316 -4.86 -10.77 -13.44
CA GLU A 316 -4.74 -9.80 -12.35
C GLU A 316 -3.31 -9.25 -12.24
N ALA A 317 -2.31 -10.11 -12.51
CA ALA A 317 -0.91 -9.69 -12.46
C ALA A 317 -0.52 -8.77 -13.60
N GLY A 318 -1.26 -8.82 -14.71
CA GLY A 318 -0.99 -7.93 -15.85
C GLY A 318 -0.87 -8.59 -17.23
N CYS A 319 -1.02 -9.92 -17.32
CA CYS A 319 -1.00 -10.61 -18.62
C CYS A 319 -2.25 -10.27 -19.41
N ASP A 320 -2.07 -10.07 -20.72
CA ASP A 320 -3.18 -9.86 -21.65
C ASP A 320 -3.80 -11.19 -22.12
N ILE A 321 -2.95 -12.18 -22.37
CA ILE A 321 -3.35 -13.41 -23.01
C ILE A 321 -2.70 -14.59 -22.29
N VAL A 322 -3.50 -15.59 -21.94
CA VAL A 322 -2.95 -16.76 -21.27
C VAL A 322 -2.77 -17.91 -22.27
N LEU A 323 -1.66 -18.63 -22.12
CA LEU A 323 -1.33 -19.79 -22.94
C LEU A 323 -1.71 -21.03 -22.22
N VAL A 324 -2.42 -21.92 -22.89
CA VAL A 324 -2.80 -23.19 -22.34
C VAL A 324 -2.51 -24.22 -23.41
N CYS A 325 -1.35 -24.89 -23.30
CA CYS A 325 -0.89 -25.81 -24.31
C CYS A 325 -0.93 -27.29 -23.91
N ASN A 326 -1.17 -28.15 -24.90
CA ASN A 326 -1.20 -29.59 -24.74
C ASN A 326 -2.27 -30.08 -23.81
N ARG A 327 -3.26 -29.25 -23.49
CA ARG A 327 -4.30 -29.63 -22.53
C ARG A 327 -5.65 -29.06 -22.95
N PRO A 328 -6.21 -29.57 -24.06
CA PRO A 328 -7.55 -29.13 -24.44
C PRO A 328 -8.63 -29.33 -23.34
N ASP A 329 -8.41 -30.30 -22.45
CA ASP A 329 -9.30 -30.51 -21.31
C ASP A 329 -9.30 -29.30 -20.38
N LEU A 330 -8.12 -28.73 -20.14
CA LEU A 330 -8.03 -27.55 -19.30
C LEU A 330 -8.55 -26.31 -20.00
N VAL A 331 -8.42 -26.25 -21.31
CA VAL A 331 -9.03 -25.16 -22.06
C VAL A 331 -10.56 -25.28 -21.96
N ASP A 332 -11.08 -26.49 -22.10
CA ASP A 332 -12.53 -26.71 -21.98
C ASP A 332 -13.03 -26.31 -20.61
N GLU A 333 -12.28 -26.71 -19.59
CA GLU A 333 -12.60 -26.34 -18.22
C GLU A 333 -12.54 -24.83 -18.02
N LEU A 334 -11.49 -24.20 -18.51
CA LEU A 334 -11.34 -22.76 -18.36
C LEU A 334 -12.46 -21.97 -19.06
N ARG A 335 -12.76 -22.33 -20.29
CA ARG A 335 -13.73 -21.54 -21.08
C ARG A 335 -15.18 -21.67 -20.59
N ASP A 336 -15.49 -22.77 -19.91
CA ASP A 336 -16.85 -23.03 -19.44
C ASP A 336 -17.26 -22.05 -18.35
N GLY A 337 -18.17 -21.14 -18.66
CA GLY A 337 -18.58 -20.10 -17.72
C GLY A 337 -17.53 -19.04 -17.51
N PHE A 338 -16.63 -18.89 -18.47
CA PHE A 338 -15.53 -17.94 -18.38
C PHE A 338 -16.02 -16.51 -18.57
N THR A 339 -15.66 -15.62 -17.67
CA THR A 339 -15.92 -14.20 -17.89
C THR A 339 -14.66 -13.53 -18.43
N ILE A 340 -14.80 -12.87 -19.57
CA ILE A 340 -13.69 -12.18 -20.22
C ILE A 340 -13.31 -10.95 -19.42
N PRO A 341 -12.07 -10.87 -18.93
CA PRO A 341 -11.72 -9.69 -18.14
C PRO A 341 -11.75 -8.43 -18.98
N ASP A 342 -12.11 -7.32 -18.37
CA ASP A 342 -12.15 -6.05 -19.07
C ASP A 342 -10.73 -5.63 -19.45
N ASN A 343 -10.48 -5.50 -20.75
CA ASN A 343 -9.18 -5.09 -21.26
C ASN A 343 -9.40 -4.38 -22.57
N GLN A 344 -9.56 -3.07 -22.49
CA GLN A 344 -9.86 -2.24 -23.67
C GLN A 344 -8.71 -2.22 -24.68
N ASP A 345 -7.52 -2.65 -24.27
CA ASP A 345 -6.35 -2.68 -25.15
C ASP A 345 -6.18 -4.00 -25.91
N LEU A 346 -6.93 -5.03 -25.53
CA LEU A 346 -6.70 -6.38 -26.04
C LEU A 346 -6.81 -6.46 -27.54
N ALA A 347 -7.89 -5.90 -28.08
CA ALA A 347 -8.15 -6.00 -29.51
C ALA A 347 -7.02 -5.42 -30.34
N GLY A 348 -6.50 -4.27 -29.93
CA GLY A 348 -5.38 -3.62 -30.62
C GLY A 348 -4.05 -4.35 -30.44
N ARG A 349 -3.83 -4.88 -29.25
CA ARG A 349 -2.67 -5.70 -28.96
C ARG A 349 -2.63 -6.99 -29.80
N TRP A 350 -3.75 -7.69 -29.95
CA TRP A 350 -3.83 -8.83 -30.89
C TRP A 350 -3.61 -8.38 -32.32
N GLN A 351 -4.27 -7.28 -32.70
CA GLN A 351 -4.24 -6.84 -34.10
C GLN A 351 -2.83 -6.38 -34.55
N TYR A 352 -2.07 -5.74 -33.67
CA TYR A 352 -0.67 -5.39 -33.94
C TYR A 352 0.18 -6.62 -34.36
N MET A 353 -0.19 -7.80 -33.89
CA MET A 353 0.54 -9.03 -34.22
C MET A 353 0.11 -9.71 -35.52
N GLU A 354 -0.95 -9.22 -36.17
CA GLU A 354 -1.37 -9.84 -37.42
C GLU A 354 -0.26 -9.71 -38.44
N ASN A 355 -0.12 -10.73 -39.27
CA ASN A 355 0.91 -10.69 -40.30
C ASN A 355 0.63 -9.51 -41.25
N SER A 356 1.69 -8.81 -41.64
CA SER A 356 1.55 -7.60 -42.45
C SER A 356 1.70 -7.87 -43.95
N LEU A 357 2.10 -9.08 -44.33
CA LEU A 357 2.20 -9.44 -45.73
C LEU A 357 1.01 -10.25 -46.22
N GLY A 358 0.47 -9.84 -47.37
CA GLY A 358 -0.54 -10.64 -48.06
C GLY A 358 0.09 -11.82 -48.76
N HIS A 359 -0.72 -12.83 -49.04
CA HIS A 359 -0.25 -14.09 -49.62
C HIS A 359 0.47 -13.89 -50.95
N GLU A 360 -0.08 -13.03 -51.79
CA GLU A 360 0.53 -12.78 -53.10
C GLU A 360 1.85 -12.07 -52.96
N ALA A 361 1.90 -11.07 -52.09
CA ALA A 361 3.17 -10.40 -51.80
C ALA A 361 4.27 -11.38 -51.36
N VAL A 362 3.91 -12.37 -50.54
CA VAL A 362 4.90 -13.35 -50.05
C VAL A 362 5.39 -14.21 -51.19
N GLN A 363 4.48 -14.69 -52.02
CA GLN A 363 4.88 -15.53 -53.14
C GLN A 363 5.82 -14.77 -54.06
N ALA A 364 5.55 -13.49 -54.27
CA ALA A 364 6.37 -12.65 -55.14
C ALA A 364 7.79 -12.53 -54.59
N VAL A 365 7.90 -12.16 -53.32
CA VAL A 365 9.22 -12.01 -52.71
C VAL A 365 10.02 -13.33 -52.71
N MET A 366 9.36 -14.47 -52.54
CA MET A 366 10.06 -15.75 -52.48
C MET A 366 10.64 -16.19 -53.81
N GLN A 367 10.13 -15.63 -54.91
CA GLN A 367 10.70 -15.89 -56.21
C GLN A 367 11.93 -15.06 -56.53
N THR A 368 12.14 -13.98 -55.80
CA THR A 368 13.24 -13.10 -56.10
C THR A 368 14.56 -13.79 -55.80
N MET A 369 15.58 -13.40 -56.53
CA MET A 369 16.91 -13.95 -56.36
C MET A 369 17.48 -13.54 -55.01
N GLY A 370 17.17 -12.32 -54.59
CA GLY A 370 17.62 -11.80 -53.31
C GLY A 370 17.18 -12.67 -52.14
N PHE A 371 15.91 -13.05 -52.13
CA PHE A 371 15.39 -13.92 -51.10
C PHE A 371 15.97 -15.32 -51.20
N GLN A 372 16.07 -15.85 -52.40
CA GLN A 372 16.61 -17.19 -52.58
C GLN A 372 18.04 -17.27 -52.11
N ALA A 373 18.78 -16.18 -52.30
CA ALA A 373 20.15 -16.12 -51.82
C ALA A 373 20.18 -16.07 -50.29
N ALA A 374 19.27 -15.31 -49.70
CA ALA A 374 19.13 -15.26 -48.24
C ALA A 374 18.88 -16.67 -47.69
N GLN A 375 17.96 -17.41 -48.32
CA GLN A 375 17.70 -18.79 -47.96
C GLN A 375 18.97 -19.64 -47.92
N ALA A 376 19.75 -19.58 -48.99
CA ALA A 376 20.99 -20.38 -49.06
C ALA A 376 22.05 -19.95 -48.04
N PHE A 377 22.17 -18.65 -47.80
CA PHE A 377 23.06 -18.15 -46.76
C PHE A 377 22.67 -18.70 -45.37
N VAL A 378 21.37 -18.64 -45.06
CA VAL A 378 20.89 -19.06 -43.75
C VAL A 378 21.07 -20.58 -43.63
N ALA A 379 20.72 -21.32 -44.68
CA ALA A 379 20.97 -22.76 -44.70
C ALA A 379 22.43 -23.11 -44.40
N GLY A 380 23.34 -22.28 -44.90
CA GLY A 380 24.77 -22.47 -44.68
C GLY A 380 25.21 -22.24 -43.24
N LEU A 381 24.58 -21.29 -42.56
CA LEU A 381 24.84 -21.11 -41.11
C LEU A 381 24.38 -22.32 -40.31
N ALA A 382 23.28 -22.95 -40.73
CA ALA A 382 22.77 -24.12 -40.03
C ALA A 382 23.53 -25.44 -40.30
N SER A 383 24.38 -25.49 -41.33
CA SER A 383 25.17 -26.72 -41.62
C SER A 383 26.65 -26.62 -41.22
N VAL B 39 -11.41 20.12 -45.43
CA VAL B 39 -11.08 20.13 -43.97
C VAL B 39 -9.85 19.25 -43.68
N PRO B 40 -8.66 19.86 -43.54
CA PRO B 40 -7.41 19.07 -43.41
C PRO B 40 -7.38 18.11 -42.22
N HIS B 41 -6.83 16.92 -42.43
CA HIS B 41 -6.66 15.97 -41.36
C HIS B 41 -5.23 16.03 -40.86
N ILE B 42 -5.06 16.58 -39.65
CA ILE B 42 -3.74 16.82 -39.05
C ILE B 42 -3.79 16.32 -37.60
N PRO B 43 -2.84 15.48 -37.18
CA PRO B 43 -2.83 15.11 -35.77
C PRO B 43 -2.77 16.35 -34.84
N ARG B 44 -3.37 16.23 -33.68
CA ARG B 44 -3.31 17.31 -32.71
C ARG B 44 -1.89 17.44 -32.21
N GLY B 45 -1.35 18.65 -32.33
CA GLY B 45 -0.01 18.96 -31.83
C GLY B 45 0.07 19.08 -30.31
N PRO B 46 1.29 19.21 -29.76
CA PRO B 46 1.50 19.28 -28.32
C PRO B 46 1.44 20.69 -27.71
N VAL B 47 0.88 21.66 -28.43
CA VAL B 47 0.80 23.02 -27.90
C VAL B 47 -0.65 23.39 -27.76
N MET B 48 -1.00 23.96 -26.59
CA MET B 48 -2.31 24.53 -26.41
C MET B 48 -2.14 26.04 -26.45
N ALA B 49 -2.77 26.67 -27.41
CA ALA B 49 -2.66 28.11 -27.58
C ALA B 49 -3.97 28.75 -27.15
N ASP B 50 -4.16 30.01 -27.51
CA ASP B 50 -5.36 30.72 -27.15
C ASP B 50 -5.69 31.77 -28.22
N ILE B 51 -6.71 32.56 -27.97
CA ILE B 51 -7.31 33.44 -28.95
C ILE B 51 -7.53 34.82 -28.30
N ALA B 52 -7.55 35.87 -29.11
CA ALA B 52 -7.57 37.24 -28.56
C ALA B 52 -8.94 37.69 -28.06
N ALA B 53 -10.00 37.43 -28.83
CA ALA B 53 -11.29 38.01 -28.53
C ALA B 53 -12.46 37.08 -28.87
N PHE B 54 -13.56 37.63 -29.41
CA PHE B 54 -14.81 36.89 -29.49
C PHE B 54 -14.93 36.00 -30.72
N ARG B 55 -14.20 36.32 -31.78
CA ARG B 55 -14.27 35.59 -33.04
C ARG B 55 -12.87 35.44 -33.60
N LEU B 56 -12.62 34.36 -34.34
CA LEU B 56 -11.32 34.16 -34.93
C LEU B 56 -11.03 35.21 -35.99
N THR B 57 -9.82 35.73 -35.96
CA THR B 57 -9.31 36.50 -37.10
C THR B 57 -8.72 35.53 -38.10
N GLU B 58 -8.42 36.04 -39.29
CA GLU B 58 -7.80 35.24 -40.32
C GLU B 58 -6.41 34.77 -39.90
N GLU B 59 -5.67 35.65 -39.21
CA GLU B 59 -4.35 35.30 -38.69
C GLU B 59 -4.42 34.15 -37.72
N GLU B 60 -5.43 34.19 -36.84
CA GLU B 60 -5.65 33.13 -35.85
C GLU B 60 -5.99 31.81 -36.52
N LYS B 61 -6.84 31.87 -37.54
CA LYS B 61 -7.17 30.67 -38.32
C LYS B 61 -5.92 30.00 -38.89
N GLN B 62 -5.03 30.81 -39.46
CA GLN B 62 -3.78 30.27 -39.99
C GLN B 62 -2.91 29.68 -38.88
N ARG B 63 -2.81 30.40 -37.77
CA ARG B 63 -2.06 29.90 -36.63
C ARG B 63 -2.59 28.54 -36.15
N LEU B 64 -3.92 28.41 -36.04
CA LEU B 64 -4.51 27.20 -35.47
C LEU B 64 -4.44 26.02 -36.41
N LEU B 65 -4.05 26.27 -37.65
CA LEU B 65 -3.81 25.19 -38.61
C LEU B 65 -2.44 24.56 -38.48
N ASP B 66 -1.54 25.21 -37.74
CA ASP B 66 -0.17 24.71 -37.58
C ASP B 66 -0.17 23.36 -36.88
N PRO B 67 0.60 22.38 -37.39
CA PRO B 67 0.60 21.04 -36.77
C PRO B 67 1.12 21.01 -35.33
N ALA B 68 1.80 22.06 -34.90
CA ALA B 68 2.27 22.15 -33.52
C ALA B 68 1.10 22.30 -32.52
N ILE B 69 -0.03 22.80 -32.99
CA ILE B 69 -1.15 23.11 -32.14
C ILE B 69 -2.12 21.94 -32.07
N GLY B 70 -2.56 21.62 -30.86
CA GLY B 70 -3.54 20.56 -30.62
C GLY B 70 -4.78 20.98 -29.86
N GLY B 71 -4.76 22.17 -29.26
CA GLY B 71 -5.92 22.65 -28.54
C GLY B 71 -5.86 24.13 -28.19
N ILE B 72 -6.93 24.61 -27.56
CA ILE B 72 -7.11 26.02 -27.25
C ILE B 72 -7.70 26.14 -25.84
N ILE B 73 -7.19 27.09 -25.08
CA ILE B 73 -7.77 27.45 -23.80
C ILE B 73 -8.44 28.80 -23.97
N LEU B 74 -9.66 28.91 -23.47
CA LEU B 74 -10.42 30.13 -23.52
C LEU B 74 -10.42 30.84 -22.17
N PHE B 75 -10.66 32.15 -22.22
CA PHE B 75 -10.68 33.00 -21.05
C PHE B 75 -11.89 33.93 -21.14
N ARG B 76 -12.08 34.75 -20.09
CA ARG B 76 -13.22 35.65 -20.05
C ARG B 76 -13.25 36.63 -21.23
N ARG B 77 -12.08 37.06 -21.73
CA ARG B 77 -12.01 37.95 -22.88
C ARG B 77 -12.56 37.34 -24.16
N ASN B 78 -12.74 36.01 -24.17
CA ASN B 78 -13.30 35.34 -25.32
C ASN B 78 -14.83 35.16 -25.23
N PHE B 79 -15.45 35.72 -24.20
CA PHE B 79 -16.84 35.46 -23.93
C PHE B 79 -17.66 36.73 -23.92
N GLN B 80 -18.67 36.74 -24.78
CA GLN B 80 -19.66 37.82 -24.89
C GLN B 80 -21.00 37.29 -24.37
N ASN B 81 -21.45 36.19 -24.98
CA ASN B 81 -22.67 35.54 -24.57
C ASN B 81 -22.65 34.13 -25.17
N ILE B 82 -23.64 33.33 -24.82
CA ILE B 82 -23.67 31.94 -25.20
C ILE B 82 -23.67 31.73 -26.71
N GLU B 83 -24.42 32.55 -27.44
CA GLU B 83 -24.54 32.35 -28.88
C GLU B 83 -23.23 32.69 -29.57
N GLN B 84 -22.60 33.78 -29.15
CA GLN B 84 -21.26 34.10 -29.68
C GLN B 84 -20.25 32.97 -29.36
N LEU B 85 -20.30 32.43 -28.15
CA LEU B 85 -19.37 31.37 -27.75
C LEU B 85 -19.53 30.12 -28.61
N LYS B 86 -20.77 29.73 -28.85
CA LYS B 86 -21.07 28.60 -29.74
C LYS B 86 -20.51 28.79 -31.13
N THR B 87 -20.64 30.01 -31.65
CA THR B 87 -20.07 30.35 -32.96
C THR B 87 -18.55 30.25 -32.94
N LEU B 88 -17.96 30.76 -31.88
CA LEU B 88 -16.51 30.69 -31.70
C LEU B 88 -16.01 29.25 -31.65
N THR B 89 -16.63 28.42 -30.82
CA THR B 89 -16.16 27.03 -30.70
C THR B 89 -16.36 26.26 -31.99
N ALA B 90 -17.47 26.54 -32.66
CA ALA B 90 -17.76 25.84 -33.93
C ALA B 90 -16.71 26.16 -34.97
N GLU B 91 -16.37 27.46 -35.11
CA GLU B 91 -15.38 27.86 -36.10
C GLU B 91 -13.97 27.36 -35.75
N ILE B 92 -13.65 27.24 -34.46
CA ILE B 92 -12.40 26.56 -34.05
C ILE B 92 -12.37 25.10 -34.46
N LYS B 93 -13.49 24.39 -34.22
CA LYS B 93 -13.57 22.97 -34.53
C LYS B 93 -13.56 22.69 -36.04
N ALA B 94 -14.13 23.60 -36.81
CA ALA B 94 -14.21 23.44 -38.26
C ALA B 94 -12.86 23.49 -38.98
N LEU B 95 -11.83 24.03 -38.34
CA LEU B 95 -10.52 24.20 -39.01
C LEU B 95 -9.83 22.93 -39.42
N ARG B 96 -10.01 21.87 -38.65
CA ARG B 96 -9.22 20.66 -38.85
C ARG B 96 -9.82 19.50 -38.10
N THR B 97 -9.28 18.32 -38.40
CA THR B 97 -9.66 17.07 -37.75
C THR B 97 -8.40 16.28 -37.44
N PRO B 98 -8.34 15.58 -36.29
CA PRO B 98 -9.26 15.66 -35.16
C PRO B 98 -9.41 17.08 -34.68
N GLU B 99 -10.61 17.43 -34.24
CA GLU B 99 -10.95 18.79 -33.91
C GLU B 99 -10.10 19.24 -32.73
N LEU B 100 -9.62 20.48 -32.80
CA LEU B 100 -8.86 21.04 -31.70
C LEU B 100 -9.65 20.93 -30.41
N ILE B 101 -9.00 20.45 -29.35
CA ILE B 101 -9.61 20.36 -28.02
C ILE B 101 -9.71 21.75 -27.41
N ILE B 102 -10.87 22.07 -26.83
CA ILE B 102 -11.12 23.38 -26.26
C ILE B 102 -11.35 23.25 -24.76
N ALA B 103 -10.60 24.02 -23.97
CA ALA B 103 -10.71 23.98 -22.52
C ALA B 103 -10.93 25.36 -21.92
N VAL B 104 -11.38 25.35 -20.66
CA VAL B 104 -11.60 26.57 -19.90
C VAL B 104 -11.43 26.26 -18.41
N ASP B 105 -11.10 27.29 -17.63
CA ASP B 105 -11.06 27.20 -16.17
C ASP B 105 -12.44 27.54 -15.59
N HIS B 106 -13.30 26.53 -15.47
CA HIS B 106 -14.53 26.62 -14.63
C HIS B 106 -14.38 25.72 -13.42
N GLU B 107 -13.93 26.30 -12.32
CA GLU B 107 -13.89 25.63 -11.04
C GLU B 107 -15.11 25.91 -10.20
N GLY B 108 -15.46 27.19 -10.13
CA GLY B 108 -16.47 27.66 -9.21
C GLY B 108 -15.98 28.87 -8.42
N GLY B 109 -16.90 29.61 -7.87
CA GLY B 109 -16.56 30.72 -6.99
C GLY B 109 -15.78 31.73 -7.81
N ARG B 110 -14.57 32.06 -7.36
CA ARG B 110 -13.79 33.15 -8.01
C ARG B 110 -12.98 32.69 -9.21
N VAL B 111 -13.18 31.43 -9.62
CA VAL B 111 -12.62 30.93 -10.86
C VAL B 111 -13.73 30.37 -11.75
N GLN B 112 -14.33 31.26 -12.52
CA GLN B 112 -15.36 30.93 -13.48
C GLN B 112 -15.30 32.00 -14.56
N ARG B 113 -14.76 31.65 -15.73
CA ARG B 113 -14.56 32.60 -16.82
C ARG B 113 -15.87 33.20 -17.36
N PHE B 114 -16.85 32.33 -17.57
CA PHE B 114 -18.08 32.69 -18.28
C PHE B 114 -19.21 32.83 -17.29
N ILE B 115 -19.72 34.03 -17.13
CA ILE B 115 -20.70 34.34 -16.11
C ILE B 115 -22.12 34.44 -16.70
N GLU B 116 -22.33 35.39 -17.60
CA GLU B 116 -23.67 35.69 -18.10
C GLU B 116 -24.24 34.52 -18.89
N GLY B 117 -25.43 34.07 -18.49
CA GLY B 117 -26.11 32.96 -19.16
C GLY B 117 -25.75 31.60 -18.58
N PHE B 118 -24.82 31.57 -17.61
CA PHE B 118 -24.41 30.34 -16.97
C PHE B 118 -24.93 30.35 -15.55
N THR B 119 -25.16 29.17 -14.99
CA THR B 119 -25.41 29.07 -13.57
C THR B 119 -24.13 29.51 -12.87
N ARG B 120 -24.25 30.40 -11.88
CA ARG B 120 -23.12 30.80 -11.08
C ARG B 120 -22.74 29.62 -10.18
N LEU B 121 -21.48 29.22 -10.23
CA LEU B 121 -21.01 28.06 -9.49
C LEU B 121 -20.47 28.45 -8.13
N PRO B 122 -20.76 27.63 -7.11
CA PRO B 122 -20.16 27.87 -5.80
C PRO B 122 -18.69 27.53 -5.80
N ALA B 123 -17.97 28.14 -4.85
CA ALA B 123 -16.60 27.71 -4.57
C ALA B 123 -16.63 26.26 -4.03
N MET B 124 -15.62 25.48 -4.34
CA MET B 124 -15.58 24.09 -3.90
C MET B 124 -15.64 23.91 -2.39
N ASN B 125 -15.19 24.87 -1.61
CA ASN B 125 -15.21 24.67 -0.18
C ASN B 125 -16.63 24.62 0.38
N VAL B 126 -17.57 25.17 -0.36
CA VAL B 126 -18.95 25.07 -0.01
C VAL B 126 -19.37 23.60 0.07
N LEU B 127 -18.85 22.76 -0.82
CA LEU B 127 -19.15 21.33 -0.79
C LEU B 127 -18.57 20.63 0.42
N GLY B 128 -17.39 21.06 0.84
CA GLY B 128 -16.80 20.57 2.05
C GLY B 128 -17.55 21.01 3.30
N GLN B 129 -18.19 22.18 3.24
CA GLN B 129 -18.98 22.63 4.36
C GLN B 129 -20.27 21.80 4.50
N ILE B 130 -20.84 21.40 3.38
CA ILE B 130 -21.96 20.46 3.38
C ILE B 130 -21.54 19.11 3.95
N TRP B 131 -20.34 18.66 3.60
CA TRP B 131 -19.81 17.42 4.15
C TRP B 131 -19.80 17.49 5.69
N ASP B 132 -19.26 18.57 6.24
CA ASP B 132 -19.13 18.71 7.67
C ASP B 132 -20.50 18.79 8.35
N LYS B 133 -21.44 19.47 7.71
CA LYS B 133 -22.70 19.81 8.34
C LYS B 133 -23.78 18.74 8.13
N ASP B 134 -23.96 18.31 6.88
CA ASP B 134 -25.02 17.36 6.52
C ASP B 134 -24.51 15.96 6.20
N GLY B 135 -23.21 15.75 6.23
CA GLY B 135 -22.65 14.45 5.99
C GLY B 135 -22.27 14.11 4.56
N ALA B 136 -21.54 13.01 4.41
CA ALA B 136 -20.85 12.68 3.16
C ALA B 136 -21.80 12.43 2.03
N SER B 137 -22.93 11.79 2.34
CA SER B 137 -23.86 11.42 1.33
C SER B 137 -24.55 12.63 0.67
N ALA B 138 -24.95 13.60 1.49
CA ALA B 138 -25.50 14.85 0.99
C ALA B 138 -24.45 15.63 0.17
N ALA B 139 -23.23 15.63 0.65
CA ALA B 139 -22.16 16.41 0.02
C ALA B 139 -21.79 15.82 -1.33
N GLU B 140 -21.65 14.49 -1.39
CA GLU B 140 -21.37 13.82 -2.66
C GLU B 140 -22.47 14.04 -3.68
N THR B 141 -23.71 13.99 -3.23
CA THR B 141 -24.84 14.29 -4.10
C THR B 141 -24.77 15.72 -4.60
N ALA B 142 -24.45 16.66 -3.73
CA ALA B 142 -24.34 18.07 -4.11
C ALA B 142 -23.19 18.24 -5.13
N ALA B 143 -22.05 17.60 -4.86
CA ALA B 143 -20.88 17.67 -5.74
C ALA B 143 -21.21 17.14 -7.12
N GLY B 144 -21.94 16.03 -7.18
CA GLY B 144 -22.35 15.43 -8.45
C GLY B 144 -23.19 16.40 -9.26
N GLN B 145 -24.07 17.11 -8.60
CA GLN B 145 -24.91 18.10 -9.25
C GLN B 145 -24.09 19.29 -9.73
N VAL B 146 -23.18 19.78 -8.92
CA VAL B 146 -22.32 20.89 -9.35
C VAL B 146 -21.53 20.48 -10.59
N GLY B 147 -20.94 19.30 -10.56
CA GLY B 147 -20.21 18.78 -11.73
C GLY B 147 -21.06 18.68 -12.97
N ARG B 148 -22.25 18.12 -12.79
CA ARG B 148 -23.17 17.96 -13.91
C ARG B 148 -23.59 19.30 -14.53
N VAL B 149 -23.95 20.25 -13.70
CA VAL B 149 -24.36 21.57 -14.20
C VAL B 149 -23.19 22.28 -14.88
N LEU B 150 -22.05 22.30 -14.20
CA LEU B 150 -20.83 22.91 -14.71
C LEU B 150 -20.50 22.40 -16.10
N ALA B 151 -20.42 21.09 -16.23
CA ALA B 151 -20.01 20.47 -17.49
C ALA B 151 -21.07 20.60 -18.58
N THR B 152 -22.34 20.34 -18.23
CA THR B 152 -23.41 20.32 -19.22
C THR B 152 -23.56 21.67 -19.88
N GLU B 153 -23.55 22.75 -19.10
CA GLU B 153 -23.70 24.08 -19.66
C GLU B 153 -22.55 24.44 -20.58
N LEU B 154 -21.34 23.99 -20.25
CA LEU B 154 -20.18 24.23 -21.11
C LEU B 154 -20.24 23.35 -22.35
N SER B 155 -20.67 22.10 -22.18
CA SER B 155 -20.78 21.18 -23.31
C SER B 155 -21.73 21.74 -24.37
N ALA B 156 -22.79 22.39 -23.95
CA ALA B 156 -23.78 22.95 -24.86
C ALA B 156 -23.15 24.04 -25.71
N CYS B 157 -22.01 24.60 -25.28
CA CYS B 157 -21.36 25.66 -26.01
C CYS B 157 -20.18 25.18 -26.84
N GLY B 158 -19.94 23.87 -26.87
CA GLY B 158 -18.86 23.28 -27.67
C GLY B 158 -17.50 23.18 -26.97
N ILE B 159 -17.49 23.29 -25.65
CA ILE B 159 -16.28 23.17 -24.85
C ILE B 159 -16.04 21.70 -24.57
N ASP B 160 -14.79 21.25 -24.55
CA ASP B 160 -14.51 19.83 -24.28
C ASP B 160 -14.32 19.53 -22.80
N LEU B 161 -13.63 20.43 -22.10
CA LEU B 161 -13.11 20.16 -20.77
C LEU B 161 -13.00 21.43 -19.94
N SER B 162 -13.35 21.34 -18.66
CA SER B 162 -12.99 22.36 -17.67
C SER B 162 -11.79 21.88 -16.85
N PHE B 163 -10.86 22.78 -16.56
CA PHE B 163 -9.69 22.45 -15.76
C PHE B 163 -10.08 22.41 -14.28
N THR B 164 -10.69 21.29 -13.88
CA THR B 164 -11.22 21.12 -12.53
C THR B 164 -11.32 19.59 -12.32
N PRO B 165 -11.22 19.12 -11.06
CA PRO B 165 -11.15 19.84 -9.81
C PRO B 165 -9.78 20.10 -9.21
N VAL B 166 -9.77 21.10 -8.33
CA VAL B 166 -8.69 21.31 -7.38
C VAL B 166 -8.72 20.18 -6.34
N LEU B 167 -7.58 19.53 -6.18
CA LEU B 167 -7.39 18.45 -5.23
C LEU B 167 -6.43 18.86 -4.10
N ASP B 168 -5.99 20.10 -4.12
CA ASP B 168 -5.19 20.65 -3.05
C ASP B 168 -5.96 20.60 -1.73
N LEU B 169 -5.26 20.33 -0.64
CA LEU B 169 -5.88 20.27 0.67
C LEU B 169 -5.85 21.63 1.32
N ASP B 170 -6.92 21.97 2.04
CA ASP B 170 -6.96 23.23 2.75
C ASP B 170 -6.23 23.12 4.08
N TRP B 171 -4.92 23.28 4.04
CA TRP B 171 -4.11 23.32 5.25
C TRP B 171 -4.24 24.67 5.98
N GLY B 172 -4.96 25.65 5.41
CA GLY B 172 -5.08 26.96 6.04
C GLY B 172 -3.83 27.83 5.84
N ASN B 173 -3.03 27.51 4.83
CA ASN B 173 -1.82 28.24 4.54
C ASN B 173 -1.79 29.05 3.23
N CYS B 174 -2.56 28.64 2.23
CA CYS B 174 -2.39 29.13 0.85
C CYS B 174 -3.58 29.94 0.35
N ALA B 175 -3.42 31.26 0.33
CA ALA B 175 -4.51 32.15 -0.03
C ALA B 175 -4.94 31.99 -1.48
N VAL B 176 -3.99 31.79 -2.37
CA VAL B 176 -4.34 31.70 -3.78
C VAL B 176 -5.24 30.50 -4.09
N ILE B 177 -5.10 29.43 -3.30
CA ILE B 177 -6.01 28.30 -3.38
C ILE B 177 -7.24 28.72 -2.61
N GLY B 178 -7.09 28.99 -1.32
CA GLY B 178 -8.16 29.49 -0.49
C GLY B 178 -9.41 28.66 -0.47
N ASN B 179 -10.53 29.26 -0.85
CA ASN B 179 -11.77 28.51 -0.92
C ASN B 179 -11.92 27.65 -2.18
N ARG B 180 -10.91 27.60 -3.05
CA ARG B 180 -10.92 26.69 -4.18
C ARG B 180 -10.73 25.22 -3.79
N SER B 181 -10.27 24.97 -2.57
CA SER B 181 -10.09 23.61 -2.07
C SER B 181 -11.38 23.12 -1.39
N PHE B 182 -11.70 21.86 -1.61
CA PHE B 182 -12.90 21.26 -1.03
C PHE B 182 -12.88 21.26 0.48
N HIS B 183 -11.73 20.93 1.07
CA HIS B 183 -11.68 20.54 2.47
C HIS B 183 -10.23 20.35 2.91
N ARG B 184 -10.02 20.37 4.22
CA ARG B 184 -8.70 20.06 4.81
C ARG B 184 -8.32 18.58 4.69
N ASN B 185 -9.33 17.71 4.74
CA ASN B 185 -9.12 16.29 4.99
C ASN B 185 -9.00 15.54 3.67
N PRO B 186 -7.91 14.82 3.46
CA PRO B 186 -7.72 14.12 2.18
C PRO B 186 -8.85 13.19 1.80
N GLU B 187 -9.48 12.53 2.76
CA GLU B 187 -10.60 11.63 2.46
C GLU B 187 -11.81 12.39 1.94
N ALA B 188 -12.13 13.51 2.56
CA ALA B 188 -13.18 14.35 2.07
C ALA B 188 -12.87 14.88 0.66
N VAL B 189 -11.64 15.34 0.45
CA VAL B 189 -11.26 15.89 -0.85
C VAL B 189 -11.39 14.83 -1.92
N ALA B 190 -10.84 13.65 -1.65
CA ALA B 190 -10.88 12.56 -2.62
C ALA B 190 -12.32 12.20 -2.97
N ARG B 191 -13.15 12.05 -1.96
CA ARG B 191 -14.52 11.61 -2.23
C ARG B 191 -15.34 12.69 -2.92
N LEU B 192 -15.19 13.95 -2.52
CA LEU B 192 -15.92 15.02 -3.18
C LEU B 192 -15.46 15.17 -4.63
N ALA B 193 -14.16 15.05 -4.84
CA ALA B 193 -13.60 15.12 -6.17
C ALA B 193 -14.14 14.00 -7.06
N LEU B 194 -14.13 12.77 -6.57
CA LEU B 194 -14.70 11.64 -7.33
C LEU B 194 -16.17 11.86 -7.68
N ALA B 195 -16.93 12.40 -6.73
CA ALA B 195 -18.35 12.70 -6.99
C ALA B 195 -18.54 13.82 -8.00
N LEU B 196 -17.72 14.87 -7.89
CA LEU B 196 -17.71 15.92 -8.91
C LEU B 196 -17.36 15.33 -10.27
N GLN B 197 -16.36 14.46 -10.30
CA GLN B 197 -15.92 13.84 -11.55
C GLN B 197 -17.05 13.07 -12.23
N LYS B 198 -17.82 12.31 -11.47
CA LYS B 198 -18.99 11.59 -12.02
C LYS B 198 -19.99 12.55 -12.60
N GLY B 199 -20.20 13.66 -11.91
CA GLY B 199 -21.07 14.71 -12.38
C GLY B 199 -20.59 15.32 -13.68
N LEU B 200 -19.29 15.60 -13.75
CA LEU B 200 -18.68 16.13 -14.98
C LEU B 200 -18.91 15.19 -16.13
N ALA B 201 -18.71 13.89 -15.89
CA ALA B 201 -18.88 12.87 -16.94
C ALA B 201 -20.34 12.80 -17.42
N LYS B 202 -21.31 12.98 -16.53
CA LYS B 202 -22.72 13.06 -16.94
C LYS B 202 -22.88 14.23 -17.90
N GLY B 203 -22.14 15.32 -17.67
CA GLY B 203 -22.17 16.49 -18.57
C GLY B 203 -21.27 16.40 -19.77
N GLY B 204 -20.67 15.24 -19.99
CA GLY B 204 -19.87 15.00 -21.17
C GLY B 204 -18.35 15.18 -21.01
N MET B 205 -17.87 15.48 -19.81
CA MET B 205 -16.48 15.91 -19.63
C MET B 205 -15.66 15.02 -18.73
N LYS B 206 -14.37 14.95 -19.03
CA LYS B 206 -13.37 14.39 -18.13
C LYS B 206 -12.90 15.43 -17.11
N SER B 207 -11.99 15.03 -16.23
CA SER B 207 -11.49 15.90 -15.16
C SER B 207 -10.01 16.19 -15.30
N CYS B 208 -9.59 17.29 -14.68
CA CYS B 208 -8.20 17.65 -14.61
C CYS B 208 -7.90 18.04 -13.19
N GLY B 209 -7.13 17.19 -12.48
CA GLY B 209 -6.73 17.45 -11.11
C GLY B 209 -5.61 18.50 -10.98
N LYS B 210 -5.73 19.38 -10.00
CA LYS B 210 -4.77 20.47 -9.80
C LYS B 210 -4.49 20.62 -8.33
N HIS B 211 -3.29 21.00 -7.89
CA HIS B 211 -2.11 21.22 -8.68
C HIS B 211 -1.06 20.24 -8.19
N PHE B 212 -0.75 19.24 -9.02
CA PHE B 212 0.07 18.10 -8.60
C PHE B 212 1.47 18.56 -8.20
N PRO B 213 1.99 18.07 -7.07
CA PRO B 213 1.49 17.05 -6.14
C PRO B 213 0.76 17.58 -4.90
N GLY B 214 0.41 18.87 -4.90
CA GLY B 214 -0.37 19.43 -3.80
C GLY B 214 0.11 20.82 -3.44
N HIS B 215 -0.76 21.81 -3.67
CA HIS B 215 -0.43 23.21 -3.52
C HIS B 215 -0.92 23.77 -2.18
N GLY B 216 -1.59 22.94 -1.39
CA GLY B 216 -2.27 23.41 -0.20
C GLY B 216 -1.43 23.85 0.99
N PHE B 217 -0.20 23.36 1.09
CA PHE B 217 0.60 23.56 2.32
C PHE B 217 1.47 24.78 2.28
N VAL B 218 1.92 25.17 1.08
CA VAL B 218 2.70 26.39 0.95
C VAL B 218 1.85 27.63 1.20
N GLU B 219 2.53 28.72 1.52
CA GLU B 219 1.88 30.00 1.57
C GLU B 219 1.96 30.56 0.18
N GLY B 220 0.91 31.27 -0.24
CA GLY B 220 0.87 31.80 -1.57
C GLY B 220 -0.07 32.98 -1.60
N ASP B 221 0.51 34.18 -1.48
CA ASP B 221 -0.27 35.39 -1.48
C ASP B 221 0.46 36.53 -2.21
N SER B 222 1.20 37.38 -1.50
CA SER B 222 1.93 38.45 -2.16
C SER B 222 3.16 37.91 -2.86
N HIS B 223 3.84 38.85 -3.52
CA HIS B 223 5.10 38.60 -4.20
C HIS B 223 4.84 37.71 -5.42
N LEU B 224 5.72 37.83 -6.40
CA LEU B 224 5.70 36.94 -7.58
C LEU B 224 6.56 35.69 -7.37
N VAL B 225 6.19 34.89 -6.37
CA VAL B 225 7.13 33.96 -5.77
C VAL B 225 7.02 32.51 -6.26
N LEU B 226 8.13 31.79 -6.12
CA LEU B 226 8.18 30.33 -6.24
C LEU B 226 8.17 29.73 -4.83
N PRO B 227 6.99 29.31 -4.34
CA PRO B 227 6.94 28.85 -2.97
C PRO B 227 7.67 27.55 -2.72
N GLU B 228 7.99 27.29 -1.47
CA GLU B 228 8.72 26.12 -1.07
C GLU B 228 7.94 25.31 -0.03
N ASP B 229 7.74 24.03 -0.32
CA ASP B 229 7.07 23.11 0.59
C ASP B 229 8.15 22.18 1.13
N GLY B 230 8.51 22.34 2.39
CA GLY B 230 9.66 21.64 2.99
C GLY B 230 9.38 20.22 3.47
N ARG B 231 8.18 19.69 3.22
CA ARG B 231 7.83 18.40 3.75
C ARG B 231 8.44 17.23 2.98
N SER B 232 8.41 16.06 3.62
CA SER B 232 8.97 14.85 3.05
C SER B 232 7.93 14.20 2.16
N LEU B 233 8.41 13.34 1.26
CA LEU B 233 7.54 12.58 0.41
C LEU B 233 6.52 11.77 1.21
N ASP B 234 6.96 11.15 2.30
CA ASP B 234 6.05 10.36 3.14
C ASP B 234 4.90 11.22 3.66
N GLU B 235 5.22 12.43 4.09
CA GLU B 235 4.18 13.34 4.55
C GLU B 235 3.17 13.63 3.44
N LEU B 236 3.65 13.84 2.22
CA LEU B 236 2.76 14.06 1.08
C LEU B 236 1.98 12.82 0.71
N GLU B 237 2.60 11.65 0.77
CA GLU B 237 1.88 10.40 0.50
C GLU B 237 0.76 10.16 1.49
N ALA B 238 0.99 10.54 2.75
CA ALA B 238 -0.01 10.36 3.79
C ALA B 238 -1.23 11.29 3.63
N ALA B 239 -1.11 12.36 2.84
CA ALA B 239 -2.20 13.34 2.73
C ALA B 239 -2.38 13.90 1.33
N ASP B 240 -1.54 14.86 0.95
CA ASP B 240 -1.81 15.66 -0.27
C ASP B 240 -1.87 14.80 -1.55
N LEU B 241 -1.04 13.77 -1.64
CA LEU B 241 -0.99 12.94 -2.84
C LEU B 241 -2.14 11.99 -2.97
N ALA B 242 -2.78 11.66 -1.86
CA ALA B 242 -3.78 10.59 -1.90
C ALA B 242 -4.94 10.88 -2.84
N PRO B 243 -5.47 12.14 -2.85
CA PRO B 243 -6.52 12.42 -3.82
C PRO B 243 -6.07 12.25 -5.28
N PHE B 244 -4.82 12.58 -5.58
CA PHE B 244 -4.32 12.43 -6.93
C PHE B 244 -4.25 10.94 -7.31
N ARG B 245 -3.77 10.11 -6.40
CA ARG B 245 -3.71 8.64 -6.65
C ARG B 245 -5.08 8.09 -6.95
N ILE B 246 -6.03 8.45 -6.11
CA ILE B 246 -7.37 7.92 -6.18
C ILE B 246 -8.08 8.40 -7.45
N MET B 247 -7.96 9.70 -7.75
CA MET B 247 -8.51 10.22 -9.00
C MET B 247 -7.88 9.59 -10.22
N SER B 248 -6.56 9.40 -10.18
CA SER B 248 -5.84 8.74 -11.27
C SER B 248 -6.42 7.34 -11.52
N ARG B 249 -6.55 6.57 -10.45
CA ARG B 249 -7.13 5.25 -10.55
C ARG B 249 -8.53 5.27 -11.18
N GLU B 250 -9.31 6.28 -10.84
CA GLU B 250 -10.70 6.37 -11.30
C GLU B 250 -10.88 7.15 -12.59
N GLY B 251 -9.82 7.33 -13.36
CA GLY B 251 -9.96 7.78 -14.74
C GLY B 251 -9.78 9.26 -15.02
N MET B 252 -9.20 10.00 -14.08
CA MET B 252 -8.85 11.41 -14.31
C MET B 252 -8.05 11.55 -15.61
N ALA B 253 -8.42 12.52 -16.44
CA ALA B 253 -7.84 12.67 -17.77
C ALA B 253 -6.56 13.47 -17.82
N ALA B 254 -6.38 14.36 -16.88
CA ALA B 254 -5.25 15.29 -16.93
C ALA B 254 -4.90 15.80 -15.55
N VAL B 255 -3.72 16.39 -15.49
CA VAL B 255 -3.20 17.00 -14.30
C VAL B 255 -2.53 18.32 -14.69
N MET B 256 -2.65 19.33 -13.82
CA MET B 256 -1.84 20.55 -13.93
C MET B 256 -0.87 20.50 -12.75
N PRO B 257 0.41 20.78 -12.98
CA PRO B 257 1.36 20.76 -11.88
C PRO B 257 1.37 22.04 -11.05
N ALA B 258 1.81 21.92 -9.81
CA ALA B 258 2.06 23.07 -8.94
C ALA B 258 3.37 23.73 -9.33
N HIS B 259 3.39 25.06 -9.36
CA HIS B 259 4.61 25.83 -9.46
C HIS B 259 5.20 26.02 -8.06
N VAL B 260 5.74 24.91 -7.54
CA VAL B 260 6.15 24.82 -6.15
C VAL B 260 7.35 23.89 -6.10
N VAL B 261 8.34 24.24 -5.29
CA VAL B 261 9.52 23.40 -5.08
C VAL B 261 9.33 22.61 -3.80
N TYR B 262 9.62 21.32 -3.88
CA TYR B 262 9.54 20.43 -2.74
C TYR B 262 10.95 19.88 -2.51
N PRO B 263 11.81 20.65 -1.81
CA PRO B 263 13.26 20.35 -1.80
C PRO B 263 13.65 18.96 -1.31
N GLN B 264 12.87 18.36 -0.42
CA GLN B 264 13.18 17.00 0.00
C GLN B 264 13.02 15.96 -1.10
N VAL B 265 12.30 16.30 -2.18
CA VAL B 265 12.14 15.40 -3.32
C VAL B 265 12.91 15.87 -4.54
N ASP B 266 12.91 17.17 -4.81
CA ASP B 266 13.66 17.69 -5.95
C ASP B 266 13.86 19.18 -5.78
N THR B 267 14.95 19.69 -6.33
CA THR B 267 15.26 21.12 -6.26
C THR B 267 14.48 21.91 -7.31
N LYS B 268 13.89 21.19 -8.27
CA LYS B 268 13.13 21.84 -9.33
C LYS B 268 11.65 21.91 -8.97
N PRO B 269 10.97 22.97 -9.40
CA PRO B 269 9.51 22.97 -9.34
C PRO B 269 8.90 21.73 -10.00
N ALA B 270 7.78 21.28 -9.46
CA ALA B 270 7.14 20.06 -9.94
C ALA B 270 6.95 19.99 -11.46
N GLY B 271 6.52 21.10 -12.06
CA GLY B 271 6.22 21.14 -13.51
C GLY B 271 7.44 21.05 -14.44
N PHE B 272 8.63 21.17 -13.86
CA PHE B 272 9.88 20.99 -14.57
C PHE B 272 10.70 19.84 -13.94
N SER B 273 10.04 18.92 -13.23
CA SER B 273 10.77 17.87 -12.50
C SER B 273 10.48 16.48 -13.04
N GLU B 274 11.49 15.84 -13.60
CA GLU B 274 11.42 14.42 -14.01
C GLU B 274 11.04 13.52 -12.86
N ILE B 275 11.58 13.82 -11.69
CA ILE B 275 11.28 13.03 -10.51
C ILE B 275 9.78 13.08 -10.22
N TRP B 276 9.21 14.28 -10.15
CA TRP B 276 7.78 14.39 -9.86
C TRP B 276 6.90 13.80 -10.97
N LEU B 277 7.22 14.15 -12.23
CA LEU B 277 6.36 13.81 -13.33
C LEU B 277 6.59 12.38 -13.88
N LYS B 278 7.83 11.93 -13.97
CA LYS B 278 8.08 10.58 -14.55
C LYS B 278 8.16 9.53 -13.48
N GLN B 279 9.00 9.76 -12.50
CA GLN B 279 9.25 8.75 -11.47
C GLN B 279 8.06 8.59 -10.54
N ILE B 280 7.49 9.71 -10.08
CA ILE B 280 6.37 9.60 -9.14
C ILE B 280 5.02 9.47 -9.85
N LEU B 281 4.66 10.45 -10.68
CA LEU B 281 3.32 10.45 -11.30
C LEU B 281 3.11 9.33 -12.32
N ARG B 282 4.04 9.18 -13.27
CA ARG B 282 3.94 8.09 -14.26
C ARG B 282 4.22 6.72 -13.63
N ARG B 283 5.42 6.54 -13.11
CA ARG B 283 5.90 5.22 -12.71
C ARG B 283 5.26 4.69 -11.41
N ASP B 284 5.35 5.48 -10.35
CA ASP B 284 4.81 5.08 -9.06
C ASP B 284 3.25 5.11 -9.00
N ILE B 285 2.64 6.18 -9.52
CA ILE B 285 1.18 6.33 -9.43
C ILE B 285 0.47 5.62 -10.59
N GLY B 286 1.14 5.49 -11.72
CA GLY B 286 0.54 4.81 -12.87
C GLY B 286 -0.38 5.68 -13.73
N PHE B 287 -0.23 7.00 -13.64
CA PHE B 287 -1.11 7.94 -14.33
C PHE B 287 -0.82 7.89 -15.82
N LYS B 288 -1.86 7.69 -16.63
CA LYS B 288 -1.71 7.58 -18.07
C LYS B 288 -2.27 8.76 -18.85
N GLY B 289 -2.79 9.77 -18.17
CA GLY B 289 -3.40 10.90 -18.84
C GLY B 289 -2.43 12.02 -19.23
N VAL B 290 -2.99 13.17 -19.53
CA VAL B 290 -2.22 14.33 -19.90
C VAL B 290 -1.55 14.98 -18.73
N ILE B 291 -0.28 15.30 -18.90
CA ILE B 291 0.39 16.23 -17.99
C ILE B 291 0.55 17.54 -18.75
N PHE B 292 -0.19 18.57 -18.34
CA PHE B 292 -0.02 19.91 -18.88
C PHE B 292 1.17 20.62 -18.25
N SER B 293 1.79 21.55 -18.99
CA SER B 293 2.86 22.39 -18.45
C SER B 293 2.17 23.53 -17.71
N ASP B 294 2.88 24.33 -16.96
CA ASP B 294 2.28 25.62 -16.63
C ASP B 294 2.40 26.56 -17.86
N ASP B 295 1.78 27.73 -17.78
CA ASP B 295 1.91 28.78 -18.80
C ASP B 295 3.41 29.16 -18.89
N LEU B 296 4.02 28.88 -20.05
CA LEU B 296 5.46 29.08 -20.34
C LEU B 296 5.85 30.53 -20.62
N THR B 297 4.85 31.37 -20.81
CA THR B 297 5.08 32.79 -20.97
C THR B 297 5.52 33.44 -19.69
N MET B 298 5.09 32.86 -18.57
CA MET B 298 5.38 33.49 -17.29
C MET B 298 6.77 33.04 -16.87
N GLU B 299 7.73 33.97 -16.85
CA GLU B 299 9.15 33.62 -16.92
C GLU B 299 9.40 33.00 -18.30
N GLY B 300 10.60 32.47 -18.56
CA GLY B 300 10.87 31.71 -19.79
C GLY B 300 10.94 32.53 -21.08
N ALA B 301 9.98 33.44 -21.25
CA ALA B 301 10.04 34.46 -22.29
C ALA B 301 11.49 34.87 -22.53
N CYS B 302 12.11 35.44 -21.49
CA CYS B 302 13.40 36.15 -21.59
C CYS B 302 14.64 35.30 -21.36
N GLY B 303 14.47 34.03 -20.98
CA GLY B 303 15.61 33.13 -20.80
C GLY B 303 16.39 32.93 -22.09
N ALA B 304 17.60 32.40 -21.97
CA ALA B 304 18.34 31.99 -23.17
C ALA B 304 17.57 30.87 -23.89
N GLY B 305 17.49 30.98 -25.21
CA GLY B 305 16.75 30.00 -26.02
C GLY B 305 15.28 30.37 -26.19
N GLY B 306 14.82 31.26 -25.33
CA GLY B 306 13.46 31.77 -25.40
C GLY B 306 12.39 30.70 -25.17
N ILE B 307 11.27 30.90 -25.85
CA ILE B 307 10.12 30.00 -25.70
C ILE B 307 10.42 28.58 -26.13
N LYS B 308 11.20 28.44 -27.21
CA LYS B 308 11.60 27.10 -27.69
C LYS B 308 12.36 26.33 -26.61
N GLU B 309 13.28 26.99 -25.93
CA GLU B 309 14.03 26.33 -24.83
C GLU B 309 13.10 25.98 -23.64
N ARG B 310 12.22 26.91 -23.31
CA ARG B 310 11.31 26.70 -22.19
C ARG B 310 10.37 25.50 -22.45
N ALA B 311 9.85 25.43 -23.66
CA ALA B 311 9.06 24.28 -24.10
C ALA B 311 9.88 23.00 -24.06
N ARG B 312 11.13 23.06 -24.54
CA ARG B 312 12.01 21.89 -24.51
C ARG B 312 12.17 21.31 -23.11
N ILE B 313 12.44 22.16 -22.12
CA ILE B 313 12.64 21.65 -20.75
C ILE B 313 11.35 21.12 -20.11
N SER B 314 10.23 21.73 -20.48
CA SER B 314 8.92 21.21 -20.03
C SER B 314 8.64 19.78 -20.61
N PHE B 315 8.80 19.59 -21.93
CA PHE B 315 8.65 18.25 -22.54
C PHE B 315 9.62 17.26 -21.94
N GLU B 316 10.87 17.67 -21.79
CA GLU B 316 11.92 16.81 -21.23
C GLU B 316 11.59 16.38 -19.80
N ALA B 317 10.98 17.25 -19.02
CA ALA B 317 10.54 16.90 -17.64
C ALA B 317 9.38 15.90 -17.58
N GLY B 318 8.59 15.84 -18.65
CA GLY B 318 7.48 14.86 -18.73
C GLY B 318 6.11 15.40 -19.10
N CYS B 319 6.00 16.70 -19.37
CA CYS B 319 4.76 17.27 -19.85
C CYS B 319 4.43 16.76 -21.27
N ASP B 320 3.16 16.46 -21.52
CA ASP B 320 2.66 16.10 -22.87
C ASP B 320 2.39 17.35 -23.71
N ILE B 321 1.84 18.38 -23.07
CA ILE B 321 1.26 19.49 -23.77
C ILE B 321 1.66 20.76 -23.07
N VAL B 322 2.15 21.74 -23.83
CA VAL B 322 2.55 22.99 -23.24
C VAL B 322 1.51 24.06 -23.50
N LEU B 323 1.29 24.87 -22.50
CA LEU B 323 0.37 25.98 -22.56
C LEU B 323 1.14 27.24 -22.83
N VAL B 324 0.68 28.01 -23.83
CA VAL B 324 1.27 29.31 -24.15
C VAL B 324 0.16 30.33 -24.30
N CYS B 325 -0.08 31.09 -23.25
CA CYS B 325 -1.25 31.95 -23.15
C CYS B 325 -0.90 33.42 -23.28
N ASN B 326 -1.83 34.16 -23.87
CA ASN B 326 -1.74 35.62 -23.98
C ASN B 326 -0.56 36.12 -24.81
N ARG B 327 0.06 35.24 -25.59
CA ARG B 327 1.27 35.61 -26.33
C ARG B 327 1.32 34.92 -27.69
N PRO B 328 0.44 35.33 -28.61
CA PRO B 328 0.44 34.71 -29.93
C PRO B 328 1.77 34.90 -30.68
N ASP B 329 2.52 35.96 -30.33
CA ASP B 329 3.89 36.16 -30.84
C ASP B 329 4.84 35.02 -30.43
N LEU B 330 4.74 34.57 -29.19
CA LEU B 330 5.57 33.45 -28.73
C LEU B 330 5.10 32.13 -29.33
N VAL B 331 3.80 32.00 -29.58
CA VAL B 331 3.29 30.79 -30.24
C VAL B 331 3.83 30.77 -31.68
N ASP B 332 3.81 31.93 -32.34
CA ASP B 332 4.36 32.03 -33.69
C ASP B 332 5.85 31.70 -33.73
N GLU B 333 6.57 32.22 -32.76
CA GLU B 333 7.98 31.90 -32.61
C GLU B 333 8.20 30.41 -32.35
N LEU B 334 7.44 29.85 -31.42
CA LEU B 334 7.62 28.44 -31.05
C LEU B 334 7.33 27.52 -32.23
N ARG B 335 6.22 27.78 -32.93
CA ARG B 335 5.79 26.86 -34.00
C ARG B 335 6.65 26.90 -35.28
N ASP B 336 7.33 28.00 -35.51
CA ASP B 336 8.20 28.16 -36.68
C ASP B 336 9.43 27.24 -36.62
N GLY B 337 9.44 26.22 -37.48
CA GLY B 337 10.51 25.22 -37.49
C GLY B 337 10.43 24.26 -36.32
N PHE B 338 9.26 24.12 -35.72
CA PHE B 338 9.09 23.30 -34.55
C PHE B 338 9.12 21.83 -34.92
N THR B 339 9.93 21.06 -34.21
CA THR B 339 9.88 19.61 -34.32
C THR B 339 9.02 19.04 -33.19
N ILE B 340 8.01 18.29 -33.57
CA ILE B 340 7.10 17.66 -32.64
C ILE B 340 7.84 16.56 -31.89
N PRO B 341 7.98 16.68 -30.55
CA PRO B 341 8.68 15.59 -29.85
C PRO B 341 7.97 14.27 -30.00
N ASP B 342 8.73 13.19 -30.03
CA ASP B 342 8.16 11.87 -30.17
C ASP B 342 7.36 11.54 -28.93
N ASN B 343 6.06 11.35 -29.11
CA ASN B 343 5.17 10.99 -28.02
C ASN B 343 4.04 10.16 -28.60
N GLN B 344 4.24 8.86 -28.59
CA GLN B 344 3.28 7.93 -29.15
C GLN B 344 1.95 7.91 -28.42
N ASP B 345 1.93 8.43 -27.20
CA ASP B 345 0.71 8.47 -26.39
C ASP B 345 -0.11 9.74 -26.56
N LEU B 346 0.43 10.74 -27.24
CA LEU B 346 -0.22 12.03 -27.28
C LEU B 346 -1.62 11.96 -27.86
N ALA B 347 -1.76 11.30 -29.02
CA ALA B 347 -3.05 11.29 -29.74
C ALA B 347 -4.16 10.73 -28.90
N GLY B 348 -3.88 9.64 -28.19
CA GLY B 348 -4.86 9.02 -27.30
C GLY B 348 -5.15 9.86 -26.06
N ARG B 349 -4.11 10.48 -25.50
CA ARG B 349 -4.26 11.38 -24.36
C ARG B 349 -5.13 12.61 -24.69
N TRP B 350 -4.94 13.24 -25.85
CA TRP B 350 -5.86 14.29 -26.31
C TRP B 350 -7.29 13.74 -26.53
N GLN B 351 -7.38 12.58 -27.20
CA GLN B 351 -8.69 12.05 -27.57
C GLN B 351 -9.55 11.67 -26.38
N TYR B 352 -8.92 11.14 -25.33
CA TYR B 352 -9.63 10.83 -24.10
C TYR B 352 -10.37 12.06 -23.54
N MET B 353 -9.87 13.26 -23.82
CA MET B 353 -10.47 14.51 -23.31
C MET B 353 -11.63 15.05 -24.16
N GLU B 354 -11.87 14.46 -25.32
CA GLU B 354 -12.96 14.95 -26.20
C GLU B 354 -14.30 14.82 -25.52
N ASN B 355 -15.16 15.81 -25.70
CA ASN B 355 -16.47 15.79 -25.09
C ASN B 355 -17.22 14.57 -25.59
N SER B 356 -17.91 13.89 -24.68
CA SER B 356 -18.61 12.65 -25.00
C SER B 356 -20.11 12.86 -25.36
N LEU B 357 -20.67 14.05 -25.17
CA LEU B 357 -22.08 14.31 -25.52
C LEU B 357 -22.27 15.00 -26.86
N GLY B 358 -23.20 14.50 -27.67
CA GLY B 358 -23.62 15.19 -28.88
C GLY B 358 -24.51 16.37 -28.56
N HIS B 359 -24.57 17.32 -29.49
CA HIS B 359 -25.27 18.59 -29.30
C HIS B 359 -26.73 18.38 -28.97
N GLU B 360 -27.38 17.46 -29.68
CA GLU B 360 -28.79 17.20 -29.47
C GLU B 360 -29.04 16.57 -28.11
N ALA B 361 -28.20 15.61 -27.73
CA ALA B 361 -28.28 15.04 -26.40
C ALA B 361 -28.22 16.10 -25.30
N VAL B 362 -27.33 17.10 -25.45
CA VAL B 362 -27.17 18.16 -24.44
C VAL B 362 -28.42 19.03 -24.38
N GLN B 363 -28.95 19.42 -25.54
CA GLN B 363 -30.17 20.24 -25.55
C GLN B 363 -31.32 19.52 -24.90
N ALA B 364 -31.43 18.22 -25.15
CA ALA B 364 -32.50 17.42 -24.57
C ALA B 364 -32.42 17.44 -23.05
N VAL B 365 -31.24 17.12 -22.53
CA VAL B 365 -31.08 17.01 -21.09
C VAL B 365 -31.35 18.36 -20.40
N MET B 366 -31.01 19.47 -21.06
CA MET B 366 -31.19 20.78 -20.44
C MET B 366 -32.65 21.22 -20.32
N GLN B 367 -33.52 20.63 -21.12
CA GLN B 367 -34.95 20.87 -21.02
C GLN B 367 -35.62 20.07 -19.88
N THR B 368 -34.96 19.03 -19.39
CA THR B 368 -35.59 18.17 -18.39
C THR B 368 -35.74 18.91 -17.07
N MET B 369 -36.73 18.52 -16.28
CA MET B 369 -36.98 19.12 -14.99
C MET B 369 -35.86 18.79 -14.02
N GLY B 370 -35.32 17.58 -14.13
CA GLY B 370 -34.23 17.12 -13.29
C GLY B 370 -33.01 18.00 -13.41
N PHE B 371 -32.62 18.32 -14.63
CA PHE B 371 -31.49 19.21 -14.88
C PHE B 371 -31.81 20.63 -14.41
N GLN B 372 -33.01 21.12 -14.69
CA GLN B 372 -33.36 22.47 -14.31
C GLN B 372 -33.35 22.62 -12.82
N ALA B 373 -33.77 21.56 -12.11
CA ALA B 373 -33.73 21.56 -10.65
C ALA B 373 -32.28 21.59 -10.18
N ALA B 374 -31.42 20.80 -10.84
CA ALA B 374 -29.99 20.80 -10.56
C ALA B 374 -29.43 22.22 -10.71
N GLN B 375 -29.77 22.89 -11.80
CA GLN B 375 -29.34 24.27 -12.00
C GLN B 375 -29.72 25.15 -10.82
N ALA B 376 -30.98 25.08 -10.39
CA ALA B 376 -31.47 25.95 -9.32
C ALA B 376 -30.80 25.62 -8.00
N PHE B 377 -30.57 24.35 -7.75
CA PHE B 377 -29.87 23.91 -6.57
C PHE B 377 -28.46 24.45 -6.54
N VAL B 378 -27.75 24.36 -7.67
CA VAL B 378 -26.38 24.81 -7.74
C VAL B 378 -26.35 26.35 -7.61
N ALA B 379 -27.26 27.05 -8.29
CA ALA B 379 -27.40 28.49 -8.13
C ALA B 379 -27.59 28.90 -6.68
N GLY B 380 -28.35 28.09 -5.94
CA GLY B 380 -28.62 28.35 -4.55
C GLY B 380 -27.40 28.19 -3.67
N LEU B 381 -26.53 27.24 -4.00
CA LEU B 381 -25.30 27.06 -3.28
C LEU B 381 -24.41 28.29 -3.46
N ALA B 382 -24.43 28.87 -4.65
CA ALA B 382 -23.63 30.05 -4.98
C ALA B 382 -24.16 31.36 -4.41
N SER B 383 -25.41 31.40 -4.00
CA SER B 383 -26.00 32.67 -3.59
C SER B 383 -27.02 32.37 -2.53
N PRO B 384 -26.55 32.17 -1.28
CA PRO B 384 -27.44 31.69 -0.21
C PRO B 384 -28.19 32.79 0.54
N VAL C 39 27.43 -42.32 17.44
CA VAL C 39 27.14 -42.25 15.98
C VAL C 39 26.27 -43.44 15.54
N PRO C 40 24.94 -43.22 15.43
CA PRO C 40 24.04 -44.36 15.16
C PRO C 40 24.36 -45.13 13.87
N HIS C 41 24.22 -46.46 13.93
CA HIS C 41 24.36 -47.29 12.75
C HIS C 41 22.99 -47.61 12.18
N ILE C 42 22.66 -47.00 11.05
CA ILE C 42 21.36 -47.14 10.39
C ILE C 42 21.58 -47.43 8.91
N PRO C 43 20.94 -48.47 8.37
CA PRO C 43 21.09 -48.66 6.94
C PRO C 43 20.65 -47.41 6.13
N ARG C 44 21.28 -47.20 4.98
CA ARG C 44 20.89 -46.08 4.11
C ARG C 44 19.51 -46.36 3.58
N GLY C 45 18.60 -45.41 3.81
CA GLY C 45 17.23 -45.54 3.32
C GLY C 45 17.12 -45.25 1.83
N PRO C 46 15.92 -45.44 1.26
CA PRO C 46 15.73 -45.28 -0.19
C PRO C 46 15.32 -43.88 -0.64
N VAL C 47 15.53 -42.87 0.18
CA VAL C 47 15.16 -41.50 -0.19
C VAL C 47 16.41 -40.67 -0.25
N MET C 48 16.57 -39.90 -1.32
CA MET C 48 17.63 -38.91 -1.41
C MET C 48 17.00 -37.55 -1.24
N ALA C 49 17.40 -36.84 -0.21
CA ALA C 49 16.79 -35.57 0.11
C ALA C 49 17.79 -34.47 -0.18
N ASP C 50 17.55 -33.27 0.32
CA ASP C 50 18.49 -32.18 0.13
C ASP C 50 18.41 -31.22 1.30
N ILE C 51 19.09 -30.09 1.20
CA ILE C 51 19.17 -29.18 2.33
C ILE C 51 19.13 -27.75 1.82
N ALA C 52 18.81 -26.83 2.73
CA ALA C 52 18.41 -25.49 2.34
C ALA C 52 19.58 -24.59 1.95
N ALA C 53 20.64 -24.61 2.74
CA ALA C 53 21.68 -23.60 2.59
C ALA C 53 23.07 -24.13 2.89
N PHE C 54 23.91 -23.34 3.53
CA PHE C 54 25.34 -23.63 3.62
C PHE C 54 25.74 -24.57 4.77
N ARG C 55 24.92 -24.62 5.83
CA ARG C 55 25.20 -25.43 7.01
C ARG C 55 23.91 -26.07 7.49
N LEU C 56 24.01 -27.25 8.07
CA LEU C 56 22.81 -27.94 8.54
C LEU C 56 22.16 -27.20 9.69
N THR C 57 20.83 -27.10 9.64
CA THR C 57 20.08 -26.67 10.80
C THR C 57 19.79 -27.89 11.64
N GLU C 58 19.33 -27.65 12.87
CA GLU C 58 19.00 -28.72 13.79
C GLU C 58 17.85 -29.56 13.26
N GLU C 59 16.88 -28.89 12.63
CA GLU C 59 15.76 -29.58 12.01
C GLU C 59 16.24 -30.52 10.91
N GLU C 60 17.19 -30.05 10.10
CA GLU C 60 17.77 -30.85 9.03
C GLU C 60 18.51 -32.06 9.58
N LYS C 61 19.28 -31.86 10.63
CA LYS C 61 19.98 -32.96 11.30
C LYS C 61 19.02 -34.06 11.71
N GLN C 62 17.90 -33.67 12.30
CA GLN C 62 16.91 -34.66 12.73
C GLN C 62 16.31 -35.35 11.52
N ARG C 63 15.99 -34.57 10.49
CA ARG C 63 15.46 -35.15 9.26
C ARG C 63 16.42 -36.18 8.67
N LEU C 64 17.71 -35.87 8.61
CA LEU C 64 18.67 -36.76 7.94
C LEU C 64 18.98 -38.00 8.75
N LEU C 65 18.52 -38.04 10.01
CA LEU C 65 18.68 -39.24 10.83
C LEU C 65 17.58 -40.24 10.56
N ASP C 66 16.53 -39.82 9.87
CA ASP C 66 15.41 -40.70 9.62
C ASP C 66 15.86 -41.90 8.78
N PRO C 67 15.47 -43.12 9.18
CA PRO C 67 15.90 -44.30 8.42
C PRO C 67 15.43 -44.35 6.95
N ALA C 68 14.44 -43.54 6.58
CA ALA C 68 13.99 -43.43 5.20
C ALA C 68 15.04 -42.80 4.28
N ILE C 69 15.94 -42.01 4.85
CA ILE C 69 16.91 -41.28 4.08
C ILE C 69 18.22 -42.05 3.93
N GLY C 70 18.75 -42.08 2.71
CA GLY C 70 20.03 -42.73 2.40
C GLY C 70 21.09 -41.84 1.78
N GLY C 71 20.70 -40.66 1.31
CA GLY C 71 21.65 -39.74 0.68
C GLY C 71 21.10 -38.33 0.51
N ILE C 72 21.95 -37.46 0.00
CA ILE C 72 21.66 -36.05 -0.15
C ILE C 72 22.20 -35.58 -1.51
N ILE C 73 21.42 -34.75 -2.19
CA ILE C 73 21.88 -34.07 -3.40
C ILE C 73 22.08 -32.61 -3.06
N LEU C 74 23.21 -32.06 -3.47
CA LEU C 74 23.52 -30.67 -3.27
C LEU C 74 23.33 -29.84 -4.53
N PHE C 75 23.13 -28.54 -4.33
CA PHE C 75 22.87 -27.58 -5.38
C PHE C 75 23.72 -26.35 -5.15
N ARG C 76 23.64 -25.38 -6.07
CA ARG C 76 24.44 -24.18 -5.95
C ARG C 76 24.13 -23.39 -4.67
N ARG C 77 22.88 -23.42 -4.21
CA ARG C 77 22.49 -22.72 -2.97
C ARG C 77 23.17 -23.28 -1.72
N ASN C 78 23.76 -24.46 -1.85
CA ASN C 78 24.50 -25.07 -0.74
C ASN C 78 25.98 -24.75 -0.80
N PHE C 79 26.39 -23.88 -1.72
CA PHE C 79 27.81 -23.64 -1.93
C PHE C 79 28.19 -22.18 -1.78
N GLN C 80 29.13 -21.95 -0.86
CA GLN C 80 29.71 -20.65 -0.59
C GLN C 80 31.15 -20.65 -1.08
N ASN C 81 31.91 -21.61 -0.59
CA ASN C 81 33.29 -21.81 -1.01
C ASN C 81 33.71 -23.20 -0.58
N ILE C 82 34.91 -23.59 -0.97
CA ILE C 82 35.41 -24.94 -0.73
C ILE C 82 35.46 -25.32 0.74
N GLU C 83 35.90 -24.41 1.60
CA GLU C 83 36.04 -24.73 3.01
C GLU C 83 34.67 -24.89 3.68
N GLN C 84 33.72 -24.03 3.35
CA GLN C 84 32.36 -24.21 3.83
C GLN C 84 31.78 -25.55 3.36
N LEU C 85 32.01 -25.89 2.08
CA LEU C 85 31.47 -27.15 1.52
C LEU C 85 32.01 -28.37 2.27
N LYS C 86 33.30 -28.36 2.55
CA LYS C 86 33.94 -29.43 3.32
C LYS C 86 33.32 -29.59 4.69
N THR C 87 33.04 -28.47 5.34
CA THR C 87 32.40 -28.49 6.65
C THR C 87 30.99 -29.07 6.55
N LEU C 88 30.28 -28.66 5.50
CA LEU C 88 28.94 -29.16 5.26
C LEU C 88 28.95 -30.68 5.01
N THR C 89 29.82 -31.17 4.14
CA THR C 89 29.81 -32.59 3.84
C THR C 89 30.24 -33.40 5.05
N ALA C 90 31.19 -32.86 5.81
CA ALA C 90 31.68 -33.55 7.00
C ALA C 90 30.55 -33.72 8.02
N GLU C 91 29.82 -32.64 8.28
CA GLU C 91 28.74 -32.72 9.24
C GLU C 91 27.59 -33.61 8.76
N ILE C 92 27.35 -33.67 7.46
CA ILE C 92 26.38 -34.62 6.92
C ILE C 92 26.84 -36.07 7.17
N LYS C 93 28.11 -36.34 6.92
CA LYS C 93 28.65 -37.68 7.06
C LYS C 93 28.71 -38.12 8.52
N ALA C 94 28.93 -37.17 9.42
CA ALA C 94 29.06 -37.47 10.85
C ALA C 94 27.77 -37.96 11.49
N LEU C 95 26.63 -37.71 10.86
CA LEU C 95 25.35 -38.02 11.48
C LEU C 95 25.10 -39.50 11.71
N ARG C 96 25.63 -40.34 10.83
CA ARG C 96 25.28 -41.76 10.85
C ARG C 96 26.20 -42.57 10.00
N THR C 97 26.10 -43.88 10.14
CA THR C 97 26.89 -44.86 9.41
C THR C 97 25.97 -45.99 8.96
N PRO C 98 26.16 -46.53 7.74
CA PRO C 98 27.02 -46.03 6.68
C PRO C 98 26.70 -44.56 6.35
N GLU C 99 27.73 -43.81 6.01
CA GLU C 99 27.59 -42.38 5.84
C GLU C 99 26.66 -42.09 4.66
N LEU C 100 25.80 -41.09 4.84
CA LEU C 100 24.89 -40.67 3.78
C LEU C 100 25.70 -40.37 2.52
N ILE C 101 25.25 -40.90 1.39
CA ILE C 101 25.87 -40.65 0.09
C ILE C 101 25.51 -39.24 -0.37
N ILE C 102 26.49 -38.50 -0.85
CA ILE C 102 26.30 -37.12 -1.25
C ILE C 102 26.59 -36.98 -2.75
N ALA C 103 25.64 -36.41 -3.48
CA ALA C 103 25.77 -36.24 -4.92
C ALA C 103 25.54 -34.81 -5.36
N VAL C 104 25.97 -34.52 -6.58
CA VAL C 104 25.79 -33.20 -7.21
C VAL C 104 25.76 -33.37 -8.74
N ASP C 105 25.13 -32.41 -9.41
CA ASP C 105 25.14 -32.33 -10.87
C ASP C 105 26.34 -31.51 -11.35
N HIS C 106 27.47 -32.17 -11.57
CA HIS C 106 28.59 -31.60 -12.31
C HIS C 106 28.74 -32.34 -13.60
N GLU C 107 28.16 -31.78 -14.66
CA GLU C 107 28.31 -32.32 -16.01
C GLU C 107 29.39 -31.55 -16.74
N GLY C 108 29.31 -30.23 -16.65
CA GLY C 108 30.11 -29.35 -17.47
C GLY C 108 29.26 -28.29 -18.17
N GLY C 109 29.92 -27.21 -18.58
CA GLY C 109 29.25 -26.15 -19.32
C GLY C 109 28.19 -25.55 -18.43
N ARG C 110 26.94 -25.57 -18.88
CA ARG C 110 25.86 -24.88 -18.15
C ARG C 110 25.25 -25.69 -17.04
N VAL C 111 25.82 -26.86 -16.79
CA VAL C 111 25.45 -27.67 -15.63
C VAL C 111 26.68 -27.95 -14.77
N GLN C 112 26.96 -27.02 -13.86
CA GLN C 112 28.05 -27.13 -12.90
C GLN C 112 27.69 -26.28 -11.69
N ARG C 113 27.28 -26.93 -10.61
CA ARG C 113 26.74 -26.21 -9.44
C ARG C 113 27.75 -25.30 -8.77
N PHE C 114 28.96 -25.82 -8.63
CA PHE C 114 29.98 -25.18 -7.81
C PHE C 114 31.03 -24.57 -8.73
N ILE C 115 31.12 -23.25 -8.72
CA ILE C 115 31.97 -22.54 -9.65
C ILE C 115 33.25 -22.04 -8.98
N GLU C 116 33.11 -21.18 -7.97
CA GLU C 116 34.27 -20.53 -7.35
C GLU C 116 35.18 -21.53 -6.67
N GLY C 117 36.45 -21.55 -7.06
CA GLY C 117 37.43 -22.47 -6.49
C GLY C 117 37.53 -23.78 -7.23
N PHE C 118 36.70 -23.97 -8.26
CA PHE C 118 36.72 -25.17 -9.09
C PHE C 118 37.23 -24.82 -10.46
N THR C 119 37.83 -25.78 -11.15
CA THR C 119 38.09 -25.62 -12.57
C THR C 119 36.75 -25.55 -13.29
N ARG C 120 36.61 -24.58 -14.21
CA ARG C 120 35.40 -24.48 -15.02
C ARG C 120 35.41 -25.60 -16.06
N LEU C 121 34.34 -26.38 -16.10
CA LEU C 121 34.28 -27.56 -16.96
C LEU C 121 33.62 -27.22 -18.29
N PRO C 122 34.11 -27.82 -19.37
CA PRO C 122 33.52 -27.58 -20.66
C PRO C 122 32.24 -28.36 -20.80
N ALA C 123 31.35 -27.90 -21.68
CA ALA C 123 30.19 -28.68 -22.04
C ALA C 123 30.65 -29.98 -22.74
N MET C 124 29.90 -31.05 -22.56
CA MET C 124 30.30 -32.33 -23.16
C MET C 124 30.36 -32.31 -24.69
N ASN C 125 29.61 -31.45 -25.35
CA ASN C 125 29.70 -31.42 -26.80
C ASN C 125 31.07 -30.94 -27.30
N VAL C 126 31.81 -30.23 -26.46
CA VAL C 126 33.15 -29.81 -26.79
C VAL C 126 34.00 -31.04 -27.04
N LEU C 127 33.77 -32.12 -26.29
CA LEU C 127 34.51 -33.35 -26.48
C LEU C 127 34.13 -34.02 -27.78
N GLY C 128 32.87 -33.94 -28.17
CA GLY C 128 32.44 -34.45 -29.46
C GLY C 128 32.97 -33.63 -30.63
N GLN C 129 33.20 -32.36 -30.41
CA GLN C 129 33.80 -31.52 -31.45
C GLN C 129 35.28 -31.89 -31.65
N ILE C 130 35.99 -32.18 -30.55
CA ILE C 130 37.36 -32.68 -30.63
C ILE C 130 37.37 -34.01 -31.39
N TRP C 131 36.38 -34.85 -31.15
CA TRP C 131 36.25 -36.12 -31.87
C TRP C 131 36.18 -35.89 -33.37
N ASP C 132 35.29 -35.00 -33.79
CA ASP C 132 35.11 -34.70 -35.21
C ASP C 132 36.37 -34.09 -35.84
N LYS C 133 37.06 -33.23 -35.10
CA LYS C 133 38.15 -32.43 -35.65
C LYS C 133 39.52 -33.10 -35.52
N ASP C 134 39.88 -33.57 -34.32
CA ASP C 134 41.18 -34.16 -34.06
C ASP C 134 41.14 -35.67 -33.92
N GLY C 135 39.97 -36.29 -34.04
CA GLY C 135 39.86 -37.75 -33.99
C GLY C 135 39.58 -38.35 -32.61
N ALA C 136 39.20 -39.62 -32.63
CA ALA C 136 38.72 -40.34 -31.46
C ALA C 136 39.74 -40.39 -30.35
N SER C 137 40.98 -40.58 -30.72
CA SER C 137 42.00 -40.79 -29.71
C SER C 137 42.24 -39.53 -28.90
N ALA C 138 42.31 -38.40 -29.58
CA ALA C 138 42.50 -37.12 -28.90
C ALA C 138 41.29 -36.80 -28.01
N ALA C 139 40.11 -37.12 -28.52
CA ALA C 139 38.87 -36.84 -27.82
C ALA C 139 38.75 -37.69 -26.54
N GLU C 140 39.07 -38.98 -26.65
CA GLU C 140 39.03 -39.87 -25.49
C GLU C 140 40.00 -39.40 -24.43
N THR C 141 41.19 -39.00 -24.85
CA THR C 141 42.18 -38.50 -23.91
C THR C 141 41.67 -37.27 -23.20
N ALA C 142 41.07 -36.37 -23.95
CA ALA C 142 40.52 -35.16 -23.37
C ALA C 142 39.39 -35.49 -22.40
N ALA C 143 38.50 -36.41 -22.80
CA ALA C 143 37.39 -36.86 -21.94
C ALA C 143 37.90 -37.42 -20.62
N GLY C 144 38.96 -38.21 -20.66
CA GLY C 144 39.57 -38.79 -19.45
C GLY C 144 40.07 -37.73 -18.49
N GLN C 145 40.69 -36.70 -19.03
CA GLN C 145 41.16 -35.58 -18.21
C GLN C 145 40.04 -34.76 -17.62
N VAL C 146 38.99 -34.53 -18.40
CA VAL C 146 37.81 -33.82 -17.86
C VAL C 146 37.22 -34.63 -16.71
N GLY C 147 37.04 -35.93 -16.90
CA GLY C 147 36.49 -36.79 -15.83
C GLY C 147 37.32 -36.77 -14.57
N ARG C 148 38.63 -36.86 -14.76
CA ARG C 148 39.56 -36.83 -13.63
C ARG C 148 39.49 -35.54 -12.83
N VAL C 149 39.52 -34.41 -13.53
CA VAL C 149 39.47 -33.12 -12.85
C VAL C 149 38.13 -32.94 -12.17
N LEU C 150 37.07 -33.22 -12.91
CA LEU C 150 35.72 -33.08 -12.39
C LEU C 150 35.57 -33.81 -11.06
N ALA C 151 35.91 -35.10 -11.08
CA ALA C 151 35.70 -35.97 -9.93
C ALA C 151 36.65 -35.62 -8.78
N THR C 152 37.93 -35.41 -9.09
CA THR C 152 38.92 -35.19 -8.04
C THR C 152 38.60 -33.95 -7.21
N GLU C 153 38.23 -32.85 -7.87
CA GLU C 153 37.96 -31.63 -7.15
C GLU C 153 36.76 -31.81 -6.25
N LEU C 154 35.77 -32.58 -6.71
CA LEU C 154 34.59 -32.82 -5.87
C LEU C 154 34.92 -33.77 -4.74
N SER C 155 35.74 -34.77 -5.03
CA SER C 155 36.14 -35.74 -4.02
C SER C 155 36.85 -35.08 -2.84
N ALA C 156 37.64 -34.04 -3.14
CA ALA C 156 38.32 -33.26 -2.11
C ALA C 156 37.38 -32.58 -1.15
N CYS C 157 36.13 -32.39 -1.58
CA CYS C 157 35.18 -31.68 -0.76
C CYS C 157 34.23 -32.61 -0.06
N GLY C 158 34.44 -33.92 -0.19
CA GLY C 158 33.60 -34.91 0.49
C GLY C 158 32.38 -35.37 -0.29
N ILE C 159 32.36 -35.11 -1.59
CA ILE C 159 31.25 -35.50 -2.46
C ILE C 159 31.51 -36.93 -2.91
N ASP C 160 30.48 -37.75 -3.03
CA ASP C 160 30.69 -39.13 -3.48
C ASP C 160 30.64 -39.29 -5.00
N LEU C 161 29.69 -38.59 -5.64
CA LEU C 161 29.30 -38.87 -7.00
C LEU C 161 28.79 -37.60 -7.68
N SER C 162 29.17 -37.42 -8.94
CA SER C 162 28.49 -36.47 -9.83
C SER C 162 27.51 -37.22 -10.75
N PHE C 163 26.34 -36.63 -10.95
CA PHE C 163 25.35 -37.21 -11.85
C PHE C 163 25.73 -36.91 -13.31
N THR C 164 26.64 -37.73 -13.82
CA THR C 164 27.19 -37.58 -15.14
C THR C 164 27.75 -38.95 -15.52
N PRO C 165 27.78 -39.28 -16.83
CA PRO C 165 27.49 -38.46 -17.98
C PRO C 165 26.11 -38.57 -18.60
N VAL C 166 25.76 -37.51 -19.33
CA VAL C 166 24.67 -37.53 -20.28
C VAL C 166 25.02 -38.45 -21.45
N LEU C 167 24.15 -39.42 -21.72
CA LEU C 167 24.29 -40.37 -22.80
C LEU C 167 23.26 -40.16 -23.90
N ASP C 168 22.45 -39.12 -23.72
CA ASP C 168 21.48 -38.73 -24.73
C ASP C 168 22.20 -38.35 -26.03
N LEU C 169 21.58 -38.68 -27.15
CA LEU C 169 22.18 -38.39 -28.45
C LEU C 169 21.70 -37.02 -28.95
N ASP C 170 22.59 -36.28 -29.59
CA ASP C 170 22.22 -35.02 -30.15
C ASP C 170 21.52 -35.17 -31.50
N TRP C 171 20.23 -35.41 -31.47
CA TRP C 171 19.42 -35.49 -32.66
C TRP C 171 19.09 -34.10 -33.22
N GLY C 172 19.50 -33.02 -32.54
CA GLY C 172 19.19 -31.66 -32.99
C GLY C 172 17.74 -31.27 -32.70
N ASN C 173 17.11 -31.95 -31.76
CA ASN C 173 15.72 -31.68 -31.38
C ASN C 173 15.50 -31.07 -29.99
N CYS C 174 16.38 -31.35 -29.03
CA CYS C 174 16.09 -31.13 -27.60
C CYS C 174 16.99 -30.05 -26.99
N ALA C 175 16.44 -28.86 -26.83
CA ALA C 175 17.22 -27.70 -26.37
C ALA C 175 17.71 -27.88 -24.94
N VAL C 176 16.88 -28.46 -24.09
CA VAL C 176 17.26 -28.61 -22.71
C VAL C 176 18.49 -29.52 -22.55
N ILE C 177 18.68 -30.47 -23.47
CA ILE C 177 19.87 -31.29 -23.49
C ILE C 177 20.93 -30.44 -24.18
N GLY C 178 20.67 -30.08 -25.42
CA GLY C 178 21.52 -29.17 -26.15
C GLY C 178 22.97 -29.56 -26.23
N ASN C 179 23.86 -28.69 -25.76
CA ASN C 179 25.25 -29.00 -25.75
C ASN C 179 25.69 -29.96 -24.59
N ARG C 180 24.75 -30.43 -23.78
CA ARG C 180 25.06 -31.39 -22.74
C ARG C 180 25.32 -32.79 -23.31
N SER C 181 24.92 -33.02 -24.55
CA SER C 181 25.17 -34.28 -25.23
C SER C 181 26.56 -34.25 -25.90
N PHE C 182 27.28 -35.37 -25.84
CA PHE C 182 28.59 -35.49 -26.45
C PHE C 182 28.52 -35.29 -27.97
N HIS C 183 27.53 -35.88 -28.61
CA HIS C 183 27.58 -36.09 -30.05
C HIS C 183 26.25 -36.68 -30.56
N ARG C 184 26.01 -36.57 -31.86
CA ARG C 184 24.86 -37.20 -32.51
C ARG C 184 24.96 -38.73 -32.59
N ASN C 185 26.18 -39.22 -32.70
CA ASN C 185 26.44 -40.58 -33.14
C ASN C 185 26.59 -41.48 -31.92
N PRO C 186 25.78 -42.53 -31.84
CA PRO C 186 25.84 -43.42 -30.66
C PRO C 186 27.21 -44.00 -30.35
N GLU C 187 28.02 -44.30 -31.37
CA GLU C 187 29.39 -44.80 -31.14
C GLU C 187 30.28 -43.75 -30.50
N ALA C 188 30.20 -42.52 -31.00
CA ALA C 188 30.98 -41.45 -30.39
C ALA C 188 30.53 -41.22 -28.92
N VAL C 189 29.23 -41.23 -28.71
CA VAL C 189 28.71 -40.99 -27.35
C VAL C 189 29.23 -42.07 -26.40
N ALA C 190 29.09 -43.32 -26.81
CA ALA C 190 29.50 -44.46 -25.97
C ALA C 190 30.96 -44.39 -25.65
N ARG C 191 31.79 -44.15 -26.65
CA ARG C 191 33.23 -44.14 -26.41
C ARG C 191 33.69 -42.94 -25.59
N LEU C 192 33.13 -41.76 -25.83
CA LEU C 192 33.50 -40.60 -25.00
C LEU C 192 33.04 -40.81 -23.57
N ALA C 193 31.86 -41.38 -23.42
CA ALA C 193 31.32 -41.64 -22.08
C ALA C 193 32.22 -42.61 -21.31
N LEU C 194 32.62 -43.70 -21.96
CA LEU C 194 33.50 -44.69 -21.33
C LEU C 194 34.84 -44.09 -20.91
N ALA C 195 35.37 -43.21 -21.75
CA ALA C 195 36.62 -42.50 -21.40
C ALA C 195 36.41 -41.54 -20.26
N LEU C 196 35.29 -40.83 -20.27
CA LEU C 196 35.01 -39.94 -19.13
C LEU C 196 34.90 -40.78 -17.86
N GLN C 197 34.22 -41.91 -17.97
CA GLN C 197 33.99 -42.80 -16.81
C GLN C 197 35.30 -43.25 -16.16
N LYS C 198 36.29 -43.60 -16.98
CA LYS C 198 37.64 -43.97 -16.48
C LYS C 198 38.32 -42.80 -15.77
N GLY C 199 38.14 -41.59 -16.32
CA GLY C 199 38.62 -40.39 -15.66
C GLY C 199 37.98 -40.17 -14.31
N LEU C 200 36.65 -40.31 -14.26
CA LEU C 200 35.92 -40.15 -13.00
C LEU C 200 36.47 -41.10 -11.95
N ALA C 201 36.68 -42.36 -12.35
CA ALA C 201 37.15 -43.40 -11.41
C ALA C 201 38.53 -43.05 -10.85
N LYS C 202 39.39 -42.45 -11.67
CA LYS C 202 40.66 -41.93 -11.15
C LYS C 202 40.44 -40.91 -10.06
N GLY C 203 39.39 -40.11 -10.20
CA GLY C 203 39.05 -39.11 -9.20
C GLY C 203 38.22 -39.64 -8.04
N GLY C 204 38.04 -40.95 -7.99
CA GLY C 204 37.35 -41.61 -6.88
C GLY C 204 35.88 -41.93 -7.11
N MET C 205 35.35 -41.65 -8.30
CA MET C 205 33.88 -41.67 -8.51
C MET C 205 33.41 -42.67 -9.54
N LYS C 206 32.21 -43.19 -9.31
CA LYS C 206 31.46 -43.92 -10.31
C LYS C 206 30.67 -42.97 -11.23
N SER C 207 29.93 -43.53 -12.19
CA SER C 207 29.16 -42.75 -13.15
C SER C 207 27.65 -42.98 -13.04
N CYS C 208 26.88 -42.01 -13.54
CA CYS C 208 25.43 -42.08 -13.59
C CYS C 208 24.97 -41.62 -14.94
N GLY C 209 24.49 -42.57 -15.75
CA GLY C 209 24.06 -42.27 -17.11
C GLY C 209 22.70 -41.61 -17.13
N LYS C 210 22.53 -40.61 -17.97
CA LYS C 210 21.27 -39.86 -18.08
C LYS C 210 20.94 -39.64 -19.56
N HIS C 211 19.66 -39.65 -19.98
CA HIS C 211 18.47 -39.93 -19.18
C HIS C 211 17.81 -41.12 -19.84
N PHE C 212 17.85 -42.27 -19.16
CA PHE C 212 17.42 -43.53 -19.73
C PHE C 212 15.94 -43.50 -20.10
N PRO C 213 15.58 -44.01 -21.28
CA PRO C 213 16.35 -44.67 -22.32
C PRO C 213 16.83 -43.76 -23.45
N GLY C 214 16.78 -42.44 -23.25
CA GLY C 214 17.31 -41.50 -24.25
C GLY C 214 16.40 -40.30 -24.42
N HIS C 215 16.90 -39.13 -24.05
CA HIS C 215 16.15 -37.88 -24.05
C HIS C 215 16.41 -37.05 -25.31
N GLY C 216 17.30 -37.51 -26.17
CA GLY C 216 17.78 -36.69 -27.26
C GLY C 216 16.81 -36.37 -28.39
N PHE C 217 15.80 -37.19 -28.58
CA PHE C 217 14.97 -37.12 -29.79
C PHE C 217 13.74 -36.22 -29.60
N VAL C 218 13.22 -36.13 -28.39
CA VAL C 218 12.09 -35.27 -28.11
C VAL C 218 12.49 -33.80 -28.15
N GLU C 219 11.51 -32.94 -28.33
CA GLU C 219 11.74 -31.51 -28.23
C GLU C 219 11.53 -31.18 -26.78
N GLY C 220 12.29 -30.23 -26.28
CA GLY C 220 12.22 -29.89 -24.89
C GLY C 220 12.78 -28.49 -24.69
N ASP C 221 11.90 -27.52 -24.57
CA ASP C 221 12.30 -26.13 -24.50
C ASP C 221 11.32 -25.31 -23.72
N SER C 222 10.47 -25.99 -23.01
CA SER C 222 9.40 -25.39 -22.26
C SER C 222 9.45 -26.07 -20.94
N HIS C 223 10.37 -25.63 -20.11
CA HIS C 223 10.58 -26.16 -18.78
C HIS C 223 9.31 -26.70 -18.08
N LEU C 224 9.28 -28.00 -17.81
CA LEU C 224 8.16 -28.71 -17.14
C LEU C 224 6.98 -29.23 -18.02
N VAL C 225 7.23 -29.49 -19.28
CA VAL C 225 6.35 -30.23 -20.15
C VAL C 225 6.84 -31.68 -20.02
N LEU C 226 5.99 -32.64 -20.41
CA LEU C 226 6.27 -34.07 -20.45
C LEU C 226 6.15 -34.64 -21.87
N PRO C 227 7.26 -34.60 -22.57
CA PRO C 227 7.41 -34.82 -23.99
C PRO C 227 7.10 -36.24 -24.42
N GLU C 228 6.85 -36.42 -25.70
CA GLU C 228 6.50 -37.73 -26.26
C GLU C 228 7.46 -38.11 -27.38
N ASP C 229 8.04 -39.30 -27.27
CA ASP C 229 8.96 -39.83 -28.28
C ASP C 229 8.21 -40.97 -28.94
N GLY C 230 7.81 -40.77 -30.19
CA GLY C 230 6.95 -41.71 -30.89
C GLY C 230 7.63 -42.89 -31.53
N ARG C 231 8.93 -43.05 -31.33
CA ARG C 231 9.68 -44.08 -32.04
C ARG C 231 9.48 -45.46 -31.46
N SER C 232 9.87 -46.45 -32.25
CA SER C 232 9.74 -47.84 -31.86
C SER C 232 10.95 -48.25 -31.04
N LEU C 233 10.79 -49.33 -30.28
CA LEU C 233 11.89 -49.88 -29.52
C LEU C 233 13.09 -50.23 -30.39
N ASP C 234 12.84 -50.78 -31.57
CA ASP C 234 13.94 -51.13 -32.48
C ASP C 234 14.75 -49.89 -32.84
N GLU C 235 14.06 -48.79 -33.11
CA GLU C 235 14.75 -47.54 -33.44
C GLU C 235 15.64 -47.09 -32.29
N LEU C 236 15.14 -47.23 -31.06
CA LEU C 236 15.93 -46.90 -29.89
C LEU C 236 17.09 -47.88 -29.67
N GLU C 237 16.86 -49.17 -29.90
CA GLU C 237 17.94 -50.16 -29.75
C GLU C 237 19.05 -49.91 -30.74
N ALA C 238 18.69 -49.45 -31.92
CA ALA C 238 19.69 -49.16 -32.94
C ALA C 238 20.56 -47.95 -32.60
N ALA C 239 20.11 -47.08 -31.69
CA ALA C 239 20.82 -45.82 -31.46
C ALA C 239 20.83 -45.43 -29.99
N ASP C 240 19.74 -44.82 -29.50
CA ASP C 240 19.77 -44.13 -28.19
C ASP C 240 20.10 -45.07 -27.01
N LEU C 241 19.66 -46.32 -27.11
CA LEU C 241 19.92 -47.30 -26.04
C LEU C 241 21.33 -47.83 -26.00
N ALA C 242 22.02 -47.79 -27.12
CA ALA C 242 23.31 -48.48 -27.19
C ALA C 242 24.33 -47.96 -26.17
N PRO C 243 24.40 -46.62 -25.98
CA PRO C 243 25.37 -46.14 -24.96
C PRO C 243 25.04 -46.60 -23.53
N PHE C 244 23.76 -46.75 -23.23
CA PHE C 244 23.34 -47.23 -21.94
C PHE C 244 23.75 -48.71 -21.76
N ARG C 245 23.52 -49.54 -22.77
CA ARG C 245 23.95 -50.95 -22.72
C ARG C 245 25.44 -51.08 -22.45
N ILE C 246 26.22 -50.32 -23.21
CA ILE C 246 27.65 -50.41 -23.15
C ILE C 246 28.16 -49.90 -21.80
N MET C 247 27.63 -48.77 -21.34
CA MET C 247 28.04 -48.24 -20.02
C MET C 247 27.65 -49.18 -18.89
N SER C 248 26.47 -49.78 -18.99
CA SER C 248 26.03 -50.78 -18.04
C SER C 248 27.05 -51.92 -17.97
N ARG C 249 27.40 -52.46 -19.12
CA ARG C 249 28.39 -53.54 -19.20
C ARG C 249 29.70 -53.17 -18.56
N GLU C 250 30.10 -51.92 -18.73
CA GLU C 250 31.38 -51.44 -18.20
C GLU C 250 31.33 -50.83 -16.81
N GLY C 251 30.29 -51.12 -16.04
CA GLY C 251 30.31 -50.80 -14.60
C GLY C 251 29.65 -49.50 -14.15
N MET C 252 28.82 -48.89 -15.00
CA MET C 252 28.04 -47.71 -14.61
C MET C 252 27.26 -47.98 -13.34
N ALA C 253 27.31 -47.04 -12.39
CA ALA C 253 26.73 -47.26 -11.05
C ALA C 253 25.25 -46.95 -10.94
N ALA C 254 24.77 -46.05 -11.79
CA ALA C 254 23.42 -45.56 -11.67
C ALA C 254 22.91 -45.01 -12.98
N VAL C 255 21.61 -44.82 -13.01
CA VAL C 255 20.91 -44.25 -14.14
C VAL C 255 19.86 -43.28 -13.61
N MET C 256 19.64 -42.19 -14.33
CA MET C 256 18.51 -41.30 -14.12
C MET C 256 17.60 -41.49 -15.32
N PRO C 257 16.29 -41.65 -15.09
CA PRO C 257 15.38 -41.87 -16.20
C PRO C 257 14.94 -40.58 -16.84
N ALA C 258 14.56 -40.67 -18.11
CA ALA C 258 13.96 -39.53 -18.81
C ALA C 258 12.51 -39.37 -18.36
N HIS C 259 12.10 -38.13 -18.14
CA HIS C 259 10.70 -37.79 -17.94
C HIS C 259 10.07 -37.64 -19.32
N VAL C 260 9.87 -38.77 -19.98
CA VAL C 260 9.47 -38.80 -21.37
C VAL C 260 8.62 -40.05 -21.55
N VAL C 261 7.55 -39.94 -22.33
CA VAL C 261 6.71 -41.08 -22.67
C VAL C 261 7.09 -41.59 -24.04
N TYR C 262 7.22 -42.91 -24.15
CA TYR C 262 7.56 -43.57 -25.39
C TYR C 262 6.37 -44.50 -25.71
N PRO C 263 5.31 -43.95 -26.31
CA PRO C 263 4.03 -44.69 -26.42
C PRO C 263 4.08 -46.03 -27.10
N GLN C 264 4.98 -46.24 -28.04
CA GLN C 264 5.10 -47.57 -28.66
C GLN C 264 5.59 -48.64 -27.69
N VAL C 265 6.19 -48.24 -26.57
CA VAL C 265 6.69 -49.20 -25.59
C VAL C 265 5.79 -49.19 -24.36
N ASP C 266 5.37 -48.01 -23.91
CA ASP C 266 4.56 -47.89 -22.72
C ASP C 266 3.94 -46.52 -22.66
N THR C 267 2.75 -46.46 -22.08
CA THR C 267 2.00 -45.22 -21.97
C THR C 267 2.50 -44.38 -20.81
N LYS C 268 3.31 -44.98 -19.94
CA LYS C 268 3.85 -44.28 -18.79
C LYS C 268 5.24 -43.73 -19.08
N PRO C 269 5.56 -42.56 -18.48
CA PRO C 269 6.95 -42.08 -18.55
C PRO C 269 7.92 -43.14 -18.04
N ALA C 270 9.12 -43.16 -18.61
CA ALA C 270 10.12 -44.17 -18.31
C ALA C 270 10.37 -44.37 -16.83
N GLY C 271 10.43 -43.28 -16.07
CA GLY C 271 10.71 -43.37 -14.62
C GLY C 271 9.61 -43.99 -13.78
N PHE C 272 8.43 -44.19 -14.38
CA PHE C 272 7.32 -44.82 -13.71
C PHE C 272 6.87 -46.05 -14.51
N SER C 273 7.75 -46.62 -15.31
CA SER C 273 7.38 -47.73 -16.18
C SER C 273 8.10 -49.04 -15.85
N GLU C 274 7.36 -50.04 -15.40
CA GLU C 274 7.89 -51.39 -15.16
C GLU C 274 8.53 -51.95 -16.41
N ILE C 275 7.91 -51.67 -17.55
CA ILE C 275 8.42 -52.17 -18.82
C ILE C 275 9.84 -51.61 -19.04
N TRP C 276 9.99 -50.29 -18.95
CA TRP C 276 11.30 -49.68 -19.17
C TRP C 276 12.32 -50.13 -18.13
N LEU C 277 11.93 -50.11 -16.86
CA LEU C 277 12.87 -50.28 -15.78
C LEU C 277 13.14 -51.74 -15.41
N LYS C 278 12.11 -52.59 -15.41
CA LYS C 278 12.31 -53.98 -15.02
C LYS C 278 12.57 -54.85 -16.22
N GLN C 279 11.69 -54.78 -17.19
CA GLN C 279 11.77 -55.66 -18.32
C GLN C 279 12.97 -55.30 -19.22
N ILE C 280 13.13 -54.01 -19.52
CA ILE C 280 14.20 -53.62 -20.45
C ILE C 280 15.53 -53.39 -19.74
N LEU C 281 15.57 -52.47 -18.78
CA LEU C 281 16.83 -52.13 -18.13
C LEU C 281 17.39 -53.27 -17.24
N ARG C 282 16.57 -53.84 -16.37
CA ARG C 282 17.04 -54.94 -15.50
C ARG C 282 17.21 -56.22 -16.29
N ARG C 283 16.12 -56.72 -16.87
CA ARG C 283 16.13 -58.05 -17.48
C ARG C 283 16.93 -58.11 -18.77
N ASP C 284 16.55 -57.29 -19.73
CA ASP C 284 17.14 -57.34 -21.05
C ASP C 284 18.59 -56.80 -21.07
N ILE C 285 18.82 -55.66 -20.41
CA ILE C 285 20.14 -55.06 -20.41
C ILE C 285 21.07 -55.65 -19.35
N GLY C 286 20.50 -56.13 -18.24
CA GLY C 286 21.30 -56.73 -17.17
C GLY C 286 21.89 -55.75 -16.18
N PHE C 287 21.33 -54.53 -16.15
CA PHE C 287 21.86 -53.49 -15.27
C PHE C 287 21.60 -53.84 -13.80
N LYS C 288 22.63 -53.76 -12.99
CA LYS C 288 22.52 -54.06 -11.57
C LYS C 288 22.69 -52.88 -10.63
N GLY C 289 22.86 -51.68 -11.17
CA GLY C 289 23.10 -50.52 -10.34
C GLY C 289 21.83 -49.84 -9.86
N VAL C 290 22.00 -48.60 -9.40
CA VAL C 290 20.89 -47.80 -8.90
C VAL C 290 20.03 -47.26 -10.04
N ILE C 291 18.73 -47.40 -9.89
CA ILE C 291 17.80 -46.63 -10.71
C ILE C 291 17.24 -45.54 -9.80
N PHE C 292 17.62 -44.29 -10.05
CA PHE C 292 16.99 -43.16 -9.38
C PHE C 292 15.62 -42.84 -9.97
N SER C 293 14.73 -42.21 -9.19
CA SER C 293 13.45 -41.74 -9.71
C SER C 293 13.66 -40.37 -10.33
N ASP C 294 12.65 -39.79 -10.96
CA ASP C 294 12.75 -38.32 -11.22
C ASP C 294 12.50 -37.59 -9.91
N ASP C 295 12.77 -36.28 -9.87
CA ASP C 295 12.36 -35.43 -8.74
C ASP C 295 10.81 -35.53 -8.66
N LEU C 296 10.32 -36.10 -7.56
CA LEU C 296 8.89 -36.41 -7.31
C LEU C 296 8.07 -35.19 -6.89
N THR C 297 8.74 -34.09 -6.55
CA THR C 297 8.06 -32.84 -6.14
C THR C 297 7.20 -32.13 -7.14
N ALA C 304 -1.36 -32.21 -6.08
CA ALA C 304 -0.36 -33.18 -5.67
C ALA C 304 -0.71 -34.62 -6.10
N GLY C 305 -1.73 -35.28 -5.51
CA GLY C 305 -1.91 -36.74 -5.64
C GLY C 305 -1.16 -37.47 -4.52
N GLY C 306 -0.22 -36.74 -3.92
CA GLY C 306 0.44 -37.08 -2.67
C GLY C 306 1.79 -37.69 -2.83
N ILE C 307 2.75 -37.22 -2.02
CA ILE C 307 4.14 -37.66 -2.15
C ILE C 307 4.29 -39.15 -1.86
N LYS C 308 3.57 -39.65 -0.85
CA LYS C 308 3.62 -41.06 -0.50
C LYS C 308 3.21 -41.91 -1.67
N GLU C 309 2.14 -41.50 -2.35
CA GLU C 309 1.65 -42.26 -3.48
C GLU C 309 2.64 -42.19 -4.66
N ARG C 310 3.19 -41.00 -4.90
CA ARG C 310 4.14 -40.77 -6.00
C ARG C 310 5.41 -41.63 -5.80
N ALA C 311 5.90 -41.66 -4.56
CA ALA C 311 7.01 -42.57 -4.19
C ALA C 311 6.64 -44.04 -4.38
N ARG C 312 5.45 -44.42 -3.93
CA ARG C 312 5.01 -45.79 -4.04
C ARG C 312 5.05 -46.26 -5.48
N ILE C 313 4.51 -45.46 -6.39
CA ILE C 313 4.45 -45.89 -7.80
C ILE C 313 5.86 -45.92 -8.42
N SER C 314 6.74 -45.04 -7.95
CA SER C 314 8.14 -45.08 -8.37
C SER C 314 8.85 -46.38 -7.97
N PHE C 315 8.76 -46.73 -6.69
CA PHE C 315 9.35 -47.98 -6.21
C PHE C 315 8.75 -49.19 -6.92
N GLU C 316 7.43 -49.20 -7.05
CA GLU C 316 6.73 -50.27 -7.73
C GLU C 316 7.18 -50.42 -9.19
N ALA C 317 7.47 -49.29 -9.85
CA ALA C 317 7.97 -49.32 -11.23
C ALA C 317 9.39 -49.88 -11.37
N GLY C 318 10.20 -49.81 -10.31
CA GLY C 318 11.55 -50.37 -10.32
C GLY C 318 12.66 -49.44 -9.82
N CYS C 319 12.34 -48.21 -9.42
CA CYS C 319 13.33 -47.32 -8.85
C CYS C 319 13.81 -47.81 -7.49
N ASP C 320 15.11 -47.70 -7.24
CA ASP C 320 15.70 -48.04 -5.95
C ASP C 320 15.58 -46.90 -4.98
N ILE C 321 15.77 -45.68 -5.49
CA ILE C 321 15.94 -44.51 -4.66
C ILE C 321 15.15 -43.34 -5.25
N VAL C 322 14.35 -42.68 -4.43
CA VAL C 322 13.53 -41.57 -4.89
C VAL C 322 14.17 -40.25 -4.49
N LEU C 323 14.14 -39.31 -5.42
CA LEU C 323 14.67 -37.99 -5.20
C LEU C 323 13.54 -37.05 -4.85
N VAL C 324 13.72 -36.28 -3.76
CA VAL C 324 12.73 -35.30 -3.34
C VAL C 324 13.47 -34.03 -3.02
N CYS C 325 13.48 -33.11 -3.98
CA CYS C 325 14.31 -31.92 -3.90
C CYS C 325 13.50 -30.65 -3.66
N ASN C 326 14.12 -29.72 -2.96
CA ASN C 326 13.56 -28.38 -2.67
C ASN C 326 12.28 -28.39 -1.85
N ARG C 327 11.96 -29.51 -1.19
CA ARG C 327 10.68 -29.64 -0.51
C ARG C 327 10.84 -30.48 0.76
N PRO C 328 11.52 -29.92 1.76
CA PRO C 328 11.67 -30.65 3.01
C PRO C 328 10.33 -30.98 3.71
N ASP C 329 9.29 -30.20 3.43
CA ASP C 329 7.95 -30.51 3.88
C ASP C 329 7.43 -31.83 3.31
N LEU C 330 7.70 -32.09 2.03
CA LEU C 330 7.27 -33.34 1.41
C LEU C 330 8.13 -34.50 1.88
N VAL C 331 9.39 -34.24 2.21
CA VAL C 331 10.25 -35.28 2.77
C VAL C 331 9.72 -35.64 4.16
N ASP C 332 9.34 -34.63 4.94
CA ASP C 332 8.76 -34.87 6.27
C ASP C 332 7.48 -35.65 6.19
N GLU C 333 6.63 -35.28 5.25
CA GLU C 333 5.41 -36.00 5.02
C GLU C 333 5.68 -37.46 4.61
N LEU C 334 6.60 -37.64 3.66
CA LEU C 334 6.89 -38.98 3.15
C LEU C 334 7.45 -39.90 4.24
N ARG C 335 8.40 -39.38 5.02
CA ARG C 335 9.10 -40.22 6.00
C ARG C 335 8.24 -40.61 7.20
N ASP C 336 7.22 -39.83 7.51
CA ASP C 336 6.34 -40.09 8.64
C ASP C 336 5.50 -41.34 8.44
N GLY C 337 5.80 -42.38 9.20
CA GLY C 337 5.12 -43.67 9.06
C GLY C 337 5.52 -44.43 7.81
N PHE C 338 6.69 -44.09 7.26
CA PHE C 338 7.16 -44.67 6.00
C PHE C 338 7.60 -46.10 6.21
N THR C 339 7.10 -47.02 5.41
CA THR C 339 7.61 -48.39 5.40
C THR C 339 8.64 -48.54 4.29
N ILE C 340 9.84 -48.96 4.66
CA ILE C 340 10.94 -49.14 3.71
C ILE C 340 10.63 -50.35 2.85
N PRO C 341 10.51 -50.16 1.52
CA PRO C 341 10.20 -51.32 0.71
C PRO C 341 11.32 -52.34 0.80
N ASP C 342 10.98 -53.61 0.75
CA ASP C 342 11.99 -54.64 0.82
C ASP C 342 12.84 -54.60 -0.46
N ASN C 343 14.13 -54.34 -0.30
CA ASN C 343 15.07 -54.28 -1.42
C ASN C 343 16.41 -54.74 -0.92
N GLN C 344 16.65 -56.04 -1.03
CA GLN C 344 17.89 -56.65 -0.55
C GLN C 344 19.14 -56.13 -1.26
N ASP C 345 18.96 -55.52 -2.44
CA ASP C 345 20.07 -55.01 -3.22
C ASP C 345 20.45 -53.56 -2.89
N LEU C 346 19.60 -52.87 -2.13
CA LEU C 346 19.77 -51.45 -1.94
C LEU C 346 21.14 -51.13 -1.32
N ALA C 347 21.49 -51.84 -0.25
CA ALA C 347 22.68 -51.50 0.52
C ALA C 347 23.93 -51.58 -0.34
N GLY C 348 24.01 -52.62 -1.16
CA GLY C 348 25.13 -52.79 -2.07
C GLY C 348 25.13 -51.76 -3.18
N ARG C 349 23.93 -51.43 -3.68
CA ARG C 349 23.79 -50.41 -4.72
C ARG C 349 24.23 -49.02 -4.24
N TRP C 350 23.83 -48.62 -3.03
CA TRP C 350 24.36 -47.39 -2.44
C TRP C 350 25.88 -47.47 -2.26
N GLN C 351 26.36 -48.60 -1.74
CA GLN C 351 27.75 -48.71 -1.36
C GLN C 351 28.70 -48.66 -2.55
N TYR C 352 28.28 -49.25 -3.66
CA TYR C 352 29.03 -49.16 -4.91
C TYR C 352 29.31 -47.69 -5.32
N MET C 353 28.44 -46.77 -4.92
CA MET C 353 28.61 -45.34 -5.25
C MET C 353 29.50 -44.56 -4.30
N GLU C 354 29.92 -45.17 -3.18
CA GLU C 354 30.75 -44.46 -2.22
C GLU C 354 32.07 -44.06 -2.88
N ASN C 355 32.55 -42.86 -2.55
CA ASN C 355 33.81 -42.40 -3.08
C ASN C 355 34.93 -43.35 -2.66
N SER C 356 35.82 -43.65 -3.59
CA SER C 356 36.87 -44.61 -3.33
C SER C 356 38.18 -43.96 -2.82
N LEU C 357 38.28 -42.63 -2.84
CA LEU C 357 39.48 -41.92 -2.37
C LEU C 357 39.30 -41.29 -1.02
N GLY C 358 40.29 -41.43 -0.13
CA GLY C 358 40.24 -40.74 1.18
C GLY C 358 40.54 -39.26 0.99
N HIS C 359 40.05 -38.46 1.93
CA HIS C 359 40.17 -36.99 1.86
C HIS C 359 41.62 -36.48 1.80
N GLU C 360 42.48 -37.04 2.64
CA GLU C 360 43.89 -36.67 2.65
C GLU C 360 44.58 -37.07 1.33
N ALA C 361 44.30 -38.27 0.85
CA ALA C 361 44.84 -38.72 -0.41
C ALA C 361 44.50 -37.72 -1.52
N VAL C 362 43.28 -37.20 -1.50
CA VAL C 362 42.87 -36.28 -2.54
C VAL C 362 43.58 -34.91 -2.46
N GLN C 363 43.69 -34.36 -1.24
CA GLN C 363 44.46 -33.12 -1.06
C GLN C 363 45.93 -33.30 -1.54
N ALA C 364 46.51 -34.46 -1.27
CA ALA C 364 47.86 -34.75 -1.77
C ALA C 364 47.90 -34.72 -3.32
N VAL C 365 47.01 -35.47 -3.95
CA VAL C 365 47.03 -35.59 -5.44
C VAL C 365 46.82 -34.22 -6.10
N MET C 366 46.03 -33.35 -5.45
CA MET C 366 45.75 -32.04 -6.04
C MET C 366 46.94 -31.08 -5.99
N GLN C 367 47.90 -31.35 -5.11
CA GLN C 367 49.15 -30.59 -5.08
C GLN C 367 50.15 -31.06 -6.18
N THR C 368 49.95 -32.23 -6.77
CA THR C 368 50.89 -32.75 -7.77
C THR C 368 50.85 -31.92 -9.04
N MET C 369 51.96 -31.92 -9.75
CA MET C 369 52.06 -31.21 -11.01
C MET C 369 51.17 -31.83 -12.08
N GLY C 370 51.12 -33.16 -12.09
CA GLY C 370 50.31 -33.90 -13.07
C GLY C 370 48.84 -33.49 -13.02
N PHE C 371 48.30 -33.43 -11.81
CA PHE C 371 46.93 -33.01 -11.65
C PHE C 371 46.72 -31.54 -11.97
N GLN C 372 47.64 -30.68 -11.52
CA GLN C 372 47.58 -29.25 -11.84
C GLN C 372 47.61 -28.99 -13.35
N ALA C 373 48.37 -29.80 -14.08
CA ALA C 373 48.39 -29.70 -15.54
C ALA C 373 47.05 -30.10 -16.15
N ALA C 374 46.45 -31.17 -15.60
CA ALA C 374 45.14 -31.60 -16.06
C ALA C 374 44.14 -30.47 -15.87
N GLN C 375 44.18 -29.85 -14.70
CA GLN C 375 43.32 -28.72 -14.41
C GLN C 375 43.43 -27.63 -15.46
N ALA C 376 44.64 -27.24 -15.79
CA ALA C 376 44.85 -26.17 -16.77
C ALA C 376 44.37 -26.57 -18.17
N PHE C 377 44.60 -27.83 -18.54
CA PHE C 377 44.10 -28.31 -19.83
C PHE C 377 42.56 -28.23 -19.91
N VAL C 378 41.89 -28.66 -18.85
CA VAL C 378 40.43 -28.70 -18.81
C VAL C 378 39.90 -27.26 -18.80
N ALA C 379 40.50 -26.40 -17.99
CA ALA C 379 40.18 -24.97 -17.99
C ALA C 379 40.23 -24.40 -19.40
N GLY C 380 41.22 -24.84 -20.18
CA GLY C 380 41.42 -24.34 -21.53
C GLY C 380 40.32 -24.75 -22.47
N LEU C 381 39.79 -25.96 -22.28
CA LEU C 381 38.66 -26.41 -23.08
C LEU C 381 37.44 -25.56 -22.79
N ALA C 382 37.28 -25.15 -21.53
CA ALA C 382 36.14 -24.32 -21.13
C ALA C 382 36.22 -22.84 -21.57
N SER C 383 37.39 -22.37 -22.00
CA SER C 383 37.51 -20.97 -22.47
C SER C 383 37.59 -20.80 -23.99
N THR D 38 -52.53 5.85 42.86
CA THR D 38 -51.80 4.61 43.26
C THR D 38 -50.36 4.56 42.72
N VAL D 39 -50.15 5.01 41.47
CA VAL D 39 -48.82 4.98 40.81
C VAL D 39 -47.97 6.17 41.29
N PRO D 40 -47.04 5.92 42.23
CA PRO D 40 -46.31 7.04 42.84
C PRO D 40 -45.53 7.93 41.86
N HIS D 41 -45.55 9.23 42.11
CA HIS D 41 -44.73 10.16 41.35
C HIS D 41 -43.46 10.49 42.09
N ILE D 42 -42.34 9.98 41.57
CA ILE D 42 -41.04 10.11 42.20
C ILE D 42 -40.02 10.53 41.12
N PRO D 43 -39.24 11.59 41.37
CA PRO D 43 -38.19 11.89 40.39
C PRO D 43 -37.26 10.68 40.15
N ARG D 44 -36.74 10.58 38.94
CA ARG D 44 -35.78 9.53 38.62
C ARG D 44 -34.49 9.80 39.38
N GLY D 45 -34.05 8.81 40.14
CA GLY D 45 -32.82 8.92 40.92
C GLY D 45 -31.58 8.74 40.07
N PRO D 46 -30.40 8.95 40.66
CA PRO D 46 -29.14 8.90 39.91
C PRO D 46 -28.48 7.53 39.85
N VAL D 47 -29.21 6.47 40.11
CA VAL D 47 -28.65 5.12 40.06
C VAL D 47 -29.35 4.31 39.00
N MET D 48 -28.57 3.64 38.15
CA MET D 48 -29.13 2.72 37.19
C MET D 48 -28.82 1.33 37.71
N ALA D 49 -29.85 0.57 38.01
CA ALA D 49 -29.67 -0.77 38.54
C ALA D 49 -30.03 -1.79 37.47
N ASP D 50 -30.23 -3.04 37.87
CA ASP D 50 -30.60 -4.08 36.93
C ASP D 50 -31.44 -5.16 37.62
N ILE D 51 -31.75 -6.24 36.90
CA ILE D 51 -32.77 -7.20 37.29
C ILE D 51 -32.21 -8.59 37.06
N ALA D 52 -32.67 -9.58 37.81
CA ALA D 52 -32.05 -10.91 37.80
C ALA D 52 -32.43 -11.76 36.60
N ALA D 53 -33.72 -11.79 36.27
CA ALA D 53 -34.20 -12.73 35.27
C ALA D 53 -35.33 -12.17 34.40
N PHE D 54 -36.33 -12.98 34.05
CA PHE D 54 -37.29 -12.62 33.02
C PHE D 54 -38.45 -11.77 33.49
N ARG D 55 -38.77 -11.85 34.79
CA ARG D 55 -39.89 -11.12 35.36
C ARG D 55 -39.47 -10.55 36.70
N LEU D 56 -40.03 -9.42 37.08
CA LEU D 56 -39.70 -8.83 38.37
C LEU D 56 -40.15 -9.72 39.51
N THR D 57 -39.30 -9.86 40.51
CA THR D 57 -39.72 -10.39 41.80
C THR D 57 -40.28 -9.25 42.63
N GLU D 58 -40.92 -9.62 43.74
CA GLU D 58 -41.49 -8.63 44.64
C GLU D 58 -40.39 -7.80 45.29
N GLU D 59 -39.27 -8.44 45.60
CA GLU D 59 -38.13 -7.75 46.16
C GLU D 59 -37.60 -6.69 45.18
N GLU D 60 -37.55 -7.06 43.90
CA GLU D 60 -37.08 -6.16 42.85
C GLU D 60 -38.01 -4.96 42.70
N LYS D 61 -39.32 -5.23 42.74
CA LYS D 61 -40.31 -4.16 42.71
C LYS D 61 -40.09 -3.14 43.80
N GLN D 62 -39.84 -3.62 45.02
CA GLN D 62 -39.59 -2.72 46.12
C GLN D 62 -38.30 -1.95 45.90
N ARG D 63 -37.25 -2.64 45.47
CA ARG D 63 -35.99 -1.97 45.16
C ARG D 63 -36.16 -0.86 44.13
N LEU D 64 -36.91 -1.12 43.05
CA LEU D 64 -37.03 -0.15 41.95
C LEU D 64 -37.91 1.03 42.31
N LEU D 65 -38.60 0.95 43.45
CA LEU D 65 -39.38 2.07 43.96
C LEU D 65 -38.53 3.06 44.73
N ASP D 66 -37.32 2.68 45.09
CA ASP D 66 -36.46 3.54 45.87
C ASP D 66 -36.13 4.82 45.10
N PRO D 67 -36.23 6.00 45.74
CA PRO D 67 -35.95 7.26 45.02
C PRO D 67 -34.52 7.40 44.48
N ALA D 68 -33.59 6.57 44.97
CA ALA D 68 -32.22 6.56 44.45
C ALA D 68 -32.13 6.05 43.02
N ILE D 69 -33.10 5.24 42.62
CA ILE D 69 -33.07 4.62 41.31
C ILE D 69 -33.80 5.44 40.26
N GLY D 70 -33.18 5.58 39.09
CA GLY D 70 -33.77 6.29 37.96
C GLY D 70 -33.91 5.49 36.68
N GLY D 71 -33.25 4.34 36.60
CA GLY D 71 -33.31 3.52 35.39
C GLY D 71 -32.79 2.10 35.60
N ILE D 72 -32.89 1.30 34.54
CA ILE D 72 -32.53 -0.09 34.56
C ILE D 72 -31.77 -0.43 33.27
N ILE D 73 -30.72 -1.22 33.40
CA ILE D 73 -30.04 -1.79 32.24
C ILE D 73 -30.37 -3.27 32.18
N LEU D 74 -30.75 -3.74 31.00
CA LEU D 74 -31.06 -5.16 30.78
C LEU D 74 -29.91 -5.89 30.09
N PHE D 75 -29.90 -7.20 30.28
CA PHE D 75 -28.88 -8.09 29.75
C PHE D 75 -29.55 -9.33 29.14
N ARG D 76 -28.75 -10.20 28.54
CA ARG D 76 -29.29 -11.39 27.88
C ARG D 76 -30.06 -12.27 28.84
N ARG D 77 -29.63 -12.33 30.10
CA ARG D 77 -30.34 -13.13 31.13
C ARG D 77 -31.74 -12.65 31.39
N ASN D 78 -32.06 -11.44 30.93
CA ASN D 78 -33.40 -10.90 31.09
C ASN D 78 -34.29 -11.15 29.88
N PHE D 79 -33.81 -11.94 28.92
CA PHE D 79 -34.52 -12.10 27.65
C PHE D 79 -34.83 -13.54 27.32
N GLN D 80 -36.11 -13.79 27.12
CA GLN D 80 -36.64 -15.09 26.73
C GLN D 80 -37.15 -14.99 25.31
N ASN D 81 -38.06 -14.03 25.10
CA ASN D 81 -38.61 -13.77 23.79
C ASN D 81 -39.26 -12.40 23.84
N ILE D 82 -39.73 -11.92 22.69
CA ILE D 82 -40.26 -10.58 22.57
C ILE D 82 -41.46 -10.31 23.46
N GLU D 83 -42.37 -11.28 23.57
CA GLU D 83 -43.57 -11.09 24.38
C GLU D 83 -43.24 -11.01 25.88
N GLN D 84 -42.36 -11.88 26.34
CA GLN D 84 -41.88 -11.79 27.72
C GLN D 84 -41.18 -10.44 27.99
N LEU D 85 -40.35 -10.00 27.06
CA LEU D 85 -39.62 -8.71 27.20
C LEU D 85 -40.59 -7.55 27.35
N LYS D 86 -41.62 -7.54 26.52
CA LYS D 86 -42.64 -6.51 26.58
C LYS D 86 -43.31 -6.47 27.94
N THR D 87 -43.62 -7.65 28.47
CA THR D 87 -44.24 -7.77 29.78
C THR D 87 -43.30 -7.22 30.84
N LEU D 88 -42.04 -7.57 30.72
CA LEU D 88 -41.03 -7.10 31.66
C LEU D 88 -40.89 -5.58 31.63
N THR D 89 -40.77 -5.00 30.45
CA THR D 89 -40.60 -3.56 30.38
C THR D 89 -41.85 -2.84 30.86
N ALA D 90 -43.02 -3.39 30.54
CA ALA D 90 -44.27 -2.78 30.94
C ALA D 90 -44.37 -2.73 32.46
N GLU D 91 -44.06 -3.86 33.11
CA GLU D 91 -44.15 -3.90 34.57
C GLU D 91 -43.10 -3.01 35.25
N ILE D 92 -41.93 -2.86 34.63
CA ILE D 92 -40.94 -1.90 35.14
C ILE D 92 -41.49 -0.47 35.06
N LYS D 93 -42.10 -0.14 33.93
CA LYS D 93 -42.61 1.21 33.70
C LYS D 93 -43.80 1.53 34.58
N ALA D 94 -44.61 0.52 34.88
CA ALA D 94 -45.80 0.69 35.71
C ALA D 94 -45.52 1.07 37.17
N LEU D 95 -44.30 0.83 37.65
CA LEU D 95 -43.99 1.07 39.06
C LEU D 95 -44.07 2.51 39.50
N ARG D 96 -43.75 3.44 38.62
CA ARG D 96 -43.62 4.84 39.02
C ARG D 96 -43.60 5.76 37.82
N THR D 97 -43.72 7.06 38.10
CA THR D 97 -43.62 8.12 37.08
C THR D 97 -42.74 9.24 37.64
N PRO D 98 -41.89 9.84 36.79
CA PRO D 98 -41.59 9.47 35.42
C PRO D 98 -41.09 8.03 35.35
N GLU D 99 -41.44 7.35 34.28
CA GLU D 99 -41.15 5.93 34.15
C GLU D 99 -39.64 5.72 34.14
N LEU D 100 -39.20 4.68 34.83
CA LEU D 100 -37.80 4.31 34.85
C LEU D 100 -37.29 4.12 33.41
N ILE D 101 -36.13 4.72 33.12
CA ILE D 101 -35.51 4.62 31.81
C ILE D 101 -34.90 3.22 31.69
N ILE D 102 -35.14 2.56 30.56
CA ILE D 102 -34.64 1.22 30.34
C ILE D 102 -33.64 1.20 29.18
N ALA D 103 -32.46 0.66 29.43
CA ALA D 103 -31.41 0.60 28.41
C ALA D 103 -30.90 -0.81 28.19
N VAL D 104 -30.19 -0.99 27.07
CA VAL D 104 -29.53 -2.25 26.75
C VAL D 104 -28.32 -1.98 25.85
N ASP D 105 -27.37 -2.90 25.86
CA ASP D 105 -26.24 -2.87 24.93
C ASP D 105 -26.59 -3.61 23.62
N HIS D 106 -27.18 -2.91 22.65
CA HIS D 106 -27.26 -3.38 21.27
C HIS D 106 -26.36 -2.53 20.41
N GLU D 107 -25.15 -3.03 20.19
CA GLU D 107 -24.20 -2.40 19.29
C GLU D 107 -24.26 -3.07 17.93
N GLY D 108 -24.19 -4.40 17.94
CA GLY D 108 -24.10 -5.19 16.73
C GLY D 108 -23.03 -6.23 16.86
N GLY D 109 -23.09 -7.24 16.00
CA GLY D 109 -22.06 -8.27 15.97
C GLY D 109 -22.05 -9.07 17.27
N ARG D 110 -20.92 -9.12 17.93
CA ARG D 110 -20.80 -9.85 19.19
C ARG D 110 -21.31 -9.11 20.44
N VAL D 111 -21.89 -7.91 20.25
CA VAL D 111 -22.56 -7.20 21.33
C VAL D 111 -23.99 -6.92 20.92
N GLN D 112 -24.83 -7.92 21.16
CA GLN D 112 -26.27 -7.82 20.95
C GLN D 112 -26.94 -8.78 21.95
N ARG D 113 -27.54 -8.24 23.01
CA ARG D 113 -28.10 -9.04 24.08
C ARG D 113 -29.23 -9.94 23.62
N PHE D 114 -30.12 -9.39 22.82
CA PHE D 114 -31.39 -10.04 22.46
C PHE D 114 -31.31 -10.52 21.01
N ILE D 115 -31.35 -11.84 20.84
CA ILE D 115 -31.13 -12.45 19.53
C ILE D 115 -32.43 -12.92 18.89
N GLU D 116 -33.11 -13.87 19.54
CA GLU D 116 -34.28 -14.50 18.93
C GLU D 116 -35.41 -13.49 18.74
N GLY D 117 -35.91 -13.41 17.51
CA GLY D 117 -37.00 -12.50 17.16
C GLY D 117 -36.53 -11.13 16.71
N PHE D 118 -35.21 -10.91 16.75
CA PHE D 118 -34.63 -9.62 16.35
C PHE D 118 -33.86 -9.86 15.08
N THR D 119 -33.77 -8.82 14.24
CA THR D 119 -32.81 -8.84 13.14
C THR D 119 -31.42 -8.94 13.76
N ARG D 120 -30.61 -9.84 13.25
CA ARG D 120 -29.23 -9.94 13.69
C ARG D 120 -28.45 -8.75 13.12
N LEU D 121 -27.76 -8.03 13.99
CA LEU D 121 -27.08 -6.81 13.62
C LEU D 121 -25.63 -7.10 13.26
N PRO D 122 -25.13 -6.43 12.21
CA PRO D 122 -23.71 -6.57 11.92
C PRO D 122 -22.84 -5.84 12.94
N ALA D 123 -21.58 -6.26 13.07
CA ALA D 123 -20.62 -5.50 13.82
C ALA D 123 -20.40 -4.14 13.13
N MET D 124 -20.10 -3.10 13.90
CA MET D 124 -19.91 -1.77 13.32
C MET D 124 -18.76 -1.68 12.31
N ASN D 125 -17.76 -2.53 12.42
CA ASN D 125 -16.66 -2.44 11.48
C ASN D 125 -17.09 -2.84 10.07
N VAL D 126 -18.18 -3.59 9.96
CA VAL D 126 -18.75 -3.92 8.67
C VAL D 126 -19.13 -2.63 7.93
N LEU D 127 -19.60 -1.62 8.65
CA LEU D 127 -19.96 -0.35 8.04
C LEU D 127 -18.73 0.40 7.55
N GLY D 128 -17.65 0.31 8.29
CA GLY D 128 -16.40 0.88 7.86
C GLY D 128 -15.79 0.17 6.65
N GLN D 129 -16.07 -1.12 6.52
CA GLN D 129 -15.60 -1.85 5.35
C GLN D 129 -16.37 -1.42 4.11
N ILE D 130 -17.66 -1.17 4.26
CA ILE D 130 -18.46 -0.60 3.18
C ILE D 130 -17.91 0.77 2.79
N TRP D 131 -17.51 1.57 3.78
CA TRP D 131 -16.93 2.88 3.52
C TRP D 131 -15.71 2.76 2.61
N ASP D 132 -14.81 1.85 2.97
CA ASP D 132 -13.59 1.62 2.19
C ASP D 132 -13.88 1.08 0.79
N LYS D 133 -14.86 0.20 0.66
CA LYS D 133 -15.10 -0.54 -0.57
C LYS D 133 -16.08 0.14 -1.53
N ASP D 134 -17.22 0.58 -1.01
CA ASP D 134 -18.26 1.21 -1.82
C ASP D 134 -18.39 2.71 -1.61
N GLY D 135 -17.59 3.29 -0.72
CA GLY D 135 -17.59 4.75 -0.50
C GLY D 135 -18.51 5.26 0.60
N ALA D 136 -18.29 6.51 0.96
CA ALA D 136 -18.92 7.12 2.12
C ALA D 136 -20.43 7.15 2.03
N SER D 137 -20.93 7.43 0.84
CA SER D 137 -22.35 7.61 0.70
C SER D 137 -23.11 6.31 0.92
N ALA D 138 -22.59 5.22 0.35
CA ALA D 138 -23.18 3.90 0.54
C ALA D 138 -23.09 3.46 2.03
N ALA D 139 -21.97 3.75 2.65
CA ALA D 139 -21.74 3.40 4.04
C ALA D 139 -22.67 4.18 5.00
N GLU D 140 -22.83 5.49 4.78
CA GLU D 140 -23.75 6.26 5.59
C GLU D 140 -25.19 5.76 5.46
N THR D 141 -25.59 5.44 4.23
CA THR D 141 -26.92 4.94 3.98
C THR D 141 -27.11 3.63 4.75
N ALA D 142 -26.10 2.77 4.70
CA ALA D 142 -26.15 1.50 5.40
C ALA D 142 -26.21 1.71 6.91
N ALA D 143 -25.40 2.62 7.43
CA ALA D 143 -25.40 2.95 8.85
C ALA D 143 -26.78 3.44 9.31
N GLY D 144 -27.41 4.29 8.50
CA GLY D 144 -28.74 4.82 8.83
C GLY D 144 -29.74 3.70 8.98
N GLN D 145 -29.66 2.73 8.09
CA GLN D 145 -30.56 1.60 8.13
C GLN D 145 -30.32 0.69 9.31
N VAL D 146 -29.06 0.46 9.64
CA VAL D 146 -28.72 -0.33 10.82
C VAL D 146 -29.28 0.35 12.06
N GLY D 147 -29.06 1.65 12.21
CA GLY D 147 -29.59 2.39 13.35
C GLY D 147 -31.09 2.33 13.45
N ARG D 148 -31.75 2.52 12.33
CA ARG D 148 -33.20 2.47 12.29
C ARG D 148 -33.77 1.10 12.70
N VAL D 149 -33.22 0.04 12.14
CA VAL D 149 -33.66 -1.32 12.49
C VAL D 149 -33.36 -1.66 13.96
N LEU D 150 -32.13 -1.38 14.38
CA LEU D 150 -31.69 -1.58 15.75
C LEU D 150 -32.66 -0.95 16.72
N ALA D 151 -32.89 0.35 16.55
CA ALA D 151 -33.69 1.11 17.49
C ALA D 151 -35.17 0.72 17.44
N THR D 152 -35.72 0.62 16.23
CA THR D 152 -37.14 0.38 16.07
C THR D 152 -37.56 -0.94 16.71
N GLU D 153 -36.77 -2.00 16.51
CA GLU D 153 -37.12 -3.31 17.07
C GLU D 153 -37.06 -3.30 18.59
N LEU D 154 -36.10 -2.55 19.15
CA LEU D 154 -36.03 -2.40 20.61
C LEU D 154 -37.18 -1.52 21.13
N SER D 155 -37.50 -0.46 20.39
CA SER D 155 -38.58 0.43 20.79
C SER D 155 -39.91 -0.29 20.90
N ALA D 156 -40.14 -1.24 20.00
CA ALA D 156 -41.33 -2.07 20.04
C ALA D 156 -41.46 -2.88 21.31
N CYS D 157 -40.33 -3.12 22.01
CA CYS D 157 -40.34 -3.90 23.23
C CYS D 157 -40.33 -3.06 24.50
N GLY D 158 -40.42 -1.74 24.36
CA GLY D 158 -40.49 -0.84 25.51
C GLY D 158 -39.14 -0.39 26.05
N ILE D 159 -38.09 -0.55 25.24
CA ILE D 159 -36.73 -0.13 25.60
C ILE D 159 -36.60 1.36 25.23
N ASP D 160 -35.89 2.14 26.03
CA ASP D 160 -35.72 3.57 25.72
C ASP D 160 -34.49 3.85 24.85
N LEU D 161 -33.39 3.15 25.13
CA LEU D 161 -32.09 3.51 24.61
C LEU D 161 -31.21 2.28 24.48
N SER D 162 -30.45 2.21 23.38
CA SER D 162 -29.31 1.31 23.29
C SER D 162 -28.02 2.10 23.57
N PHE D 163 -27.10 1.50 24.32
CA PHE D 163 -25.80 2.11 24.58
C PHE D 163 -24.90 1.95 23.35
N THR D 164 -25.12 2.81 22.37
CA THR D 164 -24.40 2.77 21.09
C THR D 164 -24.50 4.19 20.52
N PRO D 165 -23.52 4.62 19.71
CA PRO D 165 -22.40 3.88 19.17
C PRO D 165 -21.06 4.01 19.86
N VAL D 166 -20.24 3.00 19.64
CA VAL D 166 -18.84 3.06 19.90
C VAL D 166 -18.19 4.06 18.95
N LEU D 167 -17.47 5.01 19.52
CA LEU D 167 -16.72 6.06 18.78
C LEU D 167 -15.22 5.88 18.87
N ASP D 168 -14.80 4.83 19.56
CA ASP D 168 -13.41 4.49 19.64
C ASP D 168 -12.85 4.22 18.24
N LEU D 169 -11.60 4.60 18.02
CA LEU D 169 -10.97 4.43 16.71
C LEU D 169 -10.24 3.10 16.68
N ASP D 170 -10.29 2.44 15.52
CA ASP D 170 -9.60 1.16 15.36
C ASP D 170 -8.14 1.38 15.03
N TRP D 171 -7.36 1.61 16.06
CA TRP D 171 -5.93 1.72 15.90
C TRP D 171 -5.27 0.34 15.69
N GLY D 172 -6.03 -0.75 15.76
CA GLY D 172 -5.47 -2.10 15.62
C GLY D 172 -4.79 -2.57 16.89
N ASN D 173 -5.12 -1.95 18.02
CA ASN D 173 -4.45 -2.24 19.29
C ASN D 173 -5.32 -2.94 20.35
N CYS D 174 -6.64 -2.71 20.32
CA CYS D 174 -7.51 -3.03 21.46
C CYS D 174 -8.52 -4.13 21.14
N ALA D 175 -8.26 -5.34 21.64
CA ALA D 175 -9.09 -6.49 21.30
C ALA D 175 -10.49 -6.37 21.86
N VAL D 176 -10.61 -5.84 23.07
CA VAL D 176 -11.92 -5.74 23.70
C VAL D 176 -12.87 -4.79 22.94
N ILE D 177 -12.32 -3.80 22.26
CA ILE D 177 -13.10 -3.01 21.30
C ILE D 177 -13.20 -3.84 20.03
N GLY D 178 -12.05 -4.16 19.44
CA GLY D 178 -12.03 -5.00 18.25
C GLY D 178 -12.91 -4.50 17.13
N ASN D 179 -13.80 -5.37 16.68
CA ASN D 179 -14.69 -5.01 15.59
C ASN D 179 -15.86 -4.15 15.96
N ARG D 180 -15.91 -3.76 17.22
CA ARG D 180 -16.94 -2.86 17.68
C ARG D 180 -16.73 -1.43 17.19
N SER D 181 -15.53 -1.12 16.73
CA SER D 181 -15.21 0.19 16.18
C SER D 181 -15.53 0.23 14.69
N PHE D 182 -16.07 1.36 14.23
CA PHE D 182 -16.41 1.56 12.84
C PHE D 182 -15.20 1.49 11.91
N HIS D 183 -14.11 2.11 12.32
CA HIS D 183 -13.02 2.41 11.39
C HIS D 183 -11.83 2.99 12.12
N ARG D 184 -10.68 2.94 11.48
CA ARG D 184 -9.46 3.57 12.01
C ARG D 184 -9.53 5.10 11.98
N ASN D 185 -10.22 5.64 10.99
CA ASN D 185 -10.08 7.06 10.61
C ASN D 185 -11.14 7.86 11.34
N PRO D 186 -10.73 8.87 12.12
CA PRO D 186 -11.71 9.68 12.84
C PRO D 186 -12.84 10.27 12.00
N GLU D 187 -12.54 10.67 10.77
CA GLU D 187 -13.58 11.23 9.91
C GLU D 187 -14.61 10.17 9.55
N ALA D 188 -14.15 8.98 9.22
CA ALA D 188 -15.07 7.88 8.91
C ALA D 188 -15.91 7.54 10.14
N VAL D 189 -15.28 7.47 11.29
CA VAL D 189 -16.01 7.14 12.53
C VAL D 189 -17.08 8.18 12.80
N ALA D 190 -16.70 9.46 12.73
CA ALA D 190 -17.65 10.56 13.02
C ALA D 190 -18.82 10.49 12.09
N ARG D 191 -18.55 10.35 10.81
CA ARG D 191 -19.62 10.39 9.83
C ARG D 191 -20.52 9.14 9.91
N LEU D 192 -19.94 7.96 10.09
CA LEU D 192 -20.76 6.76 10.25
C LEU D 192 -21.60 6.83 11.53
N ALA D 193 -21.00 7.33 12.60
CA ALA D 193 -21.71 7.49 13.87
C ALA D 193 -22.89 8.43 13.71
N LEU D 194 -22.67 9.58 13.07
CA LEU D 194 -23.76 10.55 12.86
C LEU D 194 -24.90 9.97 12.04
N ALA D 195 -24.55 9.19 11.02
CA ALA D 195 -25.55 8.52 10.21
C ALA D 195 -26.29 7.45 11.01
N LEU D 196 -25.57 6.70 11.83
CA LEU D 196 -26.22 5.73 12.70
C LEU D 196 -27.18 6.46 13.65
N GLN D 197 -26.71 7.57 14.20
CA GLN D 197 -27.50 8.35 15.15
C GLN D 197 -28.81 8.79 14.56
N LYS D 198 -28.80 9.25 13.30
CA LYS D 198 -30.05 9.64 12.62
C LYS D 198 -30.98 8.47 12.47
N GLY D 199 -30.42 7.30 12.13
CA GLY D 199 -31.17 6.08 12.07
C GLY D 199 -31.82 5.71 13.40
N LEU D 200 -31.04 5.79 14.48
CA LEU D 200 -31.54 5.52 15.83
C LEU D 200 -32.73 6.43 16.15
N ALA D 201 -32.59 7.72 15.86
CA ALA D 201 -33.64 8.70 16.13
C ALA D 201 -34.92 8.37 15.36
N LYS D 202 -34.78 7.90 14.12
CA LYS D 202 -35.97 7.43 13.40
C LYS D 202 -36.66 6.30 14.15
N GLY D 203 -35.88 5.44 14.79
CA GLY D 203 -36.44 4.35 15.60
C GLY D 203 -36.83 4.74 17.01
N GLY D 204 -36.77 6.04 17.31
CA GLY D 204 -37.24 6.57 18.60
C GLY D 204 -36.16 6.83 19.66
N MET D 205 -34.89 6.61 19.32
CA MET D 205 -33.84 6.56 20.32
C MET D 205 -32.75 7.60 20.13
N LYS D 206 -32.21 8.06 21.26
CA LYS D 206 -31.02 8.88 21.29
C LYS D 206 -29.80 7.96 21.26
N SER D 207 -28.61 8.57 21.30
CA SER D 207 -27.38 7.82 21.22
C SER D 207 -26.54 7.97 22.50
N CYS D 208 -25.64 7.02 22.70
CA CYS D 208 -24.68 7.06 23.80
C CYS D 208 -23.31 6.70 23.27
N GLY D 209 -22.43 7.69 23.20
CA GLY D 209 -21.07 7.51 22.67
C GLY D 209 -20.16 6.82 23.67
N LYS D 210 -19.35 5.88 23.20
CA LYS D 210 -18.46 5.11 24.07
C LYS D 210 -17.11 4.97 23.39
N HIS D 211 -15.98 4.99 24.10
CA HIS D 211 -15.86 5.19 25.53
C HIS D 211 -14.97 6.41 25.70
N PHE D 212 -15.57 7.50 26.17
CA PHE D 212 -14.89 8.78 26.26
C PHE D 212 -13.67 8.73 27.17
N PRO D 213 -12.52 9.31 26.74
CA PRO D 213 -12.25 10.09 25.53
C PRO D 213 -11.64 9.29 24.35
N GLY D 214 -11.71 7.96 24.42
CA GLY D 214 -11.23 7.11 23.33
C GLY D 214 -10.49 5.91 23.85
N HIS D 215 -11.06 4.73 23.61
CA HIS D 215 -10.53 3.46 24.11
C HIS D 215 -9.70 2.72 23.04
N GLY D 216 -9.60 3.27 21.84
CA GLY D 216 -9.05 2.54 20.70
C GLY D 216 -7.56 2.30 20.67
N PHE D 217 -6.78 3.13 21.38
CA PHE D 217 -5.32 3.09 21.25
C PHE D 217 -4.65 2.14 22.21
N VAL D 218 -5.24 1.96 23.39
CA VAL D 218 -4.65 1.07 24.38
C VAL D 218 -4.77 -0.36 23.92
N GLU D 219 -3.96 -1.22 24.50
CA GLU D 219 -4.14 -2.66 24.33
C GLU D 219 -5.06 -3.12 25.45
N GLY D 220 -5.91 -4.08 25.14
CA GLY D 220 -6.92 -4.51 26.11
C GLY D 220 -7.38 -5.91 25.72
N ASP D 221 -6.75 -6.92 26.34
CA ASP D 221 -7.06 -8.32 26.06
C ASP D 221 -7.04 -9.31 27.24
N SER D 222 -5.97 -10.08 27.38
CA SER D 222 -6.00 -11.31 28.20
C SER D 222 -5.67 -11.06 29.67
N HIS D 223 -5.33 -9.80 30.03
CA HIS D 223 -5.03 -9.39 31.41
C HIS D 223 -6.13 -8.47 32.02
N LEU D 224 -6.31 -8.53 33.34
CA LEU D 224 -7.48 -7.87 34.01
C LEU D 224 -7.25 -6.39 34.41
N VAL D 225 -6.85 -5.60 33.42
CA VAL D 225 -6.00 -4.44 33.67
C VAL D 225 -6.68 -3.06 33.59
N LEU D 226 -6.03 -2.07 34.18
CA LEU D 226 -6.33 -0.65 33.93
C LEU D 226 -5.34 -0.13 32.89
N PRO D 227 -5.73 -0.07 31.61
CA PRO D 227 -4.76 0.25 30.59
C PRO D 227 -4.33 1.69 30.64
N GLU D 228 -3.19 1.96 30.03
CA GLU D 228 -2.59 3.28 30.03
C GLU D 228 -2.38 3.76 28.60
N ASP D 229 -2.91 4.94 28.30
CA ASP D 229 -2.74 5.59 27.01
C ASP D 229 -1.80 6.76 27.22
N GLY D 230 -0.56 6.64 26.74
CA GLY D 230 0.49 7.60 27.03
C GLY D 230 0.50 8.86 26.17
N ARG D 231 -0.50 9.02 25.31
CA ARG D 231 -0.48 10.13 24.37
C ARG D 231 -0.85 11.46 25.01
N SER D 232 -0.55 12.53 24.29
CA SER D 232 -0.83 13.88 24.72
C SER D 232 -2.25 14.26 24.34
N LEU D 233 -2.78 15.28 25.02
CA LEU D 233 -4.09 15.78 24.72
C LEU D 233 -4.22 16.22 23.27
N ASP D 234 -3.17 16.87 22.75
CA ASP D 234 -3.19 17.30 21.34
C ASP D 234 -3.35 16.11 20.39
N GLU D 235 -2.65 15.02 20.68
CA GLU D 235 -2.79 13.82 19.87
C GLU D 235 -4.23 13.33 19.88
N LEU D 236 -4.87 13.36 21.06
CA LEU D 236 -6.25 12.91 21.18
C LEU D 236 -7.23 13.87 20.52
N GLU D 237 -6.95 15.17 20.61
CA GLU D 237 -7.79 16.15 19.93
C GLU D 237 -7.72 16.00 18.43
N ALA D 238 -6.54 15.65 17.91
CA ALA D 238 -6.36 15.46 16.49
C ALA D 238 -7.08 14.22 15.94
N ALA D 239 -7.47 13.27 16.81
CA ALA D 239 -8.06 12.02 16.34
C ALA D 239 -9.19 11.52 17.23
N ASP D 240 -8.86 10.86 18.33
CA ASP D 240 -9.86 10.08 19.10
C ASP D 240 -11.02 10.94 19.67
N LEU D 241 -10.73 12.17 20.06
CA LEU D 241 -11.74 13.06 20.60
C LEU D 241 -12.67 13.66 19.57
N ALA D 242 -12.23 13.74 18.32
CA ALA D 242 -13.02 14.45 17.32
C ALA D 242 -14.44 13.87 17.15
N PRO D 243 -14.58 12.53 17.08
CA PRO D 243 -15.95 12.00 16.98
C PRO D 243 -16.86 12.36 18.17
N PHE D 244 -16.30 12.44 19.36
CA PHE D 244 -17.06 12.81 20.54
C PHE D 244 -17.51 14.25 20.44
N ARG D 245 -16.63 15.16 20.05
CA ARG D 245 -17.00 16.58 19.86
C ARG D 245 -18.14 16.72 18.88
N ILE D 246 -18.01 16.07 17.73
CA ILE D 246 -18.95 16.20 16.66
C ILE D 246 -20.31 15.61 17.07
N MET D 247 -20.29 14.43 17.70
CA MET D 247 -21.54 13.80 18.17
C MET D 247 -22.21 14.63 19.25
N SER D 248 -21.40 15.19 20.13
CA SER D 248 -21.93 16.10 21.15
C SER D 248 -22.66 17.27 20.48
N ARG D 249 -22.01 17.91 19.52
CA ARG D 249 -22.61 19.03 18.79
C ARG D 249 -23.93 18.63 18.17
N GLU D 250 -24.00 17.41 17.64
CA GLU D 250 -25.18 16.95 16.92
C GLU D 250 -26.19 16.22 17.79
N GLY D 251 -26.14 16.41 19.12
CA GLY D 251 -27.27 16.01 19.99
C GLY D 251 -27.14 14.68 20.71
N MET D 252 -25.94 14.09 20.76
CA MET D 252 -25.70 12.85 21.51
C MET D 252 -26.21 12.99 22.96
N ALA D 253 -26.94 11.99 23.45
CA ALA D 253 -27.62 12.10 24.75
C ALA D 253 -26.77 11.73 25.92
N ALA D 254 -25.79 10.87 25.68
CA ALA D 254 -25.01 10.34 26.77
C ALA D 254 -23.65 9.89 26.31
N VAL D 255 -22.79 9.69 27.30
CA VAL D 255 -21.47 9.19 27.11
C VAL D 255 -21.17 8.16 28.21
N MET D 256 -20.40 7.15 27.84
CA MET D 256 -19.83 6.23 28.80
C MET D 256 -18.31 6.42 28.76
N PRO D 257 -17.66 6.51 29.94
CA PRO D 257 -16.24 6.79 29.95
C PRO D 257 -15.40 5.54 29.82
N ALA D 258 -14.17 5.72 29.34
CA ALA D 258 -13.21 4.62 29.25
C ALA D 258 -12.60 4.39 30.62
N HIS D 259 -12.45 3.13 31.00
CA HIS D 259 -11.68 2.76 32.17
C HIS D 259 -10.19 2.68 31.74
N VAL D 260 -9.62 3.86 31.54
CA VAL D 260 -8.31 4.01 30.96
C VAL D 260 -7.68 5.25 31.57
N VAL D 261 -6.40 5.16 31.88
CA VAL D 261 -5.65 6.31 32.40
C VAL D 261 -4.89 6.94 31.26
N TYR D 262 -4.95 8.27 31.20
CA TYR D 262 -4.23 9.05 30.21
C TYR D 262 -3.26 9.98 30.97
N PRO D 263 -2.07 9.47 31.34
CA PRO D 263 -1.23 10.17 32.34
C PRO D 263 -0.81 11.58 31.97
N GLN D 264 -0.68 11.88 30.68
CA GLN D 264 -0.36 13.24 30.29
C GLN D 264 -1.46 14.24 30.58
N VAL D 265 -2.68 13.75 30.83
CA VAL D 265 -3.80 14.63 31.16
C VAL D 265 -4.21 14.50 32.62
N ASP D 266 -4.23 13.28 33.14
CA ASP D 266 -4.60 13.05 34.53
C ASP D 266 -4.15 11.67 34.94
N THR D 267 -3.83 11.54 36.22
CA THR D 267 -3.39 10.30 36.80
C THR D 267 -4.56 9.35 37.08
N LYS D 268 -5.77 9.89 37.06
CA LYS D 268 -6.97 9.10 37.32
C LYS D 268 -7.60 8.59 36.04
N PRO D 269 -8.19 7.38 36.07
CA PRO D 269 -9.02 6.96 34.95
C PRO D 269 -10.09 7.98 34.61
N ALA D 270 -10.43 8.06 33.33
CA ALA D 270 -11.34 9.08 32.83
C ALA D 270 -12.66 9.16 33.60
N GLY D 271 -13.23 8.02 33.97
CA GLY D 271 -14.53 7.99 34.66
C GLY D 271 -14.51 8.49 36.10
N PHE D 272 -13.31 8.69 36.65
CA PHE D 272 -13.13 9.24 37.96
C PHE D 272 -12.31 10.55 37.88
N SER D 273 -12.30 11.23 36.72
CA SER D 273 -11.45 12.39 36.53
C SER D 273 -12.24 13.64 36.27
N GLU D 274 -12.16 14.58 37.21
CA GLU D 274 -12.72 15.93 37.04
C GLU D 274 -12.19 16.61 35.82
N ILE D 275 -10.90 16.42 35.55
CA ILE D 275 -10.28 17.04 34.40
C ILE D 275 -10.98 16.55 33.14
N TRP D 276 -11.09 15.23 32.98
CA TRP D 276 -11.70 14.68 31.77
C TRP D 276 -13.17 15.04 31.67
N LEU D 277 -13.90 14.89 32.78
CA LEU D 277 -15.36 15.01 32.74
C LEU D 277 -15.87 16.45 32.88
N LYS D 278 -15.27 17.25 33.75
CA LYS D 278 -15.75 18.64 33.94
C LYS D 278 -15.03 19.62 33.06
N GLN D 279 -13.72 19.60 33.12
CA GLN D 279 -12.92 20.58 32.40
C GLN D 279 -12.95 20.32 30.87
N ILE D 280 -12.75 19.07 30.45
CA ILE D 280 -12.71 18.79 29.03
C ILE D 280 -14.10 18.55 28.46
N LEU D 281 -14.83 17.56 28.97
CA LEU D 281 -16.12 17.20 28.37
C LEU D 281 -17.22 18.24 28.57
N ARG D 282 -17.41 18.72 29.79
CA ARG D 282 -18.42 19.76 30.06
C ARG D 282 -17.98 21.13 29.53
N ARG D 283 -16.87 21.64 30.06
CA ARG D 283 -16.44 23.01 29.76
C ARG D 283 -15.95 23.22 28.33
N ASP D 284 -14.94 22.46 27.94
CA ASP D 284 -14.29 22.63 26.65
C ASP D 284 -15.17 22.14 25.49
N ILE D 285 -15.77 20.96 25.63
CA ILE D 285 -16.58 20.39 24.55
C ILE D 285 -18.02 20.90 24.55
N GLY D 286 -18.53 21.28 25.72
CA GLY D 286 -19.89 21.82 25.83
C GLY D 286 -20.99 20.77 25.93
N PHE D 287 -20.62 19.54 26.29
CA PHE D 287 -21.58 18.44 26.35
C PHE D 287 -22.56 18.66 27.49
N LYS D 288 -23.86 18.57 27.18
CA LYS D 288 -24.90 18.79 28.18
C LYS D 288 -25.69 17.53 28.54
N GLY D 289 -25.32 16.38 28.00
CA GLY D 289 -26.06 15.15 28.27
C GLY D 289 -25.59 14.40 29.49
N VAL D 290 -25.97 13.13 29.55
CA VAL D 290 -25.63 12.26 30.66
C VAL D 290 -24.18 11.80 30.57
N ILE D 291 -23.48 11.87 31.69
CA ILE D 291 -22.26 11.14 31.84
C ILE D 291 -22.56 9.96 32.79
N PHE D 292 -22.55 8.75 32.26
CA PHE D 292 -22.64 7.54 33.06
C PHE D 292 -21.31 7.19 33.72
N SER D 293 -21.34 6.45 34.83
CA SER D 293 -20.09 6.04 35.55
C SER D 293 -19.25 4.87 35.09
N ASP D 294 -19.82 3.90 34.44
CA ASP D 294 -19.16 2.61 34.41
C ASP D 294 -19.44 1.85 35.72
N ASP D 295 -19.37 0.53 35.59
CA ASP D 295 -19.91 -0.38 36.58
C ASP D 295 -19.02 -0.29 37.84
N LEU D 296 -19.60 0.21 38.93
CA LEU D 296 -18.94 0.45 40.23
C LEU D 296 -18.72 -0.83 41.05
N THR D 297 -19.36 -1.92 40.63
CA THR D 297 -19.18 -3.22 41.30
C THR D 297 -17.81 -3.86 41.17
N MET D 298 -16.80 -3.22 40.59
CA MET D 298 -15.41 -3.61 40.89
C MET D 298 -14.66 -2.56 41.70
N CYS D 302 -13.99 -5.11 47.67
CA CYS D 302 -14.23 -3.68 47.68
C CYS D 302 -13.39 -2.94 48.73
N GLY D 303 -12.96 -1.73 48.41
CA GLY D 303 -12.18 -0.88 49.31
C GLY D 303 -12.96 -0.27 50.47
N ALA D 304 -12.31 0.65 51.15
CA ALA D 304 -12.92 1.35 52.29
C ALA D 304 -14.10 2.26 51.86
N GLY D 305 -15.18 2.18 52.63
CA GLY D 305 -16.38 2.96 52.35
C GLY D 305 -17.35 2.20 51.47
N GLY D 306 -16.80 1.22 50.77
CA GLY D 306 -17.59 0.35 49.92
C GLY D 306 -18.23 1.09 48.74
N ILE D 307 -19.40 0.61 48.40
CA ILE D 307 -20.13 1.11 47.24
C ILE D 307 -20.51 2.58 47.41
N LYS D 308 -20.90 2.99 48.62
CA LYS D 308 -21.25 4.38 48.89
C LYS D 308 -20.08 5.31 48.57
N GLU D 309 -18.89 4.92 48.97
CA GLU D 309 -17.69 5.73 48.70
C GLU D 309 -17.38 5.76 47.19
N ARG D 310 -17.50 4.62 46.56
CA ARG D 310 -17.22 4.52 45.14
C ARG D 310 -18.19 5.40 44.32
N ALA D 311 -19.47 5.35 44.69
CA ALA D 311 -20.45 6.23 44.07
C ALA D 311 -20.11 7.69 44.33
N ARG D 312 -19.74 8.01 45.57
CA ARG D 312 -19.41 9.40 45.93
C ARG D 312 -18.30 9.97 45.05
N ILE D 313 -17.23 9.21 44.86
CA ILE D 313 -16.12 9.70 44.01
C ILE D 313 -16.51 9.82 42.52
N SER D 314 -17.39 8.95 42.06
CA SER D 314 -17.91 9.01 40.70
C SER D 314 -18.75 10.29 40.47
N PHE D 315 -19.70 10.58 41.37
CA PHE D 315 -20.47 11.83 41.31
C PHE D 315 -19.58 13.06 41.41
N GLU D 316 -18.65 13.04 42.35
CA GLU D 316 -17.72 14.15 42.55
C GLU D 316 -16.87 14.41 41.29
N ALA D 317 -16.51 13.35 40.56
CA ALA D 317 -15.74 13.49 39.31
C ALA D 317 -16.55 14.11 38.15
N GLY D 318 -17.87 13.99 38.21
CA GLY D 318 -18.74 14.59 37.21
C GLY D 318 -19.80 13.69 36.59
N CYS D 319 -19.87 12.42 37.01
CA CYS D 319 -20.91 11.53 36.50
C CYS D 319 -22.29 11.95 37.03
N ASP D 320 -23.30 11.86 36.17
CA ASP D 320 -24.70 12.11 36.55
C ASP D 320 -25.34 10.87 37.18
N ILE D 321 -25.03 9.71 36.61
CA ILE D 321 -25.75 8.48 36.91
C ILE D 321 -24.74 7.36 37.08
N VAL D 322 -24.85 6.62 38.18
CA VAL D 322 -23.93 5.52 38.43
C VAL D 322 -24.59 4.18 38.11
N LEU D 323 -23.81 3.31 37.50
CA LEU D 323 -24.26 2.00 37.10
C LEU D 323 -23.81 1.02 38.15
N VAL D 324 -24.74 0.18 38.62
CA VAL D 324 -24.42 -0.87 39.58
C VAL D 324 -25.08 -2.16 39.10
N CYS D 325 -24.30 -3.02 38.44
CA CYS D 325 -24.82 -4.16 37.74
C CYS D 325 -24.46 -5.46 38.43
N ASN D 326 -25.35 -6.44 38.28
CA ASN D 326 -25.16 -7.78 38.80
C ASN D 326 -24.99 -7.88 40.31
N ARG D 327 -25.35 -6.84 41.05
CA ARG D 327 -25.12 -6.81 42.49
C ARG D 327 -26.24 -6.09 43.22
N PRO D 328 -27.44 -6.70 43.24
CA PRO D 328 -28.54 -6.07 43.94
C PRO D 328 -28.27 -5.84 45.45
N ASP D 329 -27.38 -6.63 46.03
CA ASP D 329 -26.91 -6.40 47.40
C ASP D 329 -26.21 -5.06 47.57
N LEU D 330 -25.36 -4.69 46.59
CA LEU D 330 -24.68 -3.42 46.64
C LEU D 330 -25.63 -2.26 46.34
N VAL D 331 -26.65 -2.51 45.52
CA VAL D 331 -27.66 -1.49 45.27
C VAL D 331 -28.44 -1.25 46.57
N ASP D 332 -28.78 -2.33 47.25
CA ASP D 332 -29.47 -2.22 48.55
C ASP D 332 -28.66 -1.46 49.56
N GLU D 333 -27.37 -1.79 49.63
CA GLU D 333 -26.45 -1.09 50.50
C GLU D 333 -26.34 0.37 50.13
N LEU D 334 -26.18 0.67 48.85
CA LEU D 334 -26.04 2.05 48.41
C LEU D 334 -27.28 2.88 48.71
N ARG D 335 -28.45 2.34 48.40
CA ARG D 335 -29.68 3.13 48.52
C ARG D 335 -30.12 3.40 49.98
N ASP D 336 -29.70 2.55 50.90
CA ASP D 336 -30.06 2.69 52.30
C ASP D 336 -29.42 3.93 52.94
N GLY D 337 -30.25 4.93 53.26
CA GLY D 337 -29.76 6.20 53.80
C GLY D 337 -29.07 7.06 52.77
N PHE D 338 -29.35 6.82 51.49
CA PHE D 338 -28.67 7.51 50.39
C PHE D 338 -29.17 8.94 50.28
N THR D 339 -28.25 9.90 50.25
CA THR D 339 -28.60 11.28 49.92
C THR D 339 -28.35 11.54 48.44
N ILE D 340 -29.41 11.97 47.75
CA ILE D 340 -29.33 12.27 46.34
C ILE D 340 -28.51 13.53 46.13
N PRO D 341 -27.38 13.43 45.41
CA PRO D 341 -26.57 14.63 45.22
C PRO D 341 -27.35 15.70 44.47
N ASP D 342 -27.11 16.95 44.82
CA ASP D 342 -27.80 18.04 44.16
C ASP D 342 -27.34 18.12 42.70
N ASN D 343 -28.28 17.91 41.78
CA ASN D 343 -28.00 17.94 40.35
C ASN D 343 -29.26 18.42 39.67
N GLN D 344 -29.35 19.73 39.49
CA GLN D 344 -30.53 20.34 38.90
C GLN D 344 -30.75 19.93 37.45
N ASP D 345 -29.73 19.40 36.81
CA ASP D 345 -29.82 18.99 35.41
C ASP D 345 -30.29 17.54 35.22
N LEU D 346 -30.32 16.77 36.31
CA LEU D 346 -30.53 15.33 36.18
C LEU D 346 -31.85 14.98 35.52
N ALA D 347 -32.93 15.64 35.96
CA ALA D 347 -34.26 15.32 35.46
C ALA D 347 -34.36 15.49 33.94
N GLY D 348 -33.79 16.58 33.43
CA GLY D 348 -33.80 16.86 32.00
C GLY D 348 -32.89 15.92 31.23
N ARG D 349 -31.75 15.60 31.82
CA ARG D 349 -30.83 14.65 31.23
C ARG D 349 -31.43 13.25 31.08
N TRP D 350 -32.13 12.76 32.10
CA TRP D 350 -32.87 11.48 31.97
C TRP D 350 -33.96 11.61 30.90
N GLN D 351 -34.70 12.70 30.94
CA GLN D 351 -35.89 12.86 30.10
C GLN D 351 -35.51 12.93 28.61
N TYR D 352 -34.40 13.57 28.29
CA TYR D 352 -33.89 13.61 26.93
C TYR D 352 -33.68 12.20 26.35
N MET D 353 -33.39 11.21 27.20
CA MET D 353 -33.23 9.81 26.75
C MET D 353 -34.50 8.99 26.60
N GLU D 354 -35.65 9.51 27.00
CA GLU D 354 -36.90 8.78 26.85
C GLU D 354 -37.16 8.47 25.38
N ASN D 355 -37.72 7.30 25.11
CA ASN D 355 -38.07 6.94 23.76
C ASN D 355 -39.09 7.93 23.21
N SER D 356 -38.92 8.33 21.96
CA SER D 356 -39.78 9.32 21.35
C SER D 356 -40.95 8.71 20.54
N LEU D 357 -40.95 7.39 20.33
CA LEU D 357 -42.04 6.70 19.64
C LEU D 357 -43.01 5.98 20.58
N GLY D 358 -44.30 6.20 20.37
CA GLY D 358 -45.33 5.44 21.06
C GLY D 358 -45.43 4.04 20.47
N HIS D 359 -46.00 3.13 21.25
CA HIS D 359 -46.12 1.73 20.86
C HIS D 359 -46.86 1.53 19.54
N GLU D 360 -47.96 2.26 19.37
CA GLU D 360 -48.76 2.13 18.15
C GLU D 360 -47.97 2.62 16.93
N ALA D 361 -47.30 3.75 17.08
CA ALA D 361 -46.46 4.26 16.02
C ALA D 361 -45.42 3.25 15.58
N VAL D 362 -44.83 2.54 16.54
CA VAL D 362 -43.81 1.54 16.22
C VAL D 362 -44.40 0.33 15.49
N GLN D 363 -45.54 -0.16 15.95
CA GLN D 363 -46.21 -1.28 15.23
C GLN D 363 -46.56 -0.90 13.81
N ALA D 364 -47.01 0.34 13.61
CA ALA D 364 -47.37 0.81 12.28
C ALA D 364 -46.15 0.77 11.38
N VAL D 365 -45.05 1.38 11.83
CA VAL D 365 -43.85 1.47 11.02
C VAL D 365 -43.33 0.08 10.65
N MET D 366 -43.46 -0.87 11.56
CA MET D 366 -42.88 -2.18 11.33
C MET D 366 -43.66 -2.99 10.29
N GLN D 367 -44.91 -2.61 10.02
CA GLN D 367 -45.69 -3.21 8.92
C GLN D 367 -45.31 -2.68 7.54
N THR D 368 -44.68 -1.51 7.49
CA THR D 368 -44.42 -0.88 6.20
C THR D 368 -43.39 -1.68 5.43
N MET D 369 -43.49 -1.59 4.10
CA MET D 369 -42.59 -2.32 3.20
C MET D 369 -41.18 -1.71 3.28
N GLY D 370 -41.11 -0.39 3.48
CA GLY D 370 -39.84 0.31 3.67
C GLY D 370 -39.03 -0.21 4.84
N PHE D 371 -39.67 -0.37 5.99
CA PHE D 371 -39.01 -0.91 7.17
C PHE D 371 -38.64 -2.37 6.99
N GLN D 372 -39.54 -3.15 6.43
CA GLN D 372 -39.26 -4.58 6.23
C GLN D 372 -38.08 -4.78 5.29
N ALA D 373 -37.94 -3.88 4.31
CA ALA D 373 -36.80 -3.91 3.41
C ALA D 373 -35.50 -3.54 4.15
N ALA D 374 -35.60 -2.54 5.02
CA ALA D 374 -34.46 -2.19 5.88
C ALA D 374 -34.02 -3.41 6.71
N GLN D 375 -34.98 -4.09 7.33
CA GLN D 375 -34.68 -5.31 8.09
C GLN D 375 -33.88 -6.31 7.29
N ALA D 376 -34.35 -6.61 6.08
CA ALA D 376 -33.69 -7.61 5.24
C ALA D 376 -32.30 -7.17 4.81
N PHE D 377 -32.15 -5.89 4.51
CA PHE D 377 -30.85 -5.34 4.16
C PHE D 377 -29.87 -5.49 5.33
N VAL D 378 -30.31 -5.15 6.54
CA VAL D 378 -29.47 -5.24 7.71
C VAL D 378 -29.13 -6.70 8.01
N ALA D 379 -30.14 -7.58 7.96
CA ALA D 379 -29.90 -9.03 8.10
C ALA D 379 -28.82 -9.52 7.14
N GLY D 380 -28.82 -8.97 5.92
CA GLY D 380 -27.84 -9.37 4.91
C GLY D 380 -26.43 -8.92 5.22
N LEU D 381 -26.29 -7.75 5.85
CA LEU D 381 -24.98 -7.34 6.31
C LEU D 381 -24.44 -8.28 7.38
N ALA D 382 -25.32 -8.79 8.22
CA ALA D 382 -24.91 -9.68 9.31
C ALA D 382 -24.59 -11.12 8.87
N SER D 383 -24.99 -11.51 7.66
CA SER D 383 -24.71 -12.88 7.16
C SER D 383 -23.72 -12.86 6.01
N PRO D 384 -22.40 -12.98 6.29
CA PRO D 384 -21.43 -13.06 5.19
C PRO D 384 -21.27 -14.49 4.65
N VAL E 39 27.71 -16.33 37.52
CA VAL E 39 26.29 -16.53 37.06
C VAL E 39 25.58 -17.58 37.93
N PRO E 40 24.78 -17.13 38.92
CA PRO E 40 24.20 -18.09 39.87
C PRO E 40 23.33 -19.17 39.25
N HIS E 41 23.43 -20.38 39.78
CA HIS E 41 22.57 -21.46 39.34
C HIS E 41 21.41 -21.61 40.32
N ILE E 42 20.22 -21.23 39.88
CA ILE E 42 19.01 -21.24 40.71
C ILE E 42 17.89 -21.89 39.91
N PRO E 43 17.19 -22.87 40.49
CA PRO E 43 16.03 -23.38 39.76
C PRO E 43 15.04 -22.27 39.38
N ARG E 44 14.34 -22.45 38.27
CA ARG E 44 13.30 -21.51 37.87
C ARG E 44 12.17 -21.61 38.86
N GLY E 45 11.81 -20.47 39.45
CA GLY E 45 10.72 -20.41 40.41
C GLY E 45 9.37 -20.44 39.73
N PRO E 46 8.29 -20.55 40.54
CA PRO E 46 6.95 -20.69 39.99
C PRO E 46 6.21 -19.35 39.75
N VAL E 47 6.93 -18.24 39.67
CA VAL E 47 6.31 -16.96 39.41
C VAL E 47 6.81 -16.40 38.09
N MET E 48 5.89 -15.93 37.25
CA MET E 48 6.28 -15.21 36.03
C MET E 48 5.97 -13.75 36.27
N ALA E 49 6.99 -12.92 36.20
CA ALA E 49 6.84 -11.52 36.48
C ALA E 49 7.01 -10.74 35.18
N ASP E 50 7.25 -9.44 35.28
CA ASP E 50 7.46 -8.61 34.09
C ASP E 50 8.33 -7.43 34.43
N ILE E 51 8.50 -6.52 33.48
CA ILE E 51 9.44 -5.41 33.66
C ILE E 51 8.86 -4.14 33.07
N ALA E 52 9.40 -3.01 33.48
CA ALA E 52 8.79 -1.72 33.24
C ALA E 52 9.00 -1.17 31.83
N ALA E 53 10.22 -1.23 31.33
CA ALA E 53 10.54 -0.52 30.08
C ALA E 53 11.55 -1.28 29.20
N PHE E 54 12.47 -0.57 28.54
CA PHE E 54 13.28 -1.13 27.46
C PHE E 54 14.54 -1.85 27.92
N ARG E 55 15.04 -1.49 29.11
CA ARG E 55 16.24 -2.08 29.67
C ARG E 55 16.03 -2.32 31.16
N LEU E 56 16.66 -3.36 31.70
CA LEU E 56 16.51 -3.66 33.12
C LEU E 56 17.09 -2.56 33.99
N THR E 57 16.38 -2.20 35.05
CA THR E 57 16.93 -1.35 36.09
C THR E 57 17.61 -2.28 37.08
N GLU E 58 18.38 -1.68 37.98
CA GLU E 58 19.10 -2.44 38.99
C GLU E 58 18.13 -3.11 39.95
N GLU E 59 17.03 -2.42 40.28
CA GLU E 59 15.99 -2.97 41.11
C GLU E 59 15.37 -4.21 40.47
N GLU E 60 15.13 -4.14 39.17
CA GLU E 60 14.57 -5.26 38.42
C GLU E 60 15.53 -6.45 38.41
N LYS E 61 16.82 -6.18 38.19
CA LYS E 61 17.84 -7.24 38.22
C LYS E 61 17.78 -7.99 39.54
N GLN E 62 17.69 -7.26 40.64
CA GLN E 62 17.63 -7.90 41.95
C GLN E 62 16.35 -8.69 42.10
N ARG E 63 15.24 -8.11 41.66
CA ARG E 63 13.97 -8.83 41.68
C ARG E 63 14.04 -10.13 40.89
N LEU E 64 14.61 -10.09 39.69
CA LEU E 64 14.62 -11.29 38.84
C LEU E 64 15.60 -12.37 39.31
N LEU E 65 16.44 -12.04 40.29
CA LEU E 65 17.33 -13.02 40.90
C LEU E 65 16.64 -13.83 41.99
N ASP E 66 15.47 -13.38 42.42
CA ASP E 66 14.77 -14.04 43.49
C ASP E 66 14.40 -15.47 43.05
N PRO E 67 14.64 -16.47 43.92
CA PRO E 67 14.31 -17.85 43.56
C PRO E 67 12.83 -18.12 43.26
N ALA E 68 11.94 -17.23 43.69
CA ALA E 68 10.51 -17.37 43.41
C ALA E 68 10.19 -17.19 41.92
N ILE E 69 11.05 -16.48 41.22
CA ILE E 69 10.81 -16.14 39.83
C ILE E 69 11.43 -17.19 38.89
N GLY E 70 10.65 -17.59 37.89
CA GLY E 70 11.11 -18.52 36.84
C GLY E 70 11.02 -18.00 35.41
N GLY E 71 10.31 -16.89 35.19
CA GLY E 71 10.17 -16.35 33.85
C GLY E 71 9.62 -14.94 33.81
N ILE E 72 9.53 -14.39 32.60
CA ILE E 72 9.14 -13.01 32.37
C ILE E 72 8.22 -12.94 31.16
N ILE E 73 7.15 -12.15 31.27
CA ILE E 73 6.29 -11.85 30.14
C ILE E 73 6.55 -10.42 29.72
N LEU E 74 6.74 -10.22 28.40
CA LEU E 74 6.98 -8.89 27.85
C LEU E 74 5.74 -8.32 27.20
N PHE E 75 5.72 -7.00 27.09
CA PHE E 75 4.62 -6.25 26.56
C PHE E 75 5.14 -5.18 25.60
N ARG E 76 4.24 -4.45 24.96
CA ARG E 76 4.63 -3.42 24.01
C ARG E 76 5.53 -2.35 24.63
N ARG E 77 5.30 -2.03 25.90
CA ARG E 77 6.11 -1.02 26.61
C ARG E 77 7.55 -1.44 26.74
N ASN E 78 7.84 -2.72 26.52
CA ASN E 78 9.20 -3.22 26.58
C ASN E 78 9.89 -3.23 25.20
N PHE E 79 9.25 -2.68 24.18
CA PHE E 79 9.75 -2.79 22.83
C PHE E 79 9.95 -1.46 22.16
N GLN E 80 11.19 -1.24 21.73
CA GLN E 80 11.61 -0.08 20.99
C GLN E 80 11.91 -0.49 19.54
N ASN E 81 12.80 -1.47 19.41
CA ASN E 81 13.15 -2.03 18.12
C ASN E 81 13.85 -3.35 18.35
N ILE E 82 14.13 -4.06 17.28
CA ILE E 82 14.67 -5.42 17.35
C ILE E 82 16.00 -5.50 18.09
N GLU E 83 16.89 -4.53 17.88
CA GLU E 83 18.17 -4.58 18.55
C GLU E 83 18.04 -4.36 20.03
N GLN E 84 17.25 -3.37 20.43
CA GLN E 84 17.02 -3.13 21.85
C GLN E 84 16.43 -4.39 22.49
N LEU E 85 15.49 -5.03 21.80
CA LEU E 85 14.83 -6.22 22.33
C LEU E 85 15.83 -7.33 22.57
N LYS E 86 16.72 -7.54 21.61
CA LYS E 86 17.79 -8.54 21.73
C LYS E 86 18.69 -8.27 22.93
N THR E 87 19.03 -7.01 23.15
CA THR E 87 19.80 -6.60 24.32
C THR E 87 19.05 -6.90 25.62
N LEU E 88 17.76 -6.57 25.61
CA LEU E 88 16.91 -6.82 26.77
C LEU E 88 16.84 -8.30 27.10
N THR E 89 16.56 -9.14 26.10
CA THR E 89 16.38 -10.56 26.36
C THR E 89 17.73 -11.18 26.79
N ALA E 90 18.81 -10.70 26.21
CA ALA E 90 20.13 -11.20 26.56
C ALA E 90 20.45 -10.89 28.03
N GLU E 91 20.23 -9.65 28.46
CA GLU E 91 20.52 -9.29 29.84
C GLU E 91 19.59 -10.01 30.85
N ILE E 92 18.36 -10.29 30.45
CA ILE E 92 17.47 -11.11 31.29
C ILE E 92 18.04 -12.52 31.44
N LYS E 93 18.48 -13.10 30.32
CA LYS E 93 19.00 -14.47 30.32
C LYS E 93 20.32 -14.58 31.06
N ALA E 94 21.14 -13.53 31.02
CA ALA E 94 22.44 -13.53 31.68
C ALA E 94 22.38 -13.58 33.22
N LEU E 95 21.25 -13.24 33.82
CA LEU E 95 21.15 -13.12 35.27
C LEU E 95 21.34 -14.43 36.00
N ARG E 96 20.94 -15.53 35.40
CA ARG E 96 20.91 -16.80 36.11
C ARG E 96 20.73 -17.97 35.16
N THR E 97 20.90 -19.17 35.71
CA THR E 97 20.74 -20.42 34.97
C THR E 97 19.99 -21.40 35.86
N PRO E 98 19.08 -22.20 35.29
CA PRO E 98 18.57 -22.14 33.92
C PRO E 98 18.00 -20.76 33.62
N GLU E 99 18.16 -20.33 32.38
CA GLU E 99 17.81 -18.97 32.00
C GLU E 99 16.32 -18.77 32.15
N LEU E 100 15.95 -17.60 32.67
CA LEU E 100 14.55 -17.24 32.81
C LEU E 100 13.84 -17.38 31.46
N ILE E 101 12.69 -18.05 31.46
CA ILE E 101 11.87 -18.21 30.27
C ILE E 101 11.20 -16.87 29.94
N ILE E 102 11.24 -16.47 28.67
CA ILE E 102 10.67 -15.20 28.24
C ILE E 102 9.50 -15.43 27.28
N ALA E 103 8.35 -14.85 27.59
CA ALA E 103 7.15 -15.02 26.77
C ALA E 103 6.55 -13.68 26.34
N VAL E 104 5.67 -13.74 25.35
CA VAL E 104 4.96 -12.58 24.84
C VAL E 104 3.65 -13.03 24.23
N ASP E 105 2.69 -12.10 24.17
CA ASP E 105 1.42 -12.35 23.48
C ASP E 105 1.54 -11.91 22.02
N HIS E 106 1.98 -12.81 21.16
CA HIS E 106 1.83 -12.64 19.70
C HIS E 106 0.83 -13.64 19.21
N GLU E 107 -0.41 -13.18 19.08
CA GLU E 107 -1.48 -13.97 18.50
C GLU E 107 -1.65 -13.62 17.03
N GLY E 108 -1.72 -12.32 16.77
CA GLY E 108 -2.10 -11.82 15.46
C GLY E 108 -3.20 -10.77 15.55
N GLY E 109 -3.30 -9.96 14.51
CA GLY E 109 -4.33 -8.94 14.44
C GLY E 109 -4.12 -7.94 15.55
N ARG E 110 -5.14 -7.74 16.37
CA ARG E 110 -5.08 -6.71 17.43
C ARG E 110 -4.35 -7.18 18.70
N VAL E 111 -3.78 -8.38 18.68
CA VAL E 111 -2.90 -8.85 19.74
C VAL E 111 -1.53 -9.23 19.17
N GLN E 112 -0.69 -8.21 19.07
CA GLN E 112 0.68 -8.37 18.63
C GLN E 112 1.47 -7.23 19.26
N ARG E 113 2.25 -7.54 20.27
CA ARG E 113 2.95 -6.53 21.05
C ARG E 113 3.96 -5.75 20.24
N PHE E 114 4.73 -6.47 19.44
CA PHE E 114 5.90 -5.92 18.76
C PHE E 114 5.60 -5.75 17.27
N ILE E 115 5.58 -4.50 16.82
CA ILE E 115 5.12 -4.19 15.47
C ILE E 115 6.30 -3.86 14.55
N GLU E 116 7.04 -2.81 14.86
CA GLU E 116 8.08 -2.34 13.97
C GLU E 116 9.19 -3.38 13.81
N GLY E 117 9.50 -3.72 12.57
CA GLY E 117 10.54 -4.70 12.27
C GLY E 117 10.05 -6.13 12.23
N PHE E 118 8.75 -6.34 12.50
CA PHE E 118 8.14 -7.65 12.46
C PHE E 118 7.15 -7.69 11.31
N THR E 119 6.94 -8.87 10.75
CA THR E 119 5.84 -9.07 9.83
C THR E 119 4.56 -8.83 10.64
N ARG E 120 3.64 -8.05 10.08
CA ARG E 120 2.34 -7.86 10.70
C ARG E 120 1.54 -9.14 10.55
N LEU E 121 1.03 -9.65 11.66
CA LEU E 121 0.30 -10.91 11.64
C LEU E 121 -1.19 -10.70 11.49
N PRO E 122 -1.85 -11.56 10.72
CA PRO E 122 -3.30 -11.47 10.61
C PRO E 122 -4.00 -11.97 11.88
N ALA E 123 -5.23 -11.52 12.11
CA ALA E 123 -6.06 -12.08 13.17
C ALA E 123 -6.36 -13.55 12.83
N MET E 124 -6.51 -14.39 13.83
CA MET E 124 -6.73 -15.80 13.58
C MET E 124 -8.01 -16.11 12.82
N ASN E 125 -9.02 -15.24 12.90
CA ASN E 125 -10.25 -15.55 12.18
C ASN E 125 -10.06 -15.48 10.66
N VAL E 126 -9.04 -14.78 10.22
CA VAL E 126 -8.68 -14.73 8.82
C VAL E 126 -8.39 -16.15 8.32
N LEU E 127 -7.76 -16.97 9.15
CA LEU E 127 -7.49 -18.36 8.78
C LEU E 127 -8.77 -19.17 8.68
N GLY E 128 -9.73 -18.89 9.54
CA GLY E 128 -11.01 -19.56 9.48
C GLY E 128 -11.83 -19.12 8.29
N GLN E 129 -11.62 -17.89 7.83
CA GLN E 129 -12.27 -17.43 6.61
C GLN E 129 -11.71 -18.13 5.37
N ILE E 130 -10.41 -18.35 5.35
CA ILE E 130 -9.80 -19.17 4.30
C ILE E 130 -10.37 -20.59 4.32
N TRP E 131 -10.58 -21.14 5.52
CA TRP E 131 -11.16 -22.47 5.66
C TRP E 131 -12.51 -22.54 4.97
N ASP E 132 -13.36 -21.56 5.27
CA ASP E 132 -14.70 -21.51 4.70
C ASP E 132 -14.68 -21.32 3.19
N LYS E 133 -13.76 -20.52 2.70
CA LYS E 133 -13.77 -20.09 1.30
C LYS E 133 -12.96 -21.01 0.39
N ASP E 134 -11.72 -21.31 0.77
CA ASP E 134 -10.82 -22.10 -0.05
C ASP E 134 -10.63 -23.54 0.46
N GLY E 135 -11.25 -23.89 1.57
CA GLY E 135 -11.13 -25.22 2.11
C GLY E 135 -10.02 -25.47 3.12
N ALA E 136 -10.11 -26.62 3.77
CA ALA E 136 -9.26 -26.95 4.92
C ALA E 136 -7.78 -27.01 4.58
N SER E 137 -7.47 -27.55 3.42
CA SER E 137 -6.09 -27.75 3.07
C SER E 137 -5.36 -26.43 2.85
N ALA E 138 -6.01 -25.49 2.17
CA ALA E 138 -5.44 -24.14 1.99
C ALA E 138 -5.29 -23.41 3.32
N ALA E 139 -6.29 -23.58 4.19
CA ALA E 139 -6.30 -22.91 5.50
C ALA E 139 -5.22 -23.45 6.41
N GLU E 140 -5.06 -24.78 6.47
CA GLU E 140 -3.98 -25.39 7.26
C GLU E 140 -2.61 -24.96 6.79
N THR E 141 -2.43 -24.92 5.48
CA THR E 141 -1.15 -24.46 4.91
C THR E 141 -0.87 -23.03 5.32
N ALA E 142 -1.90 -22.19 5.23
CA ALA E 142 -1.74 -20.79 5.62
C ALA E 142 -1.42 -20.69 7.11
N ALA E 143 -2.13 -21.46 7.94
CA ALA E 143 -1.88 -21.46 9.40
C ALA E 143 -0.46 -21.85 9.73
N GLY E 144 0.05 -22.87 9.04
CA GLY E 144 1.43 -23.31 9.25
C GLY E 144 2.44 -22.20 8.98
N GLN E 145 2.19 -21.45 7.92
CA GLN E 145 3.06 -20.36 7.55
C GLN E 145 2.99 -19.23 8.57
N VAL E 146 1.79 -18.89 9.02
CA VAL E 146 1.63 -17.86 10.04
C VAL E 146 2.39 -18.25 11.30
N GLY E 147 2.22 -19.49 11.75
CA GLY E 147 2.96 -19.98 12.92
C GLY E 147 4.46 -19.88 12.77
N ARG E 148 4.95 -20.31 11.61
CA ARG E 148 6.38 -20.30 11.34
C ARG E 148 6.96 -18.90 11.37
N VAL E 149 6.29 -17.97 10.70
CA VAL E 149 6.77 -16.60 10.67
C VAL E 149 6.71 -15.96 12.07
N LEU E 150 5.55 -16.11 12.71
CA LEU E 150 5.34 -15.58 14.07
C LEU E 150 6.46 -16.00 15.02
N ALA E 151 6.70 -17.32 15.08
CA ALA E 151 7.67 -17.88 16.01
C ALA E 151 9.11 -17.51 15.64
N THR E 152 9.45 -17.66 14.36
CA THR E 152 10.84 -17.48 13.92
C THR E 152 11.33 -16.06 14.18
N GLU E 153 10.51 -15.08 13.86
CA GLU E 153 10.90 -13.70 14.09
C GLU E 153 11.11 -13.38 15.58
N LEU E 154 10.28 -13.99 16.43
CA LEU E 154 10.45 -13.80 17.88
C LEU E 154 11.67 -14.55 18.38
N SER E 155 11.89 -15.76 17.85
CA SER E 155 13.03 -16.58 18.26
C SER E 155 14.34 -15.85 17.98
N ALA E 156 14.39 -15.10 16.90
CA ALA E 156 15.55 -14.29 16.57
C ALA E 156 15.87 -13.24 17.61
N CYS E 157 14.89 -12.87 18.43
CA CYS E 157 15.08 -11.82 19.42
C CYS E 157 15.28 -12.36 20.83
N GLY E 158 15.35 -13.67 20.96
CA GLY E 158 15.62 -14.30 22.26
C GLY E 158 14.38 -14.61 23.08
N ILE E 159 13.22 -14.62 22.43
CA ILE E 159 11.96 -14.95 23.07
C ILE E 159 11.79 -16.47 23.03
N ASP E 160 11.25 -17.06 24.09
CA ASP E 160 11.07 -18.51 24.10
C ASP E 160 9.74 -18.95 23.50
N LEU E 161 8.67 -18.21 23.80
CA LEU E 161 7.31 -18.68 23.61
C LEU E 161 6.37 -17.51 23.38
N SER E 162 5.44 -17.68 22.43
CA SER E 162 4.28 -16.81 22.32
C SER E 162 3.09 -17.49 22.94
N PHE E 163 2.28 -16.73 23.68
CA PHE E 163 1.06 -17.28 24.28
C PHE E 163 -0.03 -17.35 23.22
N THR E 164 0.04 -18.42 22.43
CA THR E 164 -0.88 -18.64 21.32
C THR E 164 -0.83 -20.14 21.05
N PRO E 165 -1.92 -20.72 20.53
CA PRO E 165 -3.13 -20.09 20.03
C PRO E 165 -4.33 -20.04 20.95
N VAL E 166 -5.21 -19.11 20.64
CA VAL E 166 -6.56 -19.09 21.13
C VAL E 166 -7.33 -20.28 20.54
N LEU E 167 -7.92 -21.08 21.42
CA LEU E 167 -8.73 -22.23 21.05
C LEU E 167 -10.21 -22.03 21.35
N ASP E 168 -10.54 -20.83 21.83
CA ASP E 168 -11.93 -20.46 22.07
C ASP E 168 -12.70 -20.51 20.78
N LEU E 169 -13.96 -20.92 20.85
CA LEU E 169 -14.81 -21.01 19.70
C LEU E 169 -15.57 -19.72 19.49
N ASP E 170 -15.75 -19.33 18.23
CA ASP E 170 -16.49 -18.13 17.93
C ASP E 170 -17.96 -18.41 17.93
N TRP E 171 -18.55 -18.39 19.11
CA TRP E 171 -19.99 -18.52 19.23
C TRP E 171 -20.72 -17.22 18.83
N GLY E 172 -19.99 -16.15 18.53
CA GLY E 172 -20.61 -14.86 18.22
C GLY E 172 -21.10 -14.09 19.45
N ASN E 173 -20.54 -14.42 20.61
CA ASN E 173 -20.98 -13.82 21.89
C ASN E 173 -19.96 -12.93 22.59
N CYS E 174 -18.68 -13.19 22.40
CA CYS E 174 -17.63 -12.64 23.26
C CYS E 174 -16.74 -11.66 22.52
N ALA E 175 -16.93 -10.38 22.78
CA ALA E 175 -16.20 -9.32 22.07
C ALA E 175 -14.72 -9.33 22.38
N VAL E 176 -14.37 -9.60 23.63
CA VAL E 176 -12.96 -9.56 24.00
C VAL E 176 -12.14 -10.65 23.28
N ILE E 177 -12.76 -11.77 22.93
CA ILE E 177 -12.13 -12.78 22.09
C ILE E 177 -12.27 -12.27 20.66
N GLY E 178 -13.50 -12.08 20.21
CA GLY E 178 -13.75 -11.51 18.91
C GLY E 178 -13.09 -12.24 17.77
N ASN E 179 -12.34 -11.50 16.95
CA ASN E 179 -11.67 -12.09 15.82
C ASN E 179 -10.37 -12.84 16.22
N ARG E 180 -10.07 -12.94 17.52
CA ARG E 180 -8.94 -13.75 17.99
C ARG E 180 -9.20 -15.24 17.88
N SER E 181 -10.46 -15.64 17.71
CA SER E 181 -10.83 -17.05 17.54
C SER E 181 -10.77 -17.43 16.05
N PHE E 182 -10.30 -18.64 15.77
CA PHE E 182 -10.17 -19.12 14.41
C PHE E 182 -11.52 -19.21 13.72
N HIS E 183 -12.53 -19.71 14.43
CA HIS E 183 -13.74 -20.20 13.79
C HIS E 183 -14.78 -20.58 14.83
N ARG E 184 -16.03 -20.68 14.41
CA ARG E 184 -17.13 -21.18 15.24
C ARG E 184 -17.03 -22.68 15.53
N ASN E 185 -16.48 -23.43 14.58
CA ASN E 185 -16.63 -24.88 14.54
C ASN E 185 -15.45 -25.56 15.19
N PRO E 186 -15.69 -26.40 16.20
CA PRO E 186 -14.58 -26.99 16.93
C PRO E 186 -13.58 -27.76 16.05
N GLU E 187 -14.08 -28.41 15.00
CA GLU E 187 -13.22 -29.17 14.07
C GLU E 187 -12.29 -28.23 13.32
N ALA E 188 -12.83 -27.13 12.86
CA ALA E 188 -11.98 -26.10 12.23
C ALA E 188 -10.96 -25.52 13.20
N VAL E 189 -11.39 -25.21 14.41
CA VAL E 189 -10.46 -24.60 15.39
C VAL E 189 -9.34 -25.57 15.71
N ALA E 190 -9.69 -26.82 16.00
CA ALA E 190 -8.67 -27.84 16.33
C ALA E 190 -7.65 -27.97 15.21
N ARG E 191 -8.15 -28.11 13.98
CA ARG E 191 -7.23 -28.39 12.89
C ARG E 191 -6.38 -27.20 12.55
N LEU E 192 -6.96 -25.99 12.59
CA LEU E 192 -6.16 -24.80 12.34
C LEU E 192 -5.11 -24.60 13.44
N ALA E 193 -5.51 -24.86 14.68
CA ALA E 193 -4.60 -24.75 15.81
C ALA E 193 -3.43 -25.72 15.69
N LEU E 194 -3.71 -26.98 15.36
CA LEU E 194 -2.64 -27.99 15.15
C LEU E 194 -1.67 -27.59 14.04
N ALA E 195 -2.22 -27.05 12.96
CA ALA E 195 -1.38 -26.57 11.86
C ALA E 195 -0.54 -25.38 12.29
N LEU E 196 -1.14 -24.46 13.05
CA LEU E 196 -0.36 -23.33 13.57
C LEU E 196 0.74 -23.83 14.48
N GLN E 197 0.40 -24.79 15.31
CA GLN E 197 1.37 -25.37 16.26
C GLN E 197 2.60 -25.96 15.58
N LYS E 198 2.38 -26.69 14.48
CA LYS E 198 3.51 -27.22 13.68
C LYS E 198 4.36 -26.11 13.13
N GLY E 199 3.72 -25.05 12.67
CA GLY E 199 4.43 -23.87 12.22
C GLY E 199 5.28 -23.26 13.31
N LEU E 200 4.68 -23.09 14.51
CA LEU E 200 5.40 -22.53 15.66
C LEU E 200 6.65 -23.34 15.99
N ALA E 201 6.49 -24.66 16.01
CA ALA E 201 7.61 -25.57 16.29
C ALA E 201 8.74 -25.44 15.27
N LYS E 202 8.40 -25.25 13.99
CA LYS E 202 9.44 -24.93 13.01
C LYS E 202 10.22 -23.69 13.38
N GLY E 203 9.53 -22.70 13.95
CA GLY E 203 10.17 -21.47 14.41
C GLY E 203 10.79 -21.55 15.79
N GLY E 204 10.83 -22.76 16.37
CA GLY E 204 11.52 -22.99 17.63
C GLY E 204 10.65 -23.00 18.88
N MET E 205 9.34 -22.87 18.71
CA MET E 205 8.46 -22.60 19.84
C MET E 205 7.39 -23.66 20.06
N LYS E 206 7.05 -23.85 21.33
CA LYS E 206 5.89 -24.61 21.72
C LYS E 206 4.64 -23.73 21.68
N SER E 207 3.48 -24.31 22.01
CA SER E 207 2.23 -23.60 21.99
C SER E 207 1.60 -23.46 23.40
N CYS E 208 0.73 -22.47 23.55
CA CYS E 208 -0.04 -22.27 24.76
C CYS E 208 -1.48 -22.01 24.39
N GLY E 209 -2.34 -22.98 24.67
CA GLY E 209 -3.76 -22.88 24.37
C GLY E 209 -4.49 -21.95 25.33
N LYS E 210 -5.40 -21.13 24.83
CA LYS E 210 -6.17 -20.18 25.65
C LYS E 210 -7.61 -20.18 25.19
N HIS E 211 -8.61 -20.03 26.07
CA HIS E 211 -8.49 -19.93 27.52
C HIS E 211 -9.29 -21.07 28.12
N PHE E 212 -8.59 -22.04 28.69
CA PHE E 212 -9.21 -23.30 29.14
C PHE E 212 -10.26 -23.04 30.20
N PRO E 213 -11.43 -23.68 30.08
CA PRO E 213 -11.89 -24.69 29.13
C PRO E 213 -12.69 -24.14 27.93
N GLY E 214 -12.66 -22.82 27.72
CA GLY E 214 -13.35 -22.21 26.59
C GLY E 214 -14.04 -20.91 26.95
N HIS E 215 -13.55 -19.81 26.37
CA HIS E 215 -14.02 -18.46 26.69
C HIS E 215 -15.03 -17.95 25.65
N GLY E 216 -15.32 -18.74 24.64
CA GLY E 216 -16.08 -18.26 23.49
C GLY E 216 -17.56 -18.01 23.66
N PHE E 217 -18.17 -18.64 24.66
CA PHE E 217 -19.62 -18.62 24.78
C PHE E 217 -20.13 -17.47 25.62
N VAL E 218 -19.36 -17.06 26.60
CA VAL E 218 -19.78 -15.96 27.49
C VAL E 218 -19.79 -14.67 26.71
N GLU E 219 -20.52 -13.69 27.22
CA GLU E 219 -20.39 -12.34 26.72
C GLU E 219 -19.28 -11.70 27.53
N GLY E 220 -18.52 -10.84 26.86
CA GLY E 220 -17.35 -10.23 27.49
C GLY E 220 -17.04 -8.95 26.75
N ASP E 221 -17.55 -7.84 27.26
CA ASP E 221 -17.33 -6.53 26.67
C ASP E 221 -17.27 -5.46 27.75
N SER E 222 -16.83 -5.84 28.95
CA SER E 222 -16.45 -4.96 30.06
C SER E 222 -14.96 -5.14 30.47
N HIS E 223 -14.60 -6.42 30.58
CA HIS E 223 -13.22 -6.98 30.83
C HIS E 223 -12.68 -6.94 32.25
N LEU E 224 -13.47 -6.40 33.19
CA LEU E 224 -13.24 -6.62 34.62
C LEU E 224 -14.46 -7.25 35.35
N VAL E 225 -15.41 -7.78 34.60
CA VAL E 225 -16.47 -8.64 35.15
C VAL E 225 -15.95 -10.08 35.18
N LEU E 226 -16.55 -10.89 36.05
CA LEU E 226 -16.37 -12.33 36.04
C LEU E 226 -17.56 -12.99 35.33
N PRO E 227 -17.41 -13.32 34.03
CA PRO E 227 -18.56 -13.83 33.30
C PRO E 227 -18.96 -15.22 33.75
N GLU E 228 -20.17 -15.60 33.40
CA GLU E 228 -20.73 -16.89 33.78
C GLU E 228 -21.18 -17.65 32.53
N ASP E 229 -20.69 -18.88 32.39
CA ASP E 229 -21.08 -19.79 31.31
C ASP E 229 -21.95 -20.86 31.93
N GLY E 230 -23.25 -20.81 31.65
CA GLY E 230 -24.21 -21.68 32.32
C GLY E 230 -24.34 -23.09 31.75
N ARG E 231 -23.50 -23.44 30.80
CA ARG E 231 -23.69 -24.72 30.12
C ARG E 231 -23.19 -25.91 30.93
N SER E 232 -23.61 -27.09 30.50
CA SER E 232 -23.22 -28.34 31.15
C SER E 232 -21.89 -28.81 30.62
N LEU E 233 -21.23 -29.66 31.38
CA LEU E 233 -19.98 -30.26 30.97
C LEU E 233 -20.11 -30.99 29.62
N ASP E 234 -21.22 -31.70 29.44
CA ASP E 234 -21.44 -32.43 28.18
C ASP E 234 -21.47 -31.49 27.00
N GLU E 235 -22.11 -30.34 27.16
CA GLU E 235 -22.13 -29.33 26.10
C GLU E 235 -20.73 -28.87 25.78
N LEU E 236 -19.90 -28.67 26.79
CA LEU E 236 -18.51 -28.25 26.57
C LEU E 236 -17.66 -29.36 25.97
N GLU E 237 -17.87 -30.60 26.40
CA GLU E 237 -17.13 -31.73 25.81
C GLU E 237 -17.47 -31.90 24.34
N ALA E 238 -18.72 -31.65 23.99
CA ALA E 238 -19.15 -31.74 22.59
C ALA E 238 -18.55 -30.66 21.67
N ALA E 239 -18.03 -29.58 22.24
CA ALA E 239 -17.55 -28.47 21.44
C ALA E 239 -16.29 -27.80 22.00
N ASP E 240 -16.45 -26.91 22.97
CA ASP E 240 -15.36 -26.01 23.37
C ASP E 240 -14.12 -26.73 23.89
N LEU E 241 -14.31 -27.86 24.56
CA LEU E 241 -13.17 -28.62 25.09
C LEU E 241 -12.40 -29.41 24.05
N ALA E 242 -13.04 -29.75 22.95
CA ALA E 242 -12.41 -30.68 22.00
C ALA E 242 -11.08 -30.18 21.48
N PRO E 243 -10.95 -28.86 21.15
CA PRO E 243 -9.64 -28.40 20.67
C PRO E 243 -8.55 -28.49 21.73
N PHE E 244 -8.91 -28.29 23.00
CA PHE E 244 -7.94 -28.44 24.09
C PHE E 244 -7.48 -29.90 24.22
N ARG E 245 -8.41 -30.86 24.16
CA ARG E 245 -8.05 -32.31 24.19
C ARG E 245 -7.08 -32.68 23.10
N ILE E 246 -7.42 -32.28 21.89
CA ILE E 246 -6.64 -32.61 20.71
C ILE E 246 -5.26 -31.96 20.77
N MET E 247 -5.20 -30.68 21.12
CA MET E 247 -3.91 -30.00 21.26
C MET E 247 -3.04 -30.61 22.35
N SER E 248 -3.67 -30.97 23.47
CA SER E 248 -2.97 -31.64 24.55
C SER E 248 -2.33 -32.93 24.06
N ARG E 249 -3.13 -33.75 23.37
CA ARG E 249 -2.65 -35.00 22.79
C ARG E 249 -1.45 -34.77 21.89
N GLU E 250 -1.48 -33.67 21.14
CA GLU E 250 -0.42 -33.39 20.17
C GLU E 250 0.73 -32.52 20.69
N GLY E 251 0.91 -32.42 22.01
CA GLY E 251 2.13 -31.83 22.57
C GLY E 251 2.10 -30.36 22.99
N MET E 252 0.90 -29.78 23.12
CA MET E 252 0.76 -28.41 23.62
C MET E 252 1.51 -28.25 24.94
N ALA E 253 2.31 -27.20 25.08
CA ALA E 253 3.19 -27.02 26.24
C ALA E 253 2.51 -26.40 27.45
N ALA E 254 1.47 -25.61 27.21
CA ALA E 254 0.87 -24.83 28.27
C ALA E 254 -0.54 -24.45 27.95
N VAL E 255 -1.23 -24.04 29.01
CA VAL E 255 -2.60 -23.61 28.94
C VAL E 255 -2.76 -22.39 29.83
N MET E 256 -3.60 -21.47 29.40
CA MET E 256 -4.03 -20.36 30.21
C MET E 256 -5.50 -20.51 30.46
N PRO E 257 -5.95 -20.32 31.72
CA PRO E 257 -7.33 -20.61 32.05
C PRO E 257 -8.20 -19.41 31.80
N ALA E 258 -9.47 -19.66 31.55
CA ALA E 258 -10.44 -18.60 31.41
C ALA E 258 -10.80 -18.08 32.78
N HIS E 259 -10.89 -16.75 32.90
CA HIS E 259 -11.44 -16.12 34.09
C HIS E 259 -12.96 -16.12 33.92
N VAL E 260 -13.54 -17.30 34.08
CA VAL E 260 -14.94 -17.53 33.80
C VAL E 260 -15.41 -18.60 34.78
N VAL E 261 -16.63 -18.45 35.28
CA VAL E 261 -17.25 -19.45 36.13
C VAL E 261 -18.20 -20.27 35.32
N TYR E 262 -18.14 -21.58 35.52
CA TYR E 262 -19.00 -22.54 34.84
C TYR E 262 -19.78 -23.27 35.93
N PRO E 263 -20.88 -22.65 36.41
CA PRO E 263 -21.54 -23.13 37.65
C PRO E 263 -21.99 -24.58 37.64
N GLN E 264 -22.34 -25.12 36.49
CA GLN E 264 -22.73 -26.54 36.46
C GLN E 264 -21.57 -27.48 36.75
N VAL E 265 -20.34 -26.99 36.67
CA VAL E 265 -19.16 -27.80 36.97
C VAL E 265 -18.51 -27.39 38.27
N ASP E 266 -18.41 -26.09 38.51
CA ASP E 266 -17.80 -25.61 39.74
C ASP E 266 -18.18 -24.15 39.94
N THR E 267 -18.28 -23.75 41.21
CA THR E 267 -18.66 -22.38 41.57
C THR E 267 -17.46 -21.46 41.47
N LYS E 268 -16.28 -22.03 41.35
CA LYS E 268 -15.07 -21.25 41.23
C LYS E 268 -14.66 -21.02 39.77
N PRO E 269 -14.03 -19.86 39.48
CA PRO E 269 -13.46 -19.65 38.15
C PRO E 269 -12.47 -20.77 37.83
N ALA E 270 -12.37 -21.11 36.56
CA ALA E 270 -11.55 -22.23 36.13
C ALA E 270 -10.12 -22.20 36.65
N GLY E 271 -9.52 -21.01 36.69
CA GLY E 271 -8.13 -20.89 37.14
C GLY E 271 -7.90 -21.14 38.63
N PHE E 272 -8.98 -21.22 39.40
CA PHE E 272 -8.91 -21.50 40.83
C PHE E 272 -9.69 -22.76 41.15
N SER E 273 -9.92 -23.62 40.17
CA SER E 273 -10.79 -24.79 40.36
C SER E 273 -10.05 -26.10 40.25
N GLU E 274 -9.96 -26.85 41.35
CA GLU E 274 -9.39 -28.19 41.35
C GLU E 274 -10.10 -29.09 40.38
N ILE E 275 -11.42 -28.92 40.31
CA ILE E 275 -12.22 -29.73 39.43
C ILE E 275 -11.76 -29.50 37.97
N TRP E 276 -11.72 -28.24 37.54
CA TRP E 276 -11.29 -27.95 36.18
C TRP E 276 -9.85 -28.37 35.91
N LEU E 277 -8.94 -28.03 36.82
CA LEU E 277 -7.53 -28.18 36.56
C LEU E 277 -6.97 -29.56 36.89
N LYS E 278 -7.40 -30.18 37.99
CA LYS E 278 -6.86 -31.49 38.36
C LYS E 278 -7.71 -32.60 37.81
N GLN E 279 -8.99 -32.55 38.10
CA GLN E 279 -9.86 -33.61 37.73
C GLN E 279 -10.07 -33.67 36.21
N ILE E 280 -10.37 -32.53 35.59
CA ILE E 280 -10.69 -32.54 34.16
C ILE E 280 -9.43 -32.42 33.29
N LEU E 281 -8.64 -31.36 33.47
CA LEU E 281 -7.47 -31.16 32.63
C LEU E 281 -6.32 -32.17 32.85
N ARG E 282 -5.89 -32.38 34.09
CA ARG E 282 -4.84 -33.37 34.37
C ARG E 282 -5.36 -34.79 34.18
N ARG E 283 -6.37 -35.18 34.96
CA ARG E 283 -6.81 -36.57 35.01
C ARG E 283 -7.50 -37.04 33.76
N ASP E 284 -8.58 -36.36 33.42
CA ASP E 284 -9.45 -36.80 32.35
C ASP E 284 -8.79 -36.56 30.99
N ILE E 285 -8.17 -35.40 30.80
CA ILE E 285 -7.58 -35.06 29.49
C ILE E 285 -6.15 -35.56 29.36
N GLY E 286 -5.43 -35.70 30.48
CA GLY E 286 -4.06 -36.23 30.45
C GLY E 286 -2.99 -35.20 30.15
N PHE E 287 -3.31 -33.91 30.35
CA PHE E 287 -2.38 -32.84 30.05
C PHE E 287 -1.19 -32.81 31.02
N LYS E 288 0.03 -32.78 30.50
CA LYS E 288 1.23 -32.80 31.33
C LYS E 288 2.05 -31.53 31.30
N GLY E 289 1.57 -30.51 30.60
CA GLY E 289 2.30 -29.25 30.49
C GLY E 289 2.01 -28.26 31.61
N VAL E 290 2.38 -27.01 31.36
CA VAL E 290 2.19 -25.93 32.30
C VAL E 290 0.75 -25.50 32.35
N ILE E 291 0.24 -25.35 33.57
CA ILE E 291 -0.98 -24.61 33.78
C ILE E 291 -0.59 -23.28 34.40
N PHE E 292 -0.73 -22.20 33.63
CA PHE E 292 -0.54 -20.85 34.15
C PHE E 292 -1.76 -20.44 34.96
N SER E 293 -1.57 -19.52 35.90
CA SER E 293 -2.70 -18.97 36.62
C SER E 293 -3.37 -17.86 35.84
N ASP E 294 -4.49 -17.44 36.43
CA ASP E 294 -5.21 -16.20 36.13
C ASP E 294 -4.32 -15.04 36.55
N ASP E 295 -4.74 -13.85 36.18
CA ASP E 295 -3.98 -12.66 36.55
C ASP E 295 -4.18 -12.48 38.03
N LEU E 296 -3.12 -12.60 38.80
CA LEU E 296 -3.48 -12.53 40.17
C LEU E 296 -3.64 -11.09 40.65
N THR E 297 -3.18 -10.10 39.86
CA THR E 297 -3.36 -8.68 40.20
C THR E 297 -4.81 -8.16 40.47
N MET E 298 -5.85 -8.81 39.96
CA MET E 298 -7.23 -8.55 40.40
C MET E 298 -7.86 -9.73 41.11
N GLY E 305 -8.04 -12.18 50.70
CA GLY E 305 -7.27 -10.98 50.42
C GLY E 305 -5.78 -11.24 50.43
N GLY E 306 -5.02 -10.48 49.65
CA GLY E 306 -3.56 -10.52 49.60
C GLY E 306 -3.01 -11.40 48.52
N ILE E 307 -1.93 -10.94 47.87
CA ILE E 307 -1.32 -11.65 46.76
C ILE E 307 -0.84 -13.04 47.19
N LYS E 308 -0.27 -13.14 48.38
CA LYS E 308 0.22 -14.43 48.90
C LYS E 308 -0.89 -15.44 48.99
N GLU E 309 -2.04 -15.02 49.49
CA GLU E 309 -3.18 -15.91 49.59
C GLU E 309 -3.72 -16.29 48.19
N ARG E 310 -3.78 -15.31 47.31
CA ARG E 310 -4.29 -15.53 45.95
C ARG E 310 -3.39 -16.54 45.21
N ALA E 311 -2.08 -16.39 45.34
CA ALA E 311 -1.13 -17.34 44.77
C ALA E 311 -1.31 -18.72 45.41
N ARG E 312 -1.46 -18.77 46.74
CA ARG E 312 -1.63 -20.04 47.43
C ARG E 312 -2.81 -20.84 46.89
N ILE E 313 -3.95 -20.17 46.72
CA ILE E 313 -5.13 -20.86 46.25
C ILE E 313 -4.94 -21.29 44.79
N SER E 314 -4.17 -20.51 44.02
CA SER E 314 -3.87 -20.88 42.63
C SER E 314 -3.06 -22.15 42.56
N PHE E 315 -1.96 -22.21 43.31
CA PHE E 315 -1.16 -23.43 43.36
C PHE E 315 -1.96 -24.63 43.85
N GLU E 316 -2.72 -24.43 44.91
CA GLU E 316 -3.56 -25.47 45.47
C GLU E 316 -4.59 -25.99 44.46
N ALA E 317 -5.12 -25.09 43.61
CA ALA E 317 -6.08 -25.48 42.58
C ALA E 317 -5.46 -26.33 41.47
N GLY E 318 -4.15 -26.21 41.27
CA GLY E 318 -3.43 -26.98 40.24
C GLY E 318 -2.51 -26.20 39.30
N CYS E 319 -2.42 -24.87 39.44
CA CYS E 319 -1.51 -24.09 38.60
C CYS E 319 -0.08 -24.36 38.95
N ASP E 320 0.78 -24.42 37.92
CA ASP E 320 2.21 -24.57 38.12
C ASP E 320 2.89 -23.24 38.36
N ILE E 321 2.45 -22.24 37.61
CA ILE E 321 3.14 -20.96 37.53
C ILE E 321 2.13 -19.83 37.63
N VAL E 322 2.37 -18.87 38.51
CA VAL E 322 1.45 -17.75 38.66
C VAL E 322 1.98 -16.52 37.93
N LEU E 323 1.07 -15.83 37.25
CA LEU E 323 1.37 -14.61 36.52
C LEU E 323 1.01 -13.42 37.37
N VAL E 324 1.97 -12.50 37.51
CA VAL E 324 1.75 -11.28 38.24
C VAL E 324 2.29 -10.15 37.37
N CYS E 325 1.40 -9.48 36.64
CA CYS E 325 1.80 -8.47 35.66
C CYS E 325 1.48 -7.05 36.09
N ASN E 326 2.31 -6.11 35.62
CA ASN E 326 2.12 -4.67 35.86
C ASN E 326 2.14 -4.27 37.32
N ARG E 327 2.64 -5.13 38.20
CA ARG E 327 2.59 -4.87 39.63
C ARG E 327 3.84 -5.41 40.32
N PRO E 328 4.98 -4.77 40.06
CA PRO E 328 6.19 -5.21 40.71
C PRO E 328 6.13 -5.14 42.26
N ASP E 329 5.27 -4.25 42.77
CA ASP E 329 5.01 -4.16 44.22
C ASP E 329 4.41 -5.43 44.78
N LEU E 330 3.46 -6.01 44.04
CA LEU E 330 2.87 -7.27 44.45
C LEU E 330 3.82 -8.46 44.27
N VAL E 331 4.71 -8.38 43.27
CA VAL E 331 5.74 -9.40 43.11
C VAL E 331 6.70 -9.32 44.29
N ASP E 332 7.08 -8.11 44.67
CA ASP E 332 7.95 -7.92 45.83
C ASP E 332 7.31 -8.46 47.09
N GLU E 333 6.04 -8.16 47.28
CA GLU E 333 5.29 -8.63 48.42
C GLU E 333 5.21 -10.15 48.42
N LEU E 334 4.88 -10.73 47.27
CA LEU E 334 4.75 -12.17 47.17
C LEU E 334 6.06 -12.89 47.45
N ARG E 335 7.14 -12.41 46.85
CA ARG E 335 8.42 -13.13 46.96
C ARG E 335 9.07 -13.06 48.36
N ASP E 336 8.73 -12.03 49.13
CA ASP E 336 9.32 -11.85 50.46
C ASP E 336 8.84 -12.93 51.44
N GLY E 337 9.76 -13.82 51.83
CA GLY E 337 9.41 -14.94 52.71
C GLY E 337 8.61 -16.02 52.01
N PHE E 338 8.70 -16.07 50.68
CA PHE E 338 7.92 -17.01 49.87
C PHE E 338 8.46 -18.42 49.99
N THR E 339 7.59 -19.37 50.29
CA THR E 339 7.97 -20.77 50.26
C THR E 339 7.53 -21.38 48.92
N ILE E 340 8.50 -21.94 48.20
CA ILE E 340 8.24 -22.55 46.91
C ILE E 340 7.48 -23.85 47.10
N PRO E 341 6.26 -23.94 46.54
CA PRO E 341 5.50 -25.16 46.74
C PRO E 341 6.20 -26.35 46.11
N ASP E 342 6.05 -27.51 46.73
CA ASP E 342 6.65 -28.71 46.20
C ASP E 342 5.99 -29.06 44.88
N ASN E 343 6.76 -29.06 43.81
CA ASN E 343 6.27 -29.41 42.48
C ASN E 343 7.43 -30.01 41.71
N GLN E 344 7.55 -31.34 41.80
CA GLN E 344 8.63 -32.05 41.15
C GLN E 344 8.62 -31.94 39.64
N ASP E 345 7.47 -31.57 39.06
CA ASP E 345 7.33 -31.48 37.62
C ASP E 345 7.68 -30.10 37.07
N LEU E 346 7.86 -29.12 37.95
CA LEU E 346 7.98 -27.73 37.50
C LEU E 346 9.17 -27.52 36.58
N ALA E 347 10.33 -28.03 36.98
CA ALA E 347 11.57 -27.83 36.22
C ALA E 347 11.44 -28.33 34.78
N GLY E 348 10.85 -29.51 34.61
CA GLY E 348 10.64 -30.10 33.28
C GLY E 348 9.58 -29.36 32.48
N ARG E 349 8.53 -28.92 33.16
CA ARG E 349 7.48 -28.12 32.54
C ARG E 349 7.99 -26.77 32.02
N TRP E 350 8.83 -26.08 32.79
CA TRP E 350 9.50 -24.88 32.28
C TRP E 350 10.43 -25.23 31.10
N GLN E 351 11.20 -26.30 31.26
CA GLN E 351 12.24 -26.63 30.27
C GLN E 351 11.66 -27.02 28.92
N TYR E 352 10.53 -27.71 28.92
CA TYR E 352 9.81 -28.03 27.69
C TYR E 352 9.49 -26.77 26.86
N MET E 353 9.33 -25.63 27.52
CA MET E 353 9.01 -24.38 26.82
C MET E 353 10.23 -23.60 26.31
N GLU E 354 11.43 -24.04 26.64
CA GLU E 354 12.63 -23.33 26.16
C GLU E 354 12.67 -23.38 24.63
N ASN E 355 13.12 -22.28 24.02
CA ASN E 355 13.20 -22.21 22.57
C ASN E 355 14.15 -23.30 22.09
N SER E 356 13.78 -23.98 21.00
CA SER E 356 14.57 -25.09 20.49
C SER E 356 15.57 -24.69 19.40
N LEU E 357 15.51 -23.44 18.92
CA LEU E 357 16.46 -22.93 17.92
C LEU E 357 17.54 -22.05 18.53
N GLY E 358 18.80 -22.30 18.16
CA GLY E 358 19.90 -21.41 18.49
C GLY E 358 19.87 -20.17 17.62
N HIS E 359 20.52 -19.11 18.10
CA HIS E 359 20.52 -17.81 17.42
C HIS E 359 21.05 -17.87 15.98
N GLU E 360 22.15 -18.60 15.78
CA GLU E 360 22.75 -18.73 14.47
C GLU E 360 21.79 -19.47 13.51
N ALA E 361 21.19 -20.56 14.00
CA ALA E 361 20.22 -21.30 13.21
C ALA E 361 19.08 -20.40 12.72
N VAL E 362 18.62 -19.50 13.58
CA VAL E 362 17.51 -18.61 13.24
C VAL E 362 17.93 -17.60 12.17
N GLN E 363 19.11 -17.00 12.34
CA GLN E 363 19.60 -16.05 11.33
C GLN E 363 19.75 -16.73 9.97
N ALA E 364 20.22 -17.97 9.96
CA ALA E 364 20.36 -18.74 8.73
C ALA E 364 19.02 -18.90 8.04
N VAL E 365 18.03 -19.40 8.79
CA VAL E 365 16.71 -19.66 8.21
C VAL E 365 16.09 -18.39 7.65
N MET E 366 16.32 -17.27 8.30
CA MET E 366 15.67 -16.02 7.90
C MET E 366 16.24 -15.46 6.61
N GLN E 367 17.44 -15.88 6.25
CA GLN E 367 18.02 -15.52 4.96
C GLN E 367 17.50 -16.36 3.79
N THR E 368 16.90 -17.50 4.08
CA THR E 368 16.44 -18.38 3.01
C THR E 368 15.27 -17.77 2.26
N MET E 369 15.16 -18.13 0.99
CA MET E 369 14.13 -17.61 0.10
C MET E 369 12.76 -18.19 0.51
N GLY E 370 12.76 -19.43 0.99
CA GLY E 370 11.55 -20.07 1.52
C GLY E 370 10.91 -19.31 2.67
N PHE E 371 11.73 -18.90 3.65
CA PHE E 371 11.23 -18.13 4.79
C PHE E 371 10.79 -16.73 4.37
N GLN E 372 11.59 -16.09 3.52
CA GLN E 372 11.23 -14.76 3.05
C GLN E 372 9.91 -14.75 2.30
N ALA E 373 9.64 -15.83 1.57
CA ALA E 373 8.36 -15.99 0.89
C ALA E 373 7.21 -16.18 1.88
N ALA E 374 7.46 -16.97 2.90
CA ALA E 374 6.49 -17.13 3.98
C ALA E 374 6.14 -15.77 4.60
N GLN E 375 7.17 -14.98 4.90
CA GLN E 375 6.97 -13.63 5.42
C GLN E 375 6.01 -12.83 4.55
N ALA E 376 6.26 -12.80 3.25
CA ALA E 376 5.45 -11.98 2.34
C ALA E 376 4.02 -12.50 2.24
N PHE E 377 3.87 -13.81 2.25
CA PHE E 377 2.54 -14.41 2.26
C PHE E 377 1.74 -14.00 3.50
N VAL E 378 2.39 -14.06 4.65
CA VAL E 378 1.73 -13.73 5.91
C VAL E 378 1.41 -12.23 5.95
N ALA E 379 2.37 -11.40 5.56
CA ALA E 379 2.12 -9.96 5.42
C ALA E 379 0.88 -9.67 4.57
N GLY E 380 0.69 -10.47 3.51
CA GLY E 380 -0.43 -10.28 2.61
C GLY E 380 -1.76 -10.64 3.23
N LEU E 381 -1.78 -11.64 4.10
CA LEU E 381 -2.99 -11.97 4.84
C LEU E 381 -3.37 -10.82 5.78
N ALA E 382 -2.38 -10.15 6.35
CA ALA E 382 -2.63 -9.02 7.25
C ALA E 382 -3.07 -7.71 6.57
N SER E 383 -2.92 -7.61 5.25
CA SER E 383 -3.36 -6.37 4.52
C SER E 383 -4.65 -6.50 3.74
N VAL F 39 27.51 51.55 18.12
CA VAL F 39 26.24 51.43 17.30
C VAL F 39 26.18 52.52 16.24
N PRO F 40 26.56 52.21 14.99
CA PRO F 40 26.65 53.26 13.97
C PRO F 40 25.34 54.00 13.72
N HIS F 41 25.44 55.31 13.50
CA HIS F 41 24.28 56.10 13.14
C HIS F 41 24.25 56.31 11.63
N ILE F 42 23.30 55.65 10.97
CA ILE F 42 23.18 55.66 9.52
C ILE F 42 21.71 55.90 9.16
N PRO F 43 21.43 56.86 8.27
CA PRO F 43 20.03 57.00 7.87
C PRO F 43 19.46 55.70 7.28
N ARG F 44 18.17 55.48 7.46
CA ARG F 44 17.51 54.31 6.88
C ARG F 44 17.51 54.46 5.39
N GLY F 45 18.07 53.46 4.71
CA GLY F 45 18.13 53.48 3.25
C GLY F 45 16.79 53.15 2.63
N PRO F 46 16.69 53.28 1.30
CA PRO F 46 15.43 53.06 0.59
C PRO F 46 15.21 51.62 0.11
N VAL F 47 15.91 50.64 0.69
CA VAL F 47 15.70 49.24 0.32
C VAL F 47 15.20 48.47 1.52
N MET F 48 14.16 47.68 1.32
CA MET F 48 13.72 46.75 2.37
C MET F 48 14.12 45.34 1.93
N ALA F 49 14.94 44.69 2.72
CA ALA F 49 15.46 43.38 2.40
C ALA F 49 14.85 42.35 3.33
N ASP F 50 15.43 41.16 3.41
CA ASP F 50 14.94 40.13 4.30
C ASP F 50 16.06 39.21 4.75
N ILE F 51 15.70 38.14 5.46
CA ILE F 51 16.64 37.31 6.19
C ILE F 51 16.31 35.85 5.95
N ALA F 52 17.30 34.96 6.06
CA ALA F 52 17.11 33.57 5.68
C ALA F 52 16.33 32.75 6.69
N ALA F 53 16.72 32.85 7.95
CA ALA F 53 16.22 31.89 8.95
C ALA F 53 15.97 32.54 10.33
N PHE F 54 16.26 31.83 11.41
CA PHE F 54 15.81 32.24 12.75
C PHE F 54 16.73 33.26 13.45
N ARG F 55 18.00 33.30 13.04
CA ARG F 55 18.99 34.19 13.66
C ARG F 55 19.88 34.75 12.58
N LEU F 56 20.38 35.97 12.77
CA LEU F 56 21.22 36.58 11.76
C LEU F 56 22.54 35.84 11.62
N THR F 57 23.00 35.65 10.38
CA THR F 57 24.34 35.18 10.10
C THR F 57 25.22 36.41 10.04
N GLU F 58 26.53 36.18 10.06
CA GLU F 58 27.53 37.26 9.99
C GLU F 58 27.41 38.01 8.66
N GLU F 59 27.17 37.25 7.59
CA GLU F 59 26.99 37.83 6.26
C GLU F 59 25.75 38.73 6.20
N GLU F 60 24.67 38.28 6.83
CA GLU F 60 23.45 39.11 6.94
C GLU F 60 23.67 40.39 7.74
N LYS F 61 24.37 40.28 8.86
CA LYS F 61 24.71 41.47 9.67
C LYS F 61 25.42 42.51 8.82
N GLN F 62 26.38 42.06 8.03
CA GLN F 62 27.13 42.98 7.19
C GLN F 62 26.23 43.57 6.14
N ARG F 63 25.40 42.74 5.51
CA ARG F 63 24.42 43.24 4.53
C ARG F 63 23.49 44.29 5.13
N LEU F 64 22.96 44.05 6.33
CA LEU F 64 22.00 45.00 6.93
C LEU F 64 22.64 46.30 7.43
N LEU F 65 23.97 46.35 7.46
CA LEU F 65 24.68 47.59 7.80
C LEU F 65 24.81 48.51 6.62
N ASP F 66 24.54 47.99 5.43
CA ASP F 66 24.71 48.79 4.22
C ASP F 66 23.75 49.98 4.25
N PRO F 67 24.26 51.20 3.94
CA PRO F 67 23.39 52.37 3.97
C PRO F 67 22.19 52.33 3.03
N ALA F 68 22.22 51.45 2.03
CA ALA F 68 21.10 51.29 1.10
C ALA F 68 19.87 50.70 1.79
N ILE F 69 20.08 49.98 2.88
CA ILE F 69 19.01 49.28 3.56
C ILE F 69 18.39 50.12 4.66
N GLY F 70 17.05 50.13 4.70
CA GLY F 70 16.30 50.83 5.74
C GLY F 70 15.34 49.98 6.55
N GLY F 71 15.05 48.76 6.09
CA GLY F 71 14.15 47.87 6.81
C GLY F 71 14.21 46.43 6.35
N ILE F 72 13.43 45.59 7.03
CA ILE F 72 13.42 44.17 6.84
C ILE F 72 12.00 43.64 6.90
N ILE F 73 11.67 42.70 6.01
CA ILE F 73 10.41 41.98 6.09
C ILE F 73 10.67 40.60 6.50
N LEU F 74 9.87 40.10 7.44
CA LEU F 74 9.99 38.74 7.91
C LEU F 74 8.90 37.84 7.33
N PHE F 75 9.18 36.54 7.34
CA PHE F 75 8.32 35.50 6.80
C PHE F 75 8.26 34.34 7.76
N ARG F 76 7.45 33.34 7.44
CA ARG F 76 7.30 32.19 8.33
C ARG F 76 8.63 31.47 8.60
N ARG F 77 9.51 31.44 7.61
CA ARG F 77 10.81 30.78 7.75
C ARG F 77 11.68 31.44 8.82
N ASN F 78 11.32 32.66 9.22
CA ASN F 78 12.06 33.38 10.23
C ASN F 78 11.48 33.16 11.63
N PHE F 79 10.49 32.27 11.77
CA PHE F 79 9.76 32.12 13.02
C PHE F 79 9.79 30.72 13.56
N GLN F 80 10.30 30.61 14.78
CA GLN F 80 10.37 29.37 15.54
C GLN F 80 9.38 29.47 16.70
N ASN F 81 9.53 30.52 17.50
CA ASN F 81 8.64 30.78 18.62
C ASN F 81 8.85 32.22 19.03
N ILE F 82 8.05 32.68 19.98
CA ILE F 82 8.06 34.07 20.40
C ILE F 82 9.40 34.54 20.96
N GLU F 83 10.05 33.70 21.75
CA GLU F 83 11.32 34.08 22.37
C GLU F 83 12.45 34.18 21.33
N GLN F 84 12.50 33.22 20.41
CA GLN F 84 13.43 33.34 19.29
C GLN F 84 13.17 34.62 18.45
N LEU F 85 11.90 34.92 18.19
CA LEU F 85 11.54 36.09 17.38
C LEU F 85 12.02 37.39 18.05
N LYS F 86 11.78 37.49 19.35
CA LYS F 86 12.25 38.65 20.14
C LYS F 86 13.76 38.82 20.06
N THR F 87 14.49 37.72 20.13
CA THR F 87 15.95 37.73 19.98
C THR F 87 16.35 38.21 18.59
N LEU F 88 15.65 37.69 17.58
CA LEU F 88 15.90 38.09 16.20
C LEU F 88 15.65 39.57 15.98
N THR F 89 14.51 40.07 16.42
CA THR F 89 14.19 41.48 16.18
C THR F 89 15.14 42.38 16.96
N ALA F 90 15.52 41.96 18.17
CA ALA F 90 16.46 42.74 18.99
C ALA F 90 17.80 42.86 18.31
N GLU F 91 18.33 41.73 17.82
CA GLU F 91 19.64 41.78 17.13
C GLU F 91 19.59 42.56 15.81
N ILE F 92 18.45 42.55 15.12
CA ILE F 92 18.29 43.41 13.94
C ILE F 92 18.35 44.87 14.33
N LYS F 93 17.64 45.22 15.41
CA LYS F 93 17.55 46.62 15.85
C LYS F 93 18.87 47.13 16.40
N ALA F 94 19.64 46.24 17.02
CA ALA F 94 20.94 46.60 17.61
C ALA F 94 22.00 47.01 16.60
N LEU F 95 21.83 46.65 15.32
CA LEU F 95 22.87 46.90 14.32
C LEU F 95 23.13 48.35 14.05
N ARG F 96 22.11 49.20 14.16
CA ARG F 96 22.24 50.58 13.73
C ARG F 96 21.10 51.43 14.23
N THR F 97 21.26 52.74 14.07
CA THR F 97 20.26 53.75 14.45
C THR F 97 20.16 54.78 13.35
N PRO F 98 18.96 55.27 13.02
CA PRO F 98 17.65 54.79 13.49
C PRO F 98 17.48 53.30 13.19
N GLU F 99 16.81 52.60 14.10
CA GLU F 99 16.72 51.15 14.01
C GLU F 99 15.97 50.76 12.74
N LEU F 100 16.48 49.70 12.09
CA LEU F 100 15.82 49.16 10.90
C LEU F 100 14.36 48.85 11.21
N ILE F 101 13.47 49.30 10.33
CA ILE F 101 12.04 49.03 10.47
C ILE F 101 11.78 47.56 10.11
N ILE F 102 10.98 46.87 10.93
CA ILE F 102 10.68 45.46 10.72
C ILE F 102 9.21 45.27 10.45
N ALA F 103 8.89 44.60 9.34
CA ALA F 103 7.50 44.36 8.94
C ALA F 103 7.23 42.88 8.73
N VAL F 104 5.95 42.55 8.68
CA VAL F 104 5.49 41.20 8.40
C VAL F 104 4.08 41.27 7.79
N ASP F 105 3.71 40.22 7.04
CA ASP F 105 2.37 40.08 6.50
C ASP F 105 1.47 39.33 7.50
N HIS F 106 0.85 40.04 8.44
CA HIS F 106 -0.23 39.48 9.25
C HIS F 106 -1.51 40.14 8.83
N GLU F 107 -2.22 39.48 7.91
CA GLU F 107 -3.55 39.95 7.45
C GLU F 107 -4.62 39.21 8.21
N GLY F 108 -4.50 37.89 8.28
CA GLY F 108 -5.50 37.02 8.89
C GLY F 108 -5.77 35.83 7.99
N GLY F 109 -6.33 34.79 8.57
CA GLY F 109 -6.75 33.61 7.81
C GLY F 109 -5.54 32.93 7.22
N ARG F 110 -5.52 32.79 5.91
CA ARG F 110 -4.42 32.08 5.25
C ARG F 110 -3.20 32.95 5.00
N VAL F 111 -3.22 34.20 5.48
CA VAL F 111 -2.04 35.07 5.46
C VAL F 111 -1.74 35.51 6.88
N GLN F 112 -1.00 34.66 7.57
CA GLN F 112 -0.51 34.94 8.89
C GLN F 112 0.78 34.15 9.06
N ARG F 113 1.92 34.84 9.01
CA ARG F 113 3.22 34.16 9.04
C ARG F 113 3.50 33.39 10.33
N PHE F 114 3.16 34.01 11.45
CA PHE F 114 3.53 33.49 12.77
C PHE F 114 2.30 32.90 13.46
N ILE F 115 2.32 31.60 13.71
CA ILE F 115 1.15 30.91 14.21
C ILE F 115 1.29 30.57 15.70
N GLU F 116 2.30 29.76 16.04
CA GLU F 116 2.42 29.25 17.40
C GLU F 116 2.68 30.38 18.40
N GLY F 117 1.85 30.46 19.43
CA GLY F 117 1.97 31.48 20.44
C GLY F 117 1.21 32.74 20.14
N PHE F 118 0.56 32.80 18.98
CA PHE F 118 -0.20 33.97 18.58
C PHE F 118 -1.66 33.58 18.56
N THR F 119 -2.55 34.54 18.76
CA THR F 119 -3.97 34.33 18.50
C THR F 119 -4.12 34.08 17.00
N ARG F 120 -4.86 33.05 16.64
CA ARG F 120 -5.13 32.78 15.23
C ARG F 120 -6.12 33.82 14.74
N LEU F 121 -5.76 34.52 13.66
CA LEU F 121 -6.56 35.62 13.15
C LEU F 121 -7.52 35.13 12.07
N PRO F 122 -8.73 35.68 12.05
CA PRO F 122 -9.66 35.32 11.01
C PRO F 122 -9.30 36.00 9.70
N ALA F 123 -9.72 35.42 8.58
CA ALA F 123 -9.60 36.08 7.29
C ALA F 123 -10.46 37.36 7.33
N MET F 124 -10.04 38.39 6.59
CA MET F 124 -10.78 39.63 6.58
C MET F 124 -12.20 39.50 6.05
N ASN F 125 -12.48 38.54 5.17
CA ASN F 125 -13.84 38.41 4.70
C ASN F 125 -14.83 37.97 5.79
N VAL F 126 -14.31 37.37 6.86
CA VAL F 126 -15.14 37.06 8.02
C VAL F 126 -15.76 38.34 8.59
N LEU F 127 -15.02 39.44 8.58
CA LEU F 127 -15.53 40.71 9.09
C LEU F 127 -16.61 41.26 8.17
N GLY F 128 -16.47 41.05 6.87
CA GLY F 128 -17.51 41.42 5.93
C GLY F 128 -18.75 40.56 6.04
N GLN F 129 -18.58 39.31 6.46
CA GLN F 129 -19.74 38.44 6.71
C GLN F 129 -20.53 38.90 7.94
N ILE F 130 -19.82 39.34 8.98
CA ILE F 130 -20.46 39.95 10.12
C ILE F 130 -21.22 41.20 9.69
N TRP F 131 -20.64 42.01 8.81
CA TRP F 131 -21.28 43.21 8.32
C TRP F 131 -22.62 42.85 7.69
N ASP F 132 -22.62 41.86 6.82
CA ASP F 132 -23.85 41.42 6.16
C ASP F 132 -24.87 40.85 7.11
N LYS F 133 -24.43 40.10 8.13
CA LYS F 133 -25.32 39.33 8.98
C LYS F 133 -25.78 40.10 10.22
N ASP F 134 -24.85 40.72 10.93
CA ASP F 134 -25.15 41.46 12.17
C ASP F 134 -25.08 42.97 12.04
N GLY F 135 -24.76 43.48 10.85
CA GLY F 135 -24.72 44.92 10.62
C GLY F 135 -23.38 45.61 10.86
N ALA F 136 -23.30 46.85 10.40
CA ALA F 136 -22.06 47.61 10.35
C ALA F 136 -21.44 47.83 11.70
N SER F 137 -22.27 48.12 12.67
CA SER F 137 -21.76 48.47 13.97
C SER F 137 -21.07 47.28 14.63
N ALA F 138 -21.68 46.11 14.55
CA ALA F 138 -21.08 44.88 15.09
C ALA F 138 -19.77 44.53 14.37
N ALA F 139 -19.77 44.75 13.06
CA ALA F 139 -18.62 44.43 12.22
C ALA F 139 -17.44 45.38 12.50
N GLU F 140 -17.71 46.68 12.62
CA GLU F 140 -16.66 47.64 12.98
C GLU F 140 -16.04 47.36 14.35
N THR F 141 -16.89 47.01 15.30
CA THR F 141 -16.41 46.65 16.62
C THR F 141 -15.49 45.43 16.54
N ALA F 142 -15.93 44.44 15.76
CA ALA F 142 -15.13 43.23 15.61
C ALA F 142 -13.79 43.54 14.91
N ALA F 143 -13.84 44.36 13.87
CA ALA F 143 -12.61 44.77 13.17
C ALA F 143 -11.61 45.47 14.09
N GLY F 144 -12.10 46.36 14.95
CA GLY F 144 -11.25 47.06 15.90
C GLY F 144 -10.51 46.10 16.83
N GLN F 145 -11.22 45.09 17.27
CA GLN F 145 -10.64 44.10 18.16
C GLN F 145 -9.61 43.26 17.41
N VAL F 146 -9.91 42.88 16.18
CA VAL F 146 -8.95 42.10 15.39
C VAL F 146 -7.67 42.92 15.23
N GLY F 147 -7.81 44.18 14.86
CA GLY F 147 -6.65 45.05 14.68
C GLY F 147 -5.82 45.19 15.94
N ARG F 148 -6.50 45.39 17.05
CA ARG F 148 -5.82 45.52 18.34
C ARG F 148 -5.04 44.28 18.73
N VAL F 149 -5.68 43.12 18.61
CA VAL F 149 -4.99 41.86 18.94
C VAL F 149 -3.81 41.60 17.98
N LEU F 150 -4.07 41.72 16.68
CA LEU F 150 -3.07 41.51 15.64
C LEU F 150 -1.80 42.32 15.93
N ALA F 151 -2.00 43.63 16.11
CA ALA F 151 -0.89 44.53 16.29
C ALA F 151 -0.17 44.34 17.63
N THR F 152 -0.94 44.23 18.70
CA THR F 152 -0.35 44.17 20.04
C THR F 152 0.55 42.96 20.18
N GLU F 153 0.10 41.80 19.71
CA GLU F 153 0.91 40.57 19.83
C GLU F 153 2.21 40.67 19.03
N LEU F 154 2.15 41.33 17.88
CA LEU F 154 3.38 41.55 17.10
C LEU F 154 4.29 42.59 17.75
N SER F 155 3.68 43.64 18.29
CA SER F 155 4.44 44.71 18.96
C SER F 155 5.26 44.18 20.12
N ALA F 156 4.71 43.20 20.83
CA ALA F 156 5.41 42.52 21.89
C ALA F 156 6.68 41.80 21.43
N CYS F 157 6.77 41.48 20.14
CA CYS F 157 7.94 40.76 19.62
C CYS F 157 8.94 41.66 18.91
N GLY F 158 8.69 42.98 18.92
CA GLY F 158 9.62 43.93 18.33
C GLY F 158 9.36 44.25 16.88
N ILE F 159 8.17 43.93 16.40
CA ILE F 159 7.78 44.18 15.01
C ILE F 159 7.23 45.59 14.97
N ASP F 160 7.51 46.34 13.92
CA ASP F 160 6.97 47.69 13.77
C ASP F 160 5.58 47.75 13.14
N LEU F 161 5.37 46.95 12.10
CA LEU F 161 4.23 47.12 11.20
C LEU F 161 3.82 45.77 10.61
N SER F 162 2.51 45.53 10.53
CA SER F 162 1.98 44.50 9.64
C SER F 162 1.52 45.12 8.33
N PHE F 163 1.80 44.46 7.21
CA PHE F 163 1.35 44.94 5.91
C PHE F 163 -0.14 44.57 5.73
N THR F 164 -0.99 45.39 6.34
CA THR F 164 -2.43 45.18 6.33
C THR F 164 -3.05 46.57 6.58
N PRO F 165 -4.27 46.82 6.07
CA PRO F 165 -5.20 45.91 5.43
C PRO F 165 -5.23 45.92 3.92
N VAL F 166 -5.71 44.79 3.40
CA VAL F 166 -6.14 44.69 2.03
C VAL F 166 -7.40 45.56 1.86
N LEU F 167 -7.35 46.45 0.88
CA LEU F 167 -8.45 47.33 0.52
C LEU F 167 -9.07 46.97 -0.84
N ASP F 168 -8.58 45.91 -1.44
CA ASP F 168 -9.14 45.39 -2.68
C ASP F 168 -10.59 44.98 -2.46
N LEU F 169 -11.42 45.20 -3.46
CA LEU F 169 -12.84 44.85 -3.36
C LEU F 169 -13.05 43.41 -3.85
N ASP F 170 -13.93 42.68 -3.20
CA ASP F 170 -14.25 41.34 -3.62
C ASP F 170 -15.28 41.34 -4.75
N TRP F 171 -14.79 41.55 -5.96
CA TRP F 171 -15.63 41.48 -7.13
C TRP F 171 -15.95 40.02 -7.49
N GLY F 172 -15.38 39.04 -6.78
CA GLY F 172 -15.62 37.63 -7.09
C GLY F 172 -14.79 37.15 -8.26
N ASN F 173 -13.72 37.88 -8.57
CA ASN F 173 -12.91 37.59 -9.73
C ASN F 173 -11.49 37.05 -9.46
N CYS F 174 -10.90 37.45 -8.35
CA CYS F 174 -9.44 37.33 -8.17
C CYS F 174 -9.07 36.34 -7.07
N ALA F 175 -8.58 35.16 -7.45
CA ALA F 175 -8.30 34.09 -6.49
C ALA F 175 -7.15 34.44 -5.57
N VAL F 176 -6.16 35.13 -6.09
CA VAL F 176 -4.98 35.46 -5.24
C VAL F 176 -5.28 36.48 -4.12
N ILE F 177 -6.28 37.34 -4.34
CA ILE F 177 -6.88 38.10 -3.23
C ILE F 177 -7.83 37.19 -2.45
N GLY F 178 -8.82 36.63 -3.14
CA GLY F 178 -9.73 35.71 -2.50
C GLY F 178 -10.38 36.26 -1.24
N ASN F 179 -10.30 35.50 -0.15
CA ASN F 179 -10.89 35.89 1.13
C ASN F 179 -10.10 36.91 1.94
N ARG F 180 -9.02 37.39 1.33
CA ARG F 180 -8.24 38.43 1.95
C ARG F 180 -8.94 39.79 1.88
N SER F 181 -9.94 39.91 1.01
CA SER F 181 -10.75 41.13 0.90
C SER F 181 -11.88 41.11 1.93
N PHE F 182 -12.14 42.27 2.52
CA PHE F 182 -13.24 42.40 3.48
C PHE F 182 -14.59 42.08 2.87
N HIS F 183 -14.84 42.59 1.66
CA HIS F 183 -16.21 42.71 1.16
C HIS F 183 -16.22 43.19 -0.27
N ARG F 184 -17.34 42.98 -0.96
CA ARG F 184 -17.53 43.50 -2.31
C ARG F 184 -17.71 45.04 -2.35
N ASN F 185 -18.31 45.60 -1.32
CA ASN F 185 -18.87 46.93 -1.36
C ASN F 185 -17.85 47.93 -0.84
N PRO F 186 -17.52 48.93 -1.63
CA PRO F 186 -16.47 49.87 -1.22
C PRO F 186 -16.73 50.55 0.12
N GLU F 187 -17.98 50.82 0.45
CA GLU F 187 -18.30 51.45 1.72
C GLU F 187 -17.95 50.49 2.84
N ALA F 188 -18.32 49.22 2.69
CA ALA F 188 -18.01 48.24 3.72
C ALA F 188 -16.50 48.09 3.89
N VAL F 189 -15.78 48.05 2.78
CA VAL F 189 -14.35 47.88 2.84
C VAL F 189 -13.72 49.08 3.55
N ALA F 190 -14.10 50.29 3.14
CA ALA F 190 -13.55 51.51 3.75
C ALA F 190 -13.78 51.52 5.24
N ARG F 191 -15.01 51.25 5.64
CA ARG F 191 -15.34 51.38 7.04
C ARG F 191 -14.71 50.29 7.87
N LEU F 192 -14.68 49.05 7.37
CA LEU F 192 -14.02 47.98 8.11
C LEU F 192 -12.54 48.25 8.21
N ALA F 193 -11.95 48.75 7.13
CA ALA F 193 -10.52 49.08 7.11
C ALA F 193 -10.18 50.16 8.15
N LEU F 194 -10.98 51.22 8.19
CA LEU F 194 -10.78 52.31 9.18
C LEU F 194 -10.88 51.80 10.59
N ALA F 195 -11.84 50.93 10.85
CA ALA F 195 -12.00 50.34 12.17
C ALA F 195 -10.83 49.44 12.51
N LEU F 196 -10.37 48.65 11.54
CA LEU F 196 -9.17 47.83 11.77
C LEU F 196 -7.98 48.72 12.07
N GLN F 197 -7.85 49.80 11.31
CA GLN F 197 -6.73 50.73 11.47
C GLN F 197 -6.65 51.32 12.88
N LYS F 198 -7.80 51.70 13.44
CA LYS F 198 -7.86 52.21 14.81
C LYS F 198 -7.40 51.15 15.77
N GLY F 199 -7.82 49.93 15.53
CA GLY F 199 -7.39 48.80 16.35
C GLY F 199 -5.88 48.62 16.30
N LEU F 200 -5.34 48.66 15.08
CA LEU F 200 -3.90 48.53 14.90
C LEU F 200 -3.13 49.60 15.70
N ALA F 201 -3.59 50.85 15.61
CA ALA F 201 -2.97 51.98 16.31
C ALA F 201 -2.99 51.77 17.82
N LYS F 202 -4.06 51.20 18.35
CA LYS F 202 -4.07 50.82 19.77
C LYS F 202 -2.96 49.83 20.11
N GLY F 203 -2.68 48.92 19.19
CA GLY F 203 -1.57 47.99 19.36
C GLY F 203 -0.20 48.52 18.97
N GLY F 204 -0.11 49.81 18.66
CA GLY F 204 1.18 50.46 18.38
C GLY F 204 1.54 50.65 16.92
N MET F 205 0.65 50.23 16.01
CA MET F 205 1.03 50.13 14.60
C MET F 205 0.24 51.01 13.66
N LYS F 206 0.90 51.45 12.61
CA LYS F 206 0.26 52.08 11.47
C LYS F 206 -0.28 51.03 10.50
N SER F 207 -0.87 51.47 9.40
CA SER F 207 -1.45 50.60 8.42
C SER F 207 -0.77 50.71 7.07
N CYS F 208 -0.92 49.66 6.26
CA CYS F 208 -0.44 49.66 4.90
C CYS F 208 -1.53 49.09 4.00
N GLY F 209 -2.13 49.95 3.19
CA GLY F 209 -3.20 49.56 2.27
C GLY F 209 -2.68 48.82 1.05
N LYS F 210 -3.37 47.75 0.66
CA LYS F 210 -2.96 46.94 -0.50
C LYS F 210 -4.19 46.61 -1.34
N HIS F 211 -4.13 46.54 -2.67
CA HIS F 211 -2.96 46.82 -3.51
C HIS F 211 -3.36 47.92 -4.46
N PHE F 212 -2.80 49.11 -4.26
CA PHE F 212 -3.20 50.31 -4.98
C PHE F 212 -3.01 50.18 -6.47
N PRO F 213 -4.01 50.58 -7.29
CA PRO F 213 -5.27 51.23 -7.00
C PRO F 213 -6.48 50.27 -6.88
N GLY F 214 -6.23 48.96 -6.78
CA GLY F 214 -7.31 48.00 -6.59
C GLY F 214 -7.08 46.74 -7.41
N HIS F 215 -6.87 45.64 -6.71
CA HIS F 215 -6.53 44.35 -7.33
C HIS F 215 -7.76 43.44 -7.47
N GLY F 216 -8.92 43.88 -6.99
CA GLY F 216 -10.07 43.00 -6.87
C GLY F 216 -10.80 42.59 -8.12
N PHE F 217 -10.66 43.35 -9.20
CA PHE F 217 -11.45 43.12 -10.39
C PHE F 217 -10.82 42.14 -11.38
N VAL F 218 -9.50 42.14 -11.45
CA VAL F 218 -8.82 41.25 -12.38
C VAL F 218 -9.02 39.81 -11.94
N GLU F 219 -8.82 38.89 -12.88
CA GLU F 219 -8.66 37.51 -12.54
C GLU F 219 -7.18 37.27 -12.27
N GLY F 220 -6.89 36.43 -11.30
CA GLY F 220 -5.51 36.24 -10.86
C GLY F 220 -5.40 34.90 -10.19
N ASP F 221 -5.02 33.90 -10.97
CA ASP F 221 -4.88 32.55 -10.46
C ASP F 221 -3.72 31.94 -11.23
N SER F 222 -2.50 32.43 -11.02
CA SER F 222 -2.02 32.99 -9.71
C SER F 222 -1.04 34.18 -9.86
N HIS F 223 0.26 33.93 -9.67
CA HIS F 223 1.25 34.99 -9.40
C HIS F 223 1.92 35.74 -10.58
N LEU F 224 2.42 35.00 -11.57
CA LEU F 224 3.48 35.50 -12.45
C LEU F 224 2.94 35.95 -13.82
N VAL F 225 1.62 36.00 -13.98
CA VAL F 225 1.02 36.74 -15.10
C VAL F 225 0.90 38.19 -14.64
N LEU F 226 0.88 39.09 -15.63
CA LEU F 226 0.57 40.49 -15.41
C LEU F 226 -0.88 40.77 -15.83
N PRO F 227 -1.83 40.77 -14.87
CA PRO F 227 -3.23 40.88 -15.27
C PRO F 227 -3.56 42.27 -15.78
N GLU F 228 -4.67 42.36 -16.52
CA GLU F 228 -5.11 43.58 -17.13
C GLU F 228 -6.52 43.93 -16.67
N ASP F 229 -6.67 45.14 -16.13
CA ASP F 229 -7.96 45.65 -15.67
C ASP F 229 -8.34 46.70 -16.70
N GLY F 230 -9.33 46.39 -17.54
CA GLY F 230 -9.70 47.24 -18.66
C GLY F 230 -10.63 48.41 -18.33
N ARG F 231 -10.92 48.64 -17.04
CA ARG F 231 -11.89 49.65 -16.68
C ARG F 231 -11.32 51.08 -16.74
N SER F 232 -12.23 52.04 -16.74
CA SER F 232 -11.88 53.45 -16.83
C SER F 232 -11.57 53.97 -15.46
N LEU F 233 -10.85 55.09 -15.41
CA LEU F 233 -10.56 55.74 -14.15
C LEU F 233 -11.83 56.10 -13.37
N ASP F 234 -12.86 56.55 -14.06
CA ASP F 234 -14.13 56.88 -13.40
C ASP F 234 -14.72 55.66 -12.70
N GLU F 235 -14.67 54.52 -13.35
CA GLU F 235 -15.17 53.29 -12.74
C GLU F 235 -14.41 52.96 -11.47
N LEU F 236 -13.08 53.15 -11.50
CA LEU F 236 -12.28 52.93 -10.31
C LEU F 236 -12.52 53.96 -9.23
N GLU F 237 -12.70 55.22 -9.61
CA GLU F 237 -13.01 56.26 -8.61
C GLU F 237 -14.32 55.97 -7.94
N ALA F 238 -15.27 55.43 -8.68
CA ALA F 238 -16.60 55.12 -8.12
C ALA F 238 -16.57 53.96 -7.13
N ALA F 239 -15.53 53.14 -7.16
CA ALA F 239 -15.49 51.96 -6.31
C ALA F 239 -14.09 51.69 -5.72
N ASP F 240 -13.21 51.08 -6.51
CA ASP F 240 -12.00 50.48 -5.95
C ASP F 240 -11.07 51.50 -5.27
N LEU F 241 -11.00 52.72 -5.82
CA LEU F 241 -10.13 53.77 -5.27
C LEU F 241 -10.65 54.38 -3.98
N ALA F 242 -11.95 54.29 -3.75
CA ALA F 242 -12.54 55.04 -2.64
C ALA F 242 -11.94 54.66 -1.30
N PRO F 243 -11.75 53.34 -1.04
CA PRO F 243 -11.13 52.98 0.25
C PRO F 243 -9.69 53.51 0.43
N PHE F 244 -8.94 53.58 -0.66
CA PHE F 244 -7.60 54.15 -0.60
C PHE F 244 -7.64 55.65 -0.26
N ARG F 245 -8.52 56.40 -0.91
CA ARG F 245 -8.70 57.84 -0.60
C ARG F 245 -9.01 58.06 0.85
N ILE F 246 -9.99 57.31 1.33
CA ILE F 246 -10.47 57.48 2.68
C ILE F 246 -9.39 57.10 3.71
N MET F 247 -8.71 55.97 3.49
CA MET F 247 -7.64 55.55 4.38
C MET F 247 -6.46 56.53 4.37
N SER F 248 -6.14 57.04 3.18
CA SER F 248 -5.13 58.08 3.05
C SER F 248 -5.48 59.30 3.92
N ARG F 249 -6.70 59.79 3.76
CA ARG F 249 -7.17 60.92 4.54
C ARG F 249 -7.03 60.66 6.03
N GLU F 250 -7.29 59.42 6.45
CA GLU F 250 -7.29 59.07 7.86
C GLU F 250 -5.96 58.52 8.39
N GLY F 251 -4.86 58.75 7.68
CA GLY F 251 -3.52 58.56 8.26
C GLY F 251 -2.79 57.29 7.90
N MET F 252 -3.26 56.57 6.88
CA MET F 252 -2.59 55.35 6.42
C MET F 252 -1.12 55.64 6.14
N ALA F 253 -0.22 54.79 6.65
CA ALA F 253 1.22 55.05 6.58
C ALA F 253 1.86 54.66 5.27
N ALA F 254 1.27 53.66 4.61
CA ALA F 254 1.91 53.11 3.42
C ALA F 254 0.93 52.44 2.52
N VAL F 255 1.40 52.20 1.30
CA VAL F 255 0.65 51.56 0.28
C VAL F 255 1.56 50.58 -0.42
N MET F 256 1.01 49.46 -0.82
CA MET F 256 1.64 48.57 -1.75
C MET F 256 0.86 48.56 -3.07
N PRO F 257 1.57 48.63 -4.22
CA PRO F 257 0.87 48.76 -5.48
C PRO F 257 0.51 47.41 -6.04
N ALA F 258 -0.53 47.41 -6.88
CA ALA F 258 -0.93 46.20 -7.58
C ALA F 258 -0.02 45.98 -8.77
N HIS F 259 0.37 44.73 -8.97
CA HIS F 259 1.08 44.34 -10.18
C HIS F 259 0.00 44.06 -11.22
N VAL F 260 -0.57 45.15 -11.72
CA VAL F 260 -1.70 45.10 -12.63
C VAL F 260 -1.58 46.29 -13.56
N VAL F 261 -1.91 46.07 -14.84
CA VAL F 261 -1.95 47.15 -15.82
C VAL F 261 -3.38 47.59 -15.99
N TYR F 262 -3.58 48.90 -16.01
CA TYR F 262 -4.89 49.50 -16.21
C TYR F 262 -4.80 50.35 -17.49
N PRO F 263 -4.94 49.73 -18.67
CA PRO F 263 -4.58 50.38 -19.93
C PRO F 263 -5.29 51.70 -20.23
N GLN F 264 -6.52 51.88 -19.76
CA GLN F 264 -7.18 53.16 -19.95
C GLN F 264 -6.53 54.31 -19.21
N VAL F 265 -5.67 54.02 -18.22
CA VAL F 265 -4.96 55.04 -17.47
C VAL F 265 -3.48 55.07 -17.81
N ASP F 266 -2.87 53.90 -17.96
CA ASP F 266 -1.46 53.83 -18.29
C ASP F 266 -1.13 52.43 -18.78
N THR F 267 -0.16 52.36 -19.67
CA THR F 267 0.28 51.08 -20.23
C THR F 267 1.22 50.35 -19.27
N LYS F 268 1.71 51.05 -18.25
CA LYS F 268 2.61 50.46 -17.27
C LYS F 268 1.88 49.97 -16.04
N PRO F 269 2.39 48.90 -15.38
CA PRO F 269 1.80 48.43 -14.13
C PRO F 269 1.88 49.53 -13.11
N ALA F 270 0.93 49.55 -12.20
CA ALA F 270 0.79 50.66 -11.27
C ALA F 270 2.06 50.98 -10.53
N GLY F 271 2.80 49.95 -10.12
CA GLY F 271 4.02 50.15 -9.35
C GLY F 271 5.18 50.80 -10.10
N PHE F 272 5.04 50.91 -11.43
CA PHE F 272 6.04 51.53 -12.26
C PHE F 272 5.45 52.71 -13.03
N SER F 273 4.34 53.25 -12.53
CA SER F 273 3.61 54.26 -13.29
C SER F 273 3.60 55.63 -12.58
N GLU F 274 4.25 56.61 -13.18
CA GLU F 274 4.23 58.00 -12.71
C GLU F 274 2.81 58.52 -12.62
N ILE F 275 1.99 58.13 -13.59
CA ILE F 275 0.58 58.55 -13.60
C ILE F 275 -0.13 58.04 -12.35
N TRP F 276 -0.05 56.73 -12.08
CA TRP F 276 -0.70 56.18 -10.89
C TRP F 276 -0.12 56.73 -9.60
N LEU F 277 1.20 56.78 -9.50
CA LEU F 277 1.84 57.08 -8.22
C LEU F 277 2.01 58.57 -7.95
N LYS F 278 2.37 59.35 -8.96
CA LYS F 278 2.61 60.78 -8.74
C LYS F 278 1.37 61.60 -9.01
N GLN F 279 0.80 61.42 -10.19
CA GLN F 279 -0.38 62.23 -10.57
C GLN F 279 -1.61 61.85 -9.78
N ILE F 280 -1.90 60.56 -9.66
CA ILE F 280 -3.12 60.16 -8.98
C ILE F 280 -2.93 60.05 -7.45
N LEU F 281 -2.01 59.19 -7.00
CA LEU F 281 -1.85 58.96 -5.57
C LEU F 281 -1.28 60.17 -4.79
N ARG F 282 -0.18 60.76 -5.26
CA ARG F 282 0.39 61.93 -4.58
C ARG F 282 -0.46 63.19 -4.81
N ARG F 283 -0.61 63.59 -6.07
CA ARG F 283 -1.24 64.87 -6.41
C ARG F 283 -2.74 64.90 -6.15
N ASP F 284 -3.44 63.99 -6.78
CA ASP F 284 -4.90 63.99 -6.71
C ASP F 284 -5.42 63.53 -5.33
N ILE F 285 -4.84 62.46 -4.80
CA ILE F 285 -5.33 61.90 -3.52
C ILE F 285 -4.70 62.60 -2.32
N GLY F 286 -3.50 63.12 -2.48
CA GLY F 286 -2.81 63.82 -1.39
C GLY F 286 -2.05 62.92 -0.42
N PHE F 287 -1.75 61.69 -0.82
CA PHE F 287 -1.10 60.72 0.05
C PHE F 287 0.34 61.12 0.34
N LYS F 288 0.72 61.16 1.62
CA LYS F 288 2.09 61.55 2.03
C LYS F 288 2.94 60.44 2.59
N GLY F 289 2.42 59.23 2.63
CA GLY F 289 3.13 58.12 3.24
C GLY F 289 4.06 57.40 2.28
N VAL F 290 4.46 56.21 2.69
CA VAL F 290 5.35 55.38 1.91
C VAL F 290 4.62 54.75 0.74
N ILE F 291 5.23 54.86 -0.44
CA ILE F 291 4.86 54.01 -1.54
C ILE F 291 5.96 52.94 -1.69
N PHE F 292 5.62 51.70 -1.35
CA PHE F 292 6.51 50.58 -1.57
C PHE F 292 6.48 50.19 -3.02
N SER F 293 7.55 49.58 -3.51
CA SER F 293 7.57 49.07 -4.87
C SER F 293 6.91 47.70 -4.93
N ASP F 294 6.76 47.29 -6.17
CA ASP F 294 6.46 45.91 -6.58
C ASP F 294 7.68 45.04 -6.25
N ASP F 295 7.49 43.75 -6.41
CA ASP F 295 8.58 42.83 -6.08
C ASP F 295 9.61 43.01 -7.14
N LEU F 296 10.79 43.46 -6.80
CA LEU F 296 11.61 43.68 -7.94
C LEU F 296 12.31 42.40 -8.40
N THR F 297 12.27 41.33 -7.58
CA THR F 297 12.83 40.03 -7.97
C THR F 297 12.31 39.39 -9.31
N MET F 298 11.12 39.77 -9.79
CA MET F 298 10.71 39.44 -11.16
C MET F 298 10.56 40.69 -12.01
N ALA F 304 16.22 44.75 -20.46
CA ALA F 304 17.57 45.29 -20.36
C ALA F 304 17.82 45.93 -18.98
N GLY F 305 18.99 45.66 -18.42
CA GLY F 305 19.32 46.14 -17.08
C GLY F 305 18.79 45.18 -16.03
N GLY F 306 19.52 45.02 -14.95
CA GLY F 306 19.15 44.05 -13.92
C GLY F 306 18.35 44.72 -12.80
N ILE F 307 18.67 44.31 -11.58
CA ILE F 307 18.01 44.81 -10.39
C ILE F 307 18.22 46.32 -10.25
N LYS F 308 19.42 46.82 -10.56
CA LYS F 308 19.72 48.25 -10.45
C LYS F 308 18.80 49.06 -11.33
N GLU F 309 18.59 48.60 -12.56
CA GLU F 309 17.71 49.29 -13.49
C GLU F 309 16.24 49.21 -13.04
N ARG F 310 15.83 48.03 -12.56
CA ARG F 310 14.47 47.83 -12.08
C ARG F 310 14.18 48.76 -10.88
N ALA F 311 15.13 48.87 -9.95
CA ALA F 311 15.01 49.80 -8.82
C ALA F 311 14.95 51.24 -9.30
N ARG F 312 15.82 51.59 -10.24
CA ARG F 312 15.86 52.95 -10.79
C ARG F 312 14.50 53.38 -11.35
N ILE F 313 13.88 52.51 -12.15
CA ILE F 313 12.58 52.87 -12.75
C ILE F 313 11.49 52.93 -11.67
N SER F 314 11.62 52.13 -10.61
CA SER F 314 10.68 52.18 -9.49
C SER F 314 10.75 53.53 -8.78
N PHE F 315 11.95 53.95 -8.40
CA PHE F 315 12.14 55.25 -7.75
C PHE F 315 11.66 56.40 -8.64
N GLU F 316 12.03 56.34 -9.91
CA GLU F 316 11.62 57.35 -10.88
C GLU F 316 10.08 57.40 -11.04
N ALA F 317 9.41 56.26 -10.95
CA ALA F 317 7.94 56.22 -11.02
C ALA F 317 7.26 56.85 -9.80
N GLY F 318 7.96 56.89 -8.66
CA GLY F 318 7.40 57.48 -7.43
C GLY F 318 7.49 56.64 -6.16
N CYS F 319 8.04 55.42 -6.23
CA CYS F 319 8.23 54.61 -5.01
C CYS F 319 9.28 55.22 -4.10
N ASP F 320 9.05 55.14 -2.79
CA ASP F 320 10.03 55.54 -1.78
C ASP F 320 11.00 54.43 -1.46
N ILE F 321 10.48 53.21 -1.36
CA ILE F 321 11.22 52.09 -0.81
C ILE F 321 11.00 50.88 -1.70
N VAL F 322 12.08 50.23 -2.11
CA VAL F 322 11.95 49.05 -2.96
C VAL F 322 12.11 47.78 -2.14
N LEU F 323 11.27 46.80 -2.46
CA LEU F 323 11.26 45.51 -1.77
C LEU F 323 12.01 44.52 -2.63
N VAL F 324 12.95 43.84 -2.00
CA VAL F 324 13.72 42.82 -2.67
C VAL F 324 13.71 41.62 -1.71
N CYS F 325 12.83 40.66 -1.94
CA CYS F 325 12.68 39.51 -1.05
C CYS F 325 13.24 38.21 -1.64
N ASN F 326 13.67 37.33 -0.74
CA ASN F 326 14.17 35.98 -1.07
C ASN F 326 15.38 35.96 -1.99
N ARG F 327 16.08 37.08 -2.12
CA ARG F 327 17.16 37.19 -3.09
C ARG F 327 18.28 38.06 -2.55
N PRO F 328 18.97 37.57 -1.51
CA PRO F 328 20.08 38.35 -0.98
C PRO F 328 21.19 38.63 -2.01
N ASP F 329 21.30 37.78 -3.05
CA ASP F 329 22.23 38.02 -4.15
C ASP F 329 21.87 39.30 -4.90
N LEU F 330 20.59 39.53 -5.14
CA LEU F 330 20.15 40.73 -5.83
C LEU F 330 20.26 41.96 -4.95
N VAL F 331 20.10 41.77 -3.64
CA VAL F 331 20.31 42.86 -2.71
C VAL F 331 21.79 43.23 -2.72
N ASP F 332 22.67 42.23 -2.71
CA ASP F 332 24.12 42.48 -2.76
C ASP F 332 24.51 43.19 -4.03
N GLU F 333 23.95 42.75 -5.14
CA GLU F 333 24.18 43.39 -6.43
C GLU F 333 23.68 44.83 -6.42
N LEU F 334 22.47 45.04 -5.94
CA LEU F 334 21.89 46.38 -5.92
C LEU F 334 22.70 47.34 -5.07
N ARG F 335 23.06 46.91 -3.87
CA ARG F 335 23.69 47.81 -2.91
C ARG F 335 25.13 48.19 -3.29
N ASP F 336 25.80 47.35 -4.08
CA ASP F 336 27.19 47.60 -4.48
C ASP F 336 27.31 48.80 -5.42
N GLY F 337 27.88 49.89 -4.93
CA GLY F 337 27.99 51.14 -5.69
C GLY F 337 26.68 51.88 -5.83
N PHE F 338 25.74 51.60 -4.93
CA PHE F 338 24.40 52.16 -5.00
C PHE F 338 24.40 53.61 -4.58
N THR F 339 23.82 54.45 -5.40
CA THR F 339 23.60 55.82 -5.03
C THR F 339 22.17 56.03 -4.52
N ILE F 340 22.06 56.53 -3.29
CA ILE F 340 20.77 56.76 -2.66
C ILE F 340 20.06 57.93 -3.35
N PRO F 341 18.88 57.67 -3.95
CA PRO F 341 18.19 58.78 -4.62
C PRO F 341 17.79 59.86 -3.64
N ASP F 342 17.83 61.10 -4.10
CA ASP F 342 17.47 62.20 -3.25
C ASP F 342 15.98 62.12 -2.94
N ASN F 343 15.65 61.98 -1.66
CA ASN F 343 14.28 61.91 -1.20
C ASN F 343 14.25 62.47 0.19
N GLN F 344 14.00 63.77 0.28
CA GLN F 344 13.96 64.48 1.56
C GLN F 344 12.86 64.02 2.50
N ASP F 345 11.86 63.34 1.96
CA ASP F 345 10.75 62.83 2.75
C ASP F 345 10.98 61.42 3.34
N LEU F 346 12.01 60.73 2.89
CA LEU F 346 12.16 59.31 3.21
C LEU F 346 12.27 59.09 4.70
N ALA F 347 13.12 59.87 5.37
CA ALA F 347 13.36 59.67 6.79
C ALA F 347 12.09 59.76 7.60
N GLY F 348 11.26 60.74 7.30
CA GLY F 348 10.00 60.95 8.00
C GLY F 348 8.99 59.88 7.65
N ARG F 349 8.98 59.46 6.39
CA ARG F 349 8.10 58.37 5.94
C ARG F 349 8.43 57.02 6.61
N TRP F 350 9.72 56.68 6.76
CA TRP F 350 10.11 55.53 7.57
C TRP F 350 9.70 55.73 9.03
N GLN F 351 9.98 56.91 9.57
CA GLN F 351 9.81 57.14 11.00
C GLN F 351 8.35 57.07 11.41
N TYR F 352 7.48 57.55 10.58
CA TYR F 352 6.03 57.44 10.82
C TYR F 352 5.59 55.99 11.06
N MET F 353 6.30 55.03 10.46
CA MET F 353 5.97 53.61 10.61
C MET F 353 6.58 52.93 11.84
N GLU F 354 7.44 53.63 12.60
CA GLU F 354 8.00 53.05 13.82
C GLU F 354 6.88 52.70 14.79
N ASN F 355 7.05 51.59 15.51
CA ASN F 355 6.06 51.19 16.51
C ASN F 355 5.98 52.25 17.58
N SER F 356 4.77 52.59 18.01
CA SER F 356 4.56 53.66 18.98
C SER F 356 4.51 53.16 20.43
N LEU F 357 4.48 51.84 20.65
CA LEU F 357 4.47 51.27 22.00
C LEU F 357 5.84 50.73 22.41
N GLY F 358 6.26 51.09 23.62
CA GLY F 358 7.44 50.50 24.23
C GLY F 358 7.13 49.10 24.73
N HIS F 359 8.18 48.29 24.89
CA HIS F 359 8.07 46.90 25.28
C HIS F 359 7.32 46.70 26.59
N GLU F 360 7.63 47.54 27.57
CA GLU F 360 7.00 47.45 28.89
C GLU F 360 5.51 47.77 28.80
N ALA F 361 5.18 48.82 28.04
CA ALA F 361 3.78 49.18 27.81
C ALA F 361 2.99 48.03 27.21
N VAL F 362 3.60 47.29 26.27
CA VAL F 362 2.93 46.16 25.62
C VAL F 362 2.72 45.00 26.60
N GLN F 363 3.73 44.67 27.39
CA GLN F 363 3.58 43.61 28.40
C GLN F 363 2.46 43.95 29.38
N ALA F 364 2.39 45.21 29.80
CA ALA F 364 1.36 45.66 30.72
C ALA F 364 -0.03 45.42 30.13
N VAL F 365 -0.25 45.90 28.90
CA VAL F 365 -1.55 45.78 28.26
C VAL F 365 -1.96 44.33 28.10
N MET F 366 -1.00 43.47 27.81
CA MET F 366 -1.32 42.07 27.54
C MET F 366 -1.73 41.29 28.79
N GLN F 367 -1.37 41.79 29.96
CA GLN F 367 -1.83 41.22 31.23
C GLN F 367 -3.26 41.65 31.61
N THR F 368 -3.79 42.72 30.99
CA THR F 368 -5.12 43.21 31.35
C THR F 368 -6.20 42.22 30.93
N MET F 369 -7.30 42.22 31.67
CA MET F 369 -8.46 41.34 31.39
C MET F 369 -9.16 41.80 30.08
N GLY F 370 -9.18 43.10 29.84
CA GLY F 370 -9.70 43.66 28.58
C GLY F 370 -9.04 43.10 27.32
N PHE F 371 -7.71 43.09 27.32
CA PHE F 371 -6.97 42.58 26.18
C PHE F 371 -7.12 41.08 26.06
N GLN F 372 -7.07 40.38 27.18
CA GLN F 372 -7.24 38.93 27.16
C GLN F 372 -8.61 38.53 26.64
N ALA F 373 -9.62 39.34 26.94
CA ALA F 373 -10.96 39.12 26.38
C ALA F 373 -10.98 39.35 24.87
N ALA F 374 -10.30 40.42 24.42
CA ALA F 374 -10.18 40.69 22.99
C ALA F 374 -9.55 39.50 22.29
N GLN F 375 -8.48 38.97 22.87
CA GLN F 375 -7.83 37.79 22.33
C GLN F 375 -8.83 36.66 22.12
N ALA F 376 -9.62 36.36 23.14
CA ALA F 376 -10.54 35.21 23.08
C ALA F 376 -11.66 35.45 22.06
N PHE F 377 -12.14 36.69 21.97
CA PHE F 377 -13.11 37.05 20.96
C PHE F 377 -12.56 36.83 19.53
N VAL F 378 -11.33 37.27 19.30
CA VAL F 378 -10.71 37.15 17.97
C VAL F 378 -10.44 35.68 17.66
N ALA F 379 -9.91 34.94 18.62
CA ALA F 379 -9.75 33.49 18.49
C ALA F 379 -11.04 32.80 18.07
N GLY F 380 -12.16 33.25 18.63
CA GLY F 380 -13.47 32.69 18.31
C GLY F 380 -13.93 32.97 16.89
N LEU F 381 -13.58 34.14 16.35
CA LEU F 381 -13.86 34.42 14.94
C LEU F 381 -13.09 33.48 14.02
N ALA F 382 -11.86 33.14 14.42
CA ALA F 382 -11.03 32.23 13.63
C ALA F 382 -11.41 30.73 13.73
N SER F 383 -12.23 30.34 14.75
CA SER F 383 -12.70 28.95 15.17
C SER F 383 -11.87 27.71 14.74
C1 NAG G . 7.37 -21.93 -22.79
C2 NAG G . 8.73 -21.44 -23.22
C3 NAG G . 8.62 -20.30 -24.27
C4 NAG G . 7.65 -20.73 -25.36
C5 NAG G . 6.33 -21.19 -24.75
C6 NAG G . 5.27 -21.57 -25.78
C7 NAG G . 10.83 -21.47 -21.90
C8 NAG G . 11.46 -22.20 -23.02
N2 NAG G . 9.53 -21.22 -22.02
O1 NAG G . 7.59 -23.13 -22.08
O3 NAG G . 9.85 -20.06 -24.91
O4 NAG G . 7.44 -19.74 -26.37
O5 NAG G . 6.62 -22.28 -23.92
O6 NAG G . 5.66 -22.68 -26.54
O7 NAG G . 11.53 -21.13 -20.93
C1 NAG H . -2.51 28.17 -13.50
C2 NAG H . -3.45 27.88 -12.32
C3 NAG H . -4.37 26.71 -12.66
C4 NAG H . -5.03 26.93 -14.02
C5 NAG H . -3.99 27.17 -15.11
C6 NAG H . -4.64 27.38 -16.51
C7 NAG H . -2.86 28.19 -9.87
C8 NAG H . -4.11 28.99 -9.74
N2 NAG H . -2.67 27.71 -11.12
O1 NAG H . -2.01 29.47 -13.36
O3 NAG H . -5.40 26.68 -11.69
O4 NAG H . -5.85 25.88 -14.44
O5 NAG H . -3.16 28.26 -14.75
O6 NAG H . -5.29 28.61 -16.62
O7 NAG H . -2.10 28.02 -8.90
C1 NAG I . 16.66 -33.49 -13.74
C2 NAG I . 17.72 -33.30 -14.83
C3 NAG I . 18.89 -34.23 -14.60
C4 NAG I . 19.39 -34.11 -13.16
C5 NAG I . 18.29 -34.43 -12.17
C6 NAG I . 18.74 -34.14 -10.73
C7 NAG I . 17.42 -32.83 -17.27
C8 NAG I . 18.21 -31.61 -17.08
N2 NAG I . 17.23 -33.55 -16.16
O1 NAG I . 15.83 -32.35 -13.64
O3 NAG I . 19.90 -33.92 -15.53
O4 NAG I . 20.50 -34.94 -12.93
O5 NAG I . 17.18 -33.61 -12.43
O6 NAG I . 19.03 -32.77 -10.50
O7 NAG I . 16.93 -33.10 -18.39
C1 NAG J . -19.29 -1.40 27.11
C2 NAG J . -18.17 -1.16 28.14
C3 NAG J . -18.81 -1.57 29.51
C4 NAG J . -20.13 -0.86 29.78
C5 NAG J . -21.00 -1.07 28.56
C6 NAG J . -22.24 -0.28 28.56
C7 NAG J . -15.78 -1.64 27.36
C8 NAG J . -15.02 -0.56 28.04
N2 NAG J . -17.07 -1.95 27.63
O1 NAG J . -18.97 -1.19 25.77
O3 NAG J . -18.11 -1.17 30.66
O4 NAG J . -20.76 -1.38 30.90
O5 NAG J . -20.35 -0.57 27.44
O6 NAG J . -22.32 0.06 27.21
O7 NAG J . -15.19 -2.28 26.56
#